data_9MEA
#
_entry.id   9MEA
#
_cell.length_a   87.527
_cell.length_b   87.527
_cell.length_c   475.639
_cell.angle_alpha   90.00
_cell.angle_beta   90.00
_cell.angle_gamma   90.00
#
_symmetry.space_group_name_H-M   'P 43 21 2'
#
loop_
_entity.id
_entity.type
_entity.pdbx_description
1 polymer 'Pyrophosphate--fructose 6-phosphate 1-phosphotransferase 1'
2 non-polymer 1,6-di-O-phosphono-beta-D-fructofuranose
3 non-polymer 'PHOSPHATE ION'
4 non-polymer 'ADENOSINE MONOPHOSPHATE'
5 water water
#
_entity_poly.entity_id   1
_entity_poly.type   'polypeptide(L)'
_entity_poly.pdbx_seq_one_letter_code
;MAHHHHHHMSTEAPVLGILCGGGPAPGLNGVIAGATLYALRLGWKVIGFMEGFKYLCTGDVDVVKAHTIDLTYDIVSRIH
FQGGTIIQTSRANPRKSPELQENVRKCLRALKVRYFLTIGGDDTASSAVSVASGMNGNEISVISCPKTIDNDLPLPADQS
TFGFHTARSLGMEIIRNLMVDSKSAPRWFLVEAMGRSAGHLALGMAEASGAHLCLIPEEFKQDEIEFEDVVELVEATILK
RLAYGKNYGVCVLAEGLVSKMSKKALYKLFGNREPPTDPHGHILLDDAELARSLSEELLKRLGNLGIRITPKKIGYELRC
ADPVAFDAVYTRELGYGAIDAFLNGHSAALIVRENGQVKPVQFKDLLDPATGRVRTRLVDVTSQSFKVARVYMWRMSKKD
YENKDLVARVAAAGKMTPEAFTEKFAHLTDVVVE
;
_entity_poly.pdbx_strand_id   A,B,C,D
#
loop_
_chem_comp.id
_chem_comp.type
_chem_comp.name
_chem_comp.formula
AMP non-polymer 'ADENOSINE MONOPHOSPHATE' 'C10 H14 N5 O7 P'
FBP D-saccharide, beta linking 1,6-di-O-phosphono-beta-D-fructofuranose 'C6 H14 O12 P2'
PO4 non-polymer 'PHOSPHATE ION' 'O4 P -3'
#
# COMPACT_ATOMS: atom_id res chain seq x y z
N ALA A 13 -43.11 -6.28 7.52
CA ALA A 13 -42.15 -6.17 6.42
C ALA A 13 -41.44 -7.49 6.17
N PRO A 14 -41.09 -7.75 4.92
CA PRO A 14 -40.38 -9.00 4.60
C PRO A 14 -39.00 -9.05 5.23
N VAL A 15 -38.56 -10.26 5.55
CA VAL A 15 -37.31 -10.50 6.27
C VAL A 15 -36.30 -11.10 5.31
N LEU A 16 -35.16 -10.44 5.17
CA LEU A 16 -34.03 -10.95 4.42
C LEU A 16 -32.97 -11.42 5.41
N GLY A 17 -32.53 -12.67 5.29
CA GLY A 17 -31.49 -13.22 6.14
C GLY A 17 -30.26 -13.53 5.28
N ILE A 18 -29.09 -13.13 5.79
CA ILE A 18 -27.84 -13.21 5.04
C ILE A 18 -26.83 -13.99 5.86
N LEU A 19 -26.12 -14.92 5.22
CA LEU A 19 -25.04 -15.63 5.87
C LEU A 19 -23.90 -15.81 4.88
N CYS A 20 -22.71 -16.07 5.43
CA CYS A 20 -21.51 -16.32 4.63
C CYS A 20 -21.03 -17.74 4.91
N GLY A 21 -20.60 -18.43 3.86
CA GLY A 21 -20.04 -19.76 4.01
C GLY A 21 -18.73 -19.91 3.26
N GLY A 22 -17.94 -20.87 3.72
CA GLY A 22 -16.65 -21.14 3.11
C GLY A 22 -15.54 -20.28 3.71
N GLY A 23 -14.44 -20.23 2.99
CA GLY A 23 -13.33 -19.40 3.39
C GLY A 23 -13.60 -17.95 3.05
N PRO A 24 -13.11 -17.03 3.86
CA PRO A 24 -13.37 -15.61 3.58
C PRO A 24 -12.67 -15.16 2.30
N ALA A 25 -13.30 -14.20 1.63
CA ALA A 25 -12.72 -13.56 0.45
C ALA A 25 -12.99 -12.05 0.50
N PRO A 26 -12.06 -11.24 0.00
CA PRO A 26 -12.26 -9.78 0.03
C PRO A 26 -13.49 -9.40 -0.77
N GLY A 27 -14.34 -8.57 -0.16
CA GLY A 27 -15.57 -8.14 -0.78
C GLY A 27 -16.82 -8.79 -0.23
N LEU A 28 -16.70 -9.72 0.71
CA LEU A 28 -17.89 -10.25 1.37
C LEU A 28 -18.72 -9.12 1.95
N ASN A 29 -18.08 -8.21 2.69
CA ASN A 29 -18.79 -7.05 3.24
C ASN A 29 -19.40 -6.20 2.14
N GLY A 30 -18.79 -6.19 0.95
CA GLY A 30 -19.39 -5.46 -0.16
C GLY A 30 -20.74 -6.02 -0.56
N VAL A 31 -20.83 -7.35 -0.63
CA VAL A 31 -22.11 -7.99 -0.93
C VAL A 31 -23.12 -7.72 0.17
N ILE A 32 -22.70 -7.85 1.44
CA ILE A 32 -23.61 -7.63 2.55
C ILE A 32 -24.14 -6.21 2.53
N ALA A 33 -23.27 -5.24 2.26
CA ALA A 33 -23.69 -3.84 2.24
C ALA A 33 -24.54 -3.53 1.02
N GLY A 34 -24.19 -4.10 -0.13
CA GLY A 34 -24.98 -3.85 -1.34
C GLY A 34 -26.39 -4.37 -1.20
N ALA A 35 -26.54 -5.60 -0.72
CA ALA A 35 -27.86 -6.18 -0.53
C ALA A 35 -28.62 -5.47 0.58
N THR A 36 -27.95 -5.18 1.70
CA THR A 36 -28.65 -4.66 2.86
C THR A 36 -29.13 -3.23 2.63
N LEU A 37 -28.26 -2.37 2.09
CA LEU A 37 -28.65 -0.97 1.90
C LEU A 37 -29.86 -0.86 0.98
N TYR A 38 -29.82 -1.55 -0.16
CA TYR A 38 -30.95 -1.55 -1.08
C TYR A 38 -32.19 -2.15 -0.42
N ALA A 39 -32.00 -3.23 0.33
CA ALA A 39 -33.14 -3.85 1.02
C ALA A 39 -33.77 -2.88 2.02
N LEU A 40 -32.94 -2.08 2.70
CA LEU A 40 -33.47 -1.11 3.65
C LEU A 40 -34.24 0.00 2.96
N ARG A 41 -33.81 0.40 1.75
CA ARG A 41 -34.56 1.41 1.00
C ARG A 41 -35.93 0.89 0.56
N LEU A 42 -36.09 -0.43 0.44
CA LEU A 42 -37.36 -1.05 0.13
C LEU A 42 -38.21 -1.29 1.37
N GLY A 43 -37.72 -0.96 2.56
CA GLY A 43 -38.43 -1.19 3.79
C GLY A 43 -38.25 -2.56 4.39
N TRP A 44 -37.39 -3.40 3.82
CA TRP A 44 -37.21 -4.74 4.35
C TRP A 44 -36.45 -4.72 5.67
N LYS A 45 -36.69 -5.76 6.46
CA LYS A 45 -35.91 -6.04 7.66
C LYS A 45 -34.80 -7.02 7.26
N VAL A 46 -33.58 -6.71 7.66
CA VAL A 46 -32.42 -7.51 7.27
C VAL A 46 -31.74 -8.04 8.53
N ILE A 47 -31.43 -9.34 8.53
CA ILE A 47 -30.72 -9.99 9.62
C ILE A 47 -29.57 -10.79 9.04
N GLY A 48 -28.57 -11.04 9.87
CA GLY A 48 -27.42 -11.80 9.45
C GLY A 48 -27.07 -12.94 10.37
N PHE A 49 -26.94 -14.14 9.80
CA PHE A 49 -26.57 -15.32 10.58
C PHE A 49 -25.05 -15.37 10.75
N MET A 50 -24.61 -15.48 12.01
CA MET A 50 -23.20 -15.58 12.31
C MET A 50 -22.68 -16.97 12.00
N GLU A 51 -21.49 -17.04 11.40
CA GLU A 51 -20.80 -18.30 11.13
C GLU A 51 -21.59 -19.22 10.20
N GLY A 52 -22.17 -18.64 9.16
CA GLY A 52 -22.78 -19.47 8.12
C GLY A 52 -23.88 -20.36 8.65
N PHE A 53 -23.81 -21.64 8.28
CA PHE A 53 -24.82 -22.63 8.62
C PHE A 53 -24.58 -23.32 9.96
N LYS A 54 -23.53 -22.95 10.70
CA LYS A 54 -23.14 -23.71 11.88
C LYS A 54 -24.28 -23.83 12.88
N TYR A 55 -24.98 -22.73 13.16
CA TYR A 55 -26.06 -22.76 14.14
C TYR A 55 -27.39 -23.14 13.53
N LEU A 56 -27.61 -22.82 12.25
CA LEU A 56 -28.81 -23.29 11.56
C LEU A 56 -28.83 -24.80 11.42
N CYS A 57 -27.67 -25.45 11.45
CA CYS A 57 -27.60 -26.91 11.36
C CYS A 57 -28.00 -27.60 12.65
N THR A 58 -27.90 -26.92 13.79
CA THR A 58 -28.21 -27.56 15.07
C THR A 58 -29.68 -27.95 15.13
N GLY A 59 -30.55 -27.14 14.53
CA GLY A 59 -31.97 -27.33 14.69
C GLY A 59 -32.52 -26.70 15.94
N ASP A 60 -31.65 -26.22 16.82
CA ASP A 60 -32.08 -25.54 18.04
C ASP A 60 -32.30 -24.07 17.68
N VAL A 61 -33.57 -23.65 17.67
CA VAL A 61 -33.89 -22.28 17.30
C VAL A 61 -33.37 -21.31 18.35
N ASP A 62 -33.27 -21.75 19.61
CA ASP A 62 -32.75 -20.89 20.66
C ASP A 62 -31.30 -20.50 20.39
N VAL A 63 -30.49 -21.46 19.95
CA VAL A 63 -29.08 -21.19 19.69
C VAL A 63 -28.93 -20.27 18.49
N VAL A 64 -29.72 -20.49 17.45
CA VAL A 64 -29.63 -19.66 16.24
C VAL A 64 -29.90 -18.20 16.58
N LYS A 65 -30.89 -17.94 17.43
CA LYS A 65 -31.25 -16.57 17.79
C LYS A 65 -30.08 -15.87 18.50
N ALA A 66 -29.33 -16.62 19.31
CA ALA A 66 -28.15 -16.07 19.97
C ALA A 66 -27.01 -15.77 19.00
N HIS A 67 -27.12 -16.19 17.75
CA HIS A 67 -26.08 -15.98 16.76
C HIS A 67 -26.67 -15.40 15.49
N THR A 68 -27.58 -14.44 15.62
CA THR A 68 -28.01 -13.59 14.52
C THR A 68 -27.98 -12.15 14.99
N ILE A 69 -27.70 -11.23 14.07
CA ILE A 69 -27.66 -9.80 14.38
C ILE A 69 -28.52 -9.04 13.38
N ASP A 70 -29.01 -7.88 13.79
CA ASP A 70 -29.82 -7.03 12.92
C ASP A 70 -28.89 -6.18 12.07
N LEU A 71 -28.96 -6.36 10.74
CA LEU A 71 -28.10 -5.63 9.80
C LEU A 71 -28.74 -4.27 9.51
N THR A 72 -28.18 -3.23 10.13
CA THR A 72 -28.71 -1.88 10.06
C THR A 72 -27.85 -1.00 9.15
N TYR A 73 -28.40 0.18 8.82
CA TYR A 73 -27.67 1.12 7.97
C TYR A 73 -26.35 1.52 8.61
N ASP A 74 -26.37 1.82 9.91
CA ASP A 74 -25.14 2.25 10.56
C ASP A 74 -24.10 1.15 10.56
N ILE A 75 -24.55 -0.11 10.60
CA ILE A 75 -23.63 -1.24 10.59
C ILE A 75 -22.94 -1.38 9.23
N VAL A 76 -23.67 -1.14 8.14
CA VAL A 76 -23.20 -1.51 6.80
C VAL A 76 -22.83 -0.31 5.91
N SER A 77 -23.01 0.92 6.38
CA SER A 77 -22.80 2.06 5.48
C SER A 77 -21.34 2.22 5.02
N ARG A 78 -20.37 1.62 5.73
CA ARG A 78 -18.98 1.83 5.36
C ARG A 78 -18.15 0.56 5.47
N ILE A 79 -18.79 -0.61 5.48
CA ILE A 79 -18.05 -1.87 5.49
C ILE A 79 -17.58 -2.27 4.10
N HIS A 80 -17.98 -1.55 3.06
CA HIS A 80 -17.46 -1.85 1.73
C HIS A 80 -15.97 -1.54 1.61
N PHE A 81 -15.40 -0.80 2.56
CA PHE A 81 -13.96 -0.58 2.60
C PHE A 81 -13.20 -1.74 3.22
N GLN A 82 -13.89 -2.67 3.86
CA GLN A 82 -13.27 -3.58 4.81
C GLN A 82 -13.19 -5.00 4.27
N GLY A 83 -12.04 -5.62 4.47
CA GLY A 83 -11.90 -7.04 4.23
C GLY A 83 -12.56 -7.86 5.33
N GLY A 84 -12.71 -9.16 5.06
CA GLY A 84 -13.38 -10.01 6.00
C GLY A 84 -14.90 -9.84 5.96
N THR A 85 -15.55 -10.46 6.94
CA THR A 85 -17.01 -10.46 7.03
C THR A 85 -17.44 -10.19 8.47
N ILE A 86 -18.36 -9.24 8.63
CA ILE A 86 -18.83 -8.86 9.95
C ILE A 86 -19.76 -9.90 10.56
N ILE A 87 -20.37 -10.76 9.75
CA ILE A 87 -21.17 -11.85 10.28
C ILE A 87 -20.39 -13.17 10.27
N GLN A 88 -19.07 -13.11 10.08
CA GLN A 88 -18.20 -14.27 10.14
C GLN A 88 -18.61 -15.33 9.11
N THR A 89 -17.93 -16.47 9.14
CA THR A 89 -18.22 -17.54 8.19
C THR A 89 -17.83 -18.88 8.78
N SER A 90 -18.34 -19.94 8.17
CA SER A 90 -18.04 -21.31 8.58
C SER A 90 -18.25 -22.24 7.38
N ARG A 91 -17.69 -23.44 7.49
CA ARG A 91 -17.89 -24.48 6.49
C ARG A 91 -18.94 -25.51 6.92
N ALA A 92 -19.70 -25.22 7.97
CA ALA A 92 -20.82 -26.07 8.35
C ALA A 92 -21.68 -26.34 7.12
N ASN A 93 -22.03 -27.61 6.91
CA ASN A 93 -22.58 -28.07 5.65
C ASN A 93 -23.82 -28.93 5.86
N PRO A 94 -25.01 -28.37 5.62
CA PRO A 94 -26.23 -29.16 5.86
C PRO A 94 -26.57 -30.18 4.80
N ARG A 95 -25.93 -30.15 3.64
CA ARG A 95 -26.31 -31.05 2.56
C ARG A 95 -25.95 -32.51 2.84
N LYS A 96 -25.03 -32.77 3.77
CA LYS A 96 -24.59 -34.14 4.01
C LYS A 96 -25.69 -35.01 4.61
N SER A 97 -26.58 -34.44 5.41
CA SER A 97 -27.60 -35.20 6.12
C SER A 97 -28.97 -34.62 5.85
N PRO A 98 -29.98 -35.44 5.55
CA PRO A 98 -31.35 -34.89 5.47
C PRO A 98 -31.86 -34.39 6.81
N GLU A 99 -31.36 -34.95 7.92
CA GLU A 99 -31.72 -34.42 9.23
C GLU A 99 -31.25 -32.98 9.40
N LEU A 100 -30.03 -32.67 8.93
CA LEU A 100 -29.52 -31.31 9.05
C LEU A 100 -30.26 -30.38 8.09
N GLN A 101 -30.64 -30.88 6.91
CA GLN A 101 -31.37 -30.06 5.96
C GLN A 101 -32.69 -29.61 6.54
N GLU A 102 -33.41 -30.51 7.21
CA GLU A 102 -34.67 -30.13 7.84
C GLU A 102 -34.44 -29.18 9.01
N ASN A 103 -33.32 -29.31 9.70
CA ASN A 103 -33.00 -28.38 10.78
C ASN A 103 -32.84 -26.96 10.26
N VAL A 104 -32.15 -26.80 9.12
CA VAL A 104 -31.97 -25.46 8.56
C VAL A 104 -33.31 -24.86 8.16
N ARG A 105 -34.17 -25.65 7.55
CA ARG A 105 -35.52 -25.18 7.21
C ARG A 105 -36.33 -24.87 8.45
N LYS A 106 -36.17 -25.67 9.52
CA LYS A 106 -36.94 -25.42 10.73
C LYS A 106 -36.58 -24.08 11.35
N CYS A 107 -35.30 -23.73 11.37
CA CYS A 107 -34.88 -22.47 11.96
C CYS A 107 -35.25 -21.28 11.07
N LEU A 108 -35.15 -21.45 9.75
CA LEU A 108 -35.53 -20.37 8.84
C LEU A 108 -37.03 -20.07 8.92
N ARG A 109 -37.85 -21.11 9.00
CA ARG A 109 -39.29 -20.89 9.15
C ARG A 109 -39.59 -20.22 10.48
N ALA A 110 -38.87 -20.62 11.53
CA ALA A 110 -39.09 -20.03 12.85
C ALA A 110 -38.82 -18.54 12.84
N LEU A 111 -37.76 -18.12 12.16
CA LEU A 111 -37.42 -16.70 12.07
C LEU A 111 -38.18 -15.97 10.97
N LYS A 112 -39.04 -16.66 10.23
CA LYS A 112 -39.90 -16.02 9.23
C LYS A 112 -39.06 -15.26 8.21
N VAL A 113 -38.01 -15.94 7.76
CA VAL A 113 -37.14 -15.35 6.71
C VAL A 113 -37.87 -15.52 5.38
N ARG A 114 -38.20 -14.42 4.71
CA ARG A 114 -38.83 -14.49 3.38
C ARG A 114 -37.80 -14.64 2.26
N TYR A 115 -36.65 -13.97 2.40
CA TYR A 115 -35.58 -14.04 1.41
C TYR A 115 -34.30 -14.52 2.10
N PHE A 116 -33.59 -15.46 1.47
CA PHE A 116 -32.43 -16.09 2.08
C PHE A 116 -31.27 -15.98 1.10
N LEU A 117 -30.27 -15.18 1.46
CA LEU A 117 -29.11 -14.93 0.60
C LEU A 117 -27.91 -15.58 1.26
N THR A 118 -27.26 -16.49 0.53
CA THR A 118 -26.03 -17.14 0.99
C THR A 118 -24.89 -16.63 0.12
N ILE A 119 -23.80 -16.25 0.76
CA ILE A 119 -22.62 -15.74 0.06
C ILE A 119 -21.52 -16.76 0.30
N GLY A 120 -21.10 -17.43 -0.77
CA GLY A 120 -20.09 -18.47 -0.60
C GLY A 120 -19.69 -19.06 -1.93
N GLY A 121 -18.83 -20.08 -1.84
CA GLY A 121 -18.30 -20.77 -3.00
C GLY A 121 -19.16 -21.92 -3.45
N ASP A 122 -18.54 -22.86 -4.16
CA ASP A 122 -19.28 -23.98 -4.70
C ASP A 122 -19.90 -24.83 -3.60
N ASP A 123 -19.15 -25.10 -2.53
CA ASP A 123 -19.70 -25.89 -1.43
C ASP A 123 -20.90 -25.20 -0.80
N THR A 124 -20.84 -23.88 -0.64
CA THR A 124 -21.95 -23.14 -0.05
C THR A 124 -23.18 -23.19 -0.93
N ALA A 125 -23.00 -23.03 -2.24
CA ALA A 125 -24.15 -23.03 -3.14
C ALA A 125 -24.88 -24.36 -3.12
N SER A 126 -24.14 -25.47 -3.14
CA SER A 126 -24.76 -26.79 -3.11
C SER A 126 -25.54 -27.00 -1.83
N SER A 127 -25.04 -26.45 -0.72
CA SER A 127 -25.77 -26.52 0.54
C SER A 127 -27.09 -25.77 0.43
N ALA A 128 -27.08 -24.62 -0.25
CA ALA A 128 -28.28 -23.79 -0.32
C ALA A 128 -29.42 -24.51 -1.04
N VAL A 129 -29.12 -25.20 -2.14
CA VAL A 129 -30.16 -25.81 -2.95
C VAL A 129 -30.90 -26.89 -2.17
N SER A 130 -30.16 -27.67 -1.37
CA SER A 130 -30.78 -28.74 -0.59
C SER A 130 -31.85 -28.17 0.34
N VAL A 131 -31.56 -27.04 0.96
CA VAL A 131 -32.54 -26.37 1.80
C VAL A 131 -33.70 -25.83 0.97
N ALA A 132 -33.45 -25.53 -0.31
CA ALA A 132 -34.42 -24.85 -1.15
C ALA A 132 -35.45 -25.79 -1.77
N SER A 133 -35.11 -27.06 -1.97
CA SER A 133 -35.98 -27.95 -2.74
C SER A 133 -37.38 -28.05 -2.16
N GLY A 134 -37.53 -27.85 -0.85
CA GLY A 134 -38.84 -27.88 -0.24
C GLY A 134 -39.42 -26.49 -0.05
N GLU A 139 -42.82 -19.36 -0.63
CA GLU A 139 -42.66 -19.41 0.81
C GLU A 139 -41.36 -18.69 1.18
N ILE A 140 -40.25 -19.37 0.87
CA ILE A 140 -38.88 -18.83 1.12
C ILE A 140 -38.08 -18.97 -0.17
N SER A 141 -37.24 -17.98 -0.52
CA SER A 141 -36.46 -17.96 -1.75
C SER A 141 -34.99 -17.98 -1.42
N VAL A 142 -34.24 -18.78 -2.17
CA VAL A 142 -32.84 -19.03 -1.89
C VAL A 142 -32.01 -18.53 -3.07
N ILE A 143 -31.09 -17.62 -2.81
CA ILE A 143 -30.19 -17.07 -3.80
C ILE A 143 -28.79 -17.10 -3.22
N SER A 144 -27.78 -17.33 -4.08
CA SER A 144 -26.40 -17.37 -3.64
C SER A 144 -25.55 -16.46 -4.54
N CYS A 145 -24.52 -15.85 -3.93
CA CYS A 145 -23.57 -14.96 -4.56
C CYS A 145 -22.22 -15.65 -4.69
N PRO A 146 -21.58 -15.61 -5.85
CA PRO A 146 -20.36 -16.41 -6.04
C PRO A 146 -19.17 -15.77 -5.34
N LYS A 147 -18.55 -16.51 -4.42
CA LYS A 147 -17.40 -16.04 -3.67
C LYS A 147 -16.33 -17.11 -3.74
N THR A 148 -15.12 -16.73 -4.12
CA THR A 148 -13.97 -17.60 -3.92
C THR A 148 -12.70 -16.85 -4.33
N ILE A 149 -11.61 -17.00 -3.59
CA ILE A 149 -10.34 -16.48 -4.11
C ILE A 149 -9.71 -17.45 -5.09
N ASP A 150 -10.23 -18.68 -5.20
CA ASP A 150 -9.70 -19.68 -6.13
C ASP A 150 -10.32 -19.58 -7.53
N ASN A 151 -11.36 -18.75 -7.70
CA ASN A 151 -11.93 -18.50 -9.02
C ASN A 151 -12.48 -19.77 -9.66
N ASP A 152 -12.90 -20.75 -8.84
CA ASP A 152 -13.26 -22.06 -9.33
C ASP A 152 -14.77 -22.27 -9.48
N LEU A 153 -15.59 -21.22 -9.36
CA LEU A 153 -17.00 -21.36 -9.67
C LEU A 153 -17.21 -21.29 -11.19
N PRO A 154 -18.31 -21.90 -11.69
CA PRO A 154 -18.52 -21.96 -13.16
C PRO A 154 -19.16 -20.70 -13.72
N LEU A 155 -18.50 -19.56 -13.50
CA LEU A 155 -18.90 -18.31 -14.13
C LEU A 155 -18.45 -18.27 -15.58
N PRO A 156 -19.01 -17.35 -16.39
CA PRO A 156 -18.53 -17.21 -17.77
C PRO A 156 -17.04 -16.95 -17.80
N ALA A 157 -16.39 -17.45 -18.85
CA ALA A 157 -14.92 -17.47 -18.88
C ALA A 157 -14.34 -16.08 -18.69
N ASP A 158 -14.95 -15.05 -19.29
CA ASP A 158 -14.45 -13.69 -19.17
C ASP A 158 -14.97 -13.01 -17.91
N GLN A 159 -15.28 -13.78 -16.87
CA GLN A 159 -15.84 -13.25 -15.63
C GLN A 159 -15.19 -13.96 -14.46
N SER A 160 -14.76 -13.20 -13.47
CA SER A 160 -14.08 -13.73 -12.29
C SER A 160 -15.04 -13.78 -11.11
N THR A 161 -14.73 -14.65 -10.16
CA THR A 161 -15.41 -14.63 -8.87
C THR A 161 -14.83 -13.51 -8.01
N PHE A 162 -15.67 -12.91 -7.16
CA PHE A 162 -15.24 -11.76 -6.38
C PHE A 162 -14.27 -12.21 -5.29
N GLY A 163 -13.27 -11.36 -5.03
CA GLY A 163 -12.16 -11.68 -4.17
C GLY A 163 -10.92 -12.13 -4.92
N PHE A 164 -11.06 -12.60 -6.16
CA PHE A 164 -9.92 -13.06 -6.92
C PHE A 164 -8.99 -11.91 -7.31
N HIS A 165 -9.55 -10.78 -7.72
CA HIS A 165 -8.69 -9.66 -8.10
C HIS A 165 -7.87 -9.17 -6.91
N THR A 166 -8.50 -9.07 -5.74
CA THR A 166 -7.79 -8.63 -4.56
C THR A 166 -6.71 -9.61 -4.15
N ALA A 167 -7.06 -10.90 -4.13
CA ALA A 167 -6.10 -11.93 -3.77
C ALA A 167 -4.92 -11.95 -4.73
N ARG A 168 -5.20 -11.85 -6.04
CA ARG A 168 -4.11 -11.90 -7.01
C ARG A 168 -3.21 -10.69 -6.90
N SER A 169 -3.78 -9.50 -6.70
CA SER A 169 -2.97 -8.30 -6.69
C SER A 169 -2.07 -8.26 -5.46
N LEU A 170 -2.61 -8.64 -4.30
CA LEU A 170 -1.78 -8.73 -3.09
C LEU A 170 -0.73 -9.83 -3.21
N GLY A 171 -1.10 -10.95 -3.84
CA GLY A 171 -0.10 -11.99 -4.06
C GLY A 171 1.04 -11.52 -4.95
N MET A 172 0.71 -10.71 -5.96
CA MET A 172 1.74 -10.13 -6.81
C MET A 172 2.68 -9.26 -6.00
N GLU A 173 2.13 -8.46 -5.08
CA GLU A 173 2.95 -7.55 -4.31
C GLU A 173 3.91 -8.32 -3.41
N ILE A 174 3.44 -9.38 -2.77
CA ILE A 174 4.29 -10.20 -1.92
C ILE A 174 5.39 -10.84 -2.75
N ILE A 175 5.03 -11.41 -3.90
CA ILE A 175 6.01 -12.08 -4.74
C ILE A 175 7.02 -11.09 -5.26
N ARG A 176 6.62 -9.85 -5.49
CA ARG A 176 7.60 -8.84 -5.90
C ARG A 176 8.69 -8.71 -4.84
N ASN A 177 8.32 -8.66 -3.56
CA ASN A 177 9.33 -8.54 -2.51
C ASN A 177 10.25 -9.75 -2.50
N LEU A 178 9.71 -10.94 -2.79
CA LEU A 178 10.56 -12.12 -2.88
C LEU A 178 11.44 -12.07 -4.12
N MET A 179 10.96 -11.45 -5.20
CA MET A 179 11.78 -11.32 -6.40
C MET A 179 12.97 -10.40 -6.16
N VAL A 180 12.75 -9.29 -5.47
CA VAL A 180 13.87 -8.41 -5.14
C VAL A 180 14.83 -9.12 -4.20
N ASP A 181 14.30 -9.87 -3.24
CA ASP A 181 15.18 -10.54 -2.29
C ASP A 181 15.97 -11.66 -2.97
N SER A 182 15.35 -12.40 -3.88
CA SER A 182 16.04 -13.50 -4.54
C SER A 182 17.19 -13.01 -5.41
N LYS A 183 17.07 -11.85 -6.03
CA LYS A 183 18.15 -11.31 -6.85
C LYS A 183 19.19 -10.60 -6.00
N SER A 184 18.75 -9.85 -4.98
CA SER A 184 19.68 -9.13 -4.14
C SER A 184 20.57 -10.06 -3.34
N ALA A 185 20.00 -11.16 -2.84
CA ALA A 185 20.73 -12.20 -2.10
C ALA A 185 20.42 -13.50 -2.82
N PRO A 186 21.19 -13.83 -3.87
CA PRO A 186 20.81 -14.94 -4.76
C PRO A 186 20.23 -16.15 -4.06
N ARG A 187 19.00 -16.52 -4.46
CA ARG A 187 18.26 -17.61 -3.86
C ARG A 187 17.08 -17.92 -4.77
N TRP A 188 16.57 -19.13 -4.64
CA TRP A 188 15.31 -19.52 -5.26
C TRP A 188 14.26 -19.66 -4.16
N PHE A 189 13.09 -19.05 -4.36
CA PHE A 189 11.95 -19.22 -3.48
C PHE A 189 10.96 -20.16 -4.16
N LEU A 190 10.51 -21.18 -3.44
CA LEU A 190 9.37 -22.00 -3.88
C LEU A 190 8.13 -21.51 -3.15
N VAL A 191 7.34 -20.68 -3.82
CA VAL A 191 6.09 -20.19 -3.24
C VAL A 191 5.01 -21.25 -3.42
N GLU A 192 4.30 -21.57 -2.36
CA GLU A 192 3.18 -22.50 -2.42
C GLU A 192 1.90 -21.66 -2.34
N ALA A 193 1.19 -21.57 -3.47
CA ALA A 193 -0.03 -20.79 -3.55
C ALA A 193 -1.23 -21.59 -3.04
N MET A 194 -1.96 -21.01 -2.10
CA MET A 194 -3.08 -21.71 -1.47
C MET A 194 -4.17 -21.99 -2.49
N GLY A 195 -4.90 -23.08 -2.24
CA GLY A 195 -6.01 -23.46 -3.09
C GLY A 195 -5.72 -24.72 -3.86
N ARG A 196 -6.51 -25.78 -3.64
CA ARG A 196 -6.27 -27.05 -4.31
C ARG A 196 -7.27 -27.33 -5.43
N SER A 197 -8.31 -26.53 -5.57
CA SER A 197 -9.32 -26.80 -6.59
C SER A 197 -8.77 -26.54 -7.99
N ALA A 198 -8.06 -25.43 -8.18
CA ALA A 198 -7.64 -25.01 -9.51
C ALA A 198 -6.37 -24.19 -9.39
N GLY A 199 -5.85 -23.76 -10.54
CA GLY A 199 -4.63 -22.99 -10.58
C GLY A 199 -4.80 -21.54 -10.96
N HIS A 200 -6.03 -21.03 -10.88
CA HIS A 200 -6.27 -19.64 -11.26
C HIS A 200 -5.44 -18.69 -10.42
N LEU A 201 -5.42 -18.91 -9.10
CA LEU A 201 -4.71 -17.99 -8.22
C LEU A 201 -3.19 -18.13 -8.37
N ALA A 202 -2.69 -19.37 -8.45
CA ALA A 202 -1.25 -19.55 -8.60
C ALA A 202 -0.76 -18.95 -9.91
N LEU A 203 -1.43 -19.26 -11.00
CA LEU A 203 -1.03 -18.72 -12.29
C LEU A 203 -1.22 -17.21 -12.32
N GLY A 204 -2.25 -16.69 -11.66
CA GLY A 204 -2.47 -15.25 -11.65
C GLY A 204 -1.34 -14.50 -10.98
N MET A 205 -0.95 -14.92 -9.78
CA MET A 205 0.17 -14.27 -9.10
C MET A 205 1.44 -14.40 -9.93
N ALA A 206 1.70 -15.59 -10.47
CA ALA A 206 2.96 -15.81 -11.17
C ALA A 206 3.05 -14.94 -12.42
N GLU A 207 1.99 -14.92 -13.24
CA GLU A 207 2.03 -14.16 -14.49
C GLU A 207 2.19 -12.67 -14.22
N ALA A 208 1.43 -12.14 -13.26
CA ALA A 208 1.49 -10.70 -12.96
C ALA A 208 2.86 -10.31 -12.44
N SER A 209 3.45 -11.16 -11.60
CA SER A 209 4.71 -10.85 -10.94
C SER A 209 5.92 -11.24 -11.77
N GLY A 210 5.72 -11.86 -12.94
CA GLY A 210 6.86 -12.28 -13.72
C GLY A 210 7.64 -13.41 -13.09
N ALA A 211 6.99 -14.24 -12.29
CA ALA A 211 7.67 -15.39 -11.70
C ALA A 211 8.18 -16.32 -12.78
N HIS A 212 9.33 -16.94 -12.49
CA HIS A 212 10.06 -17.71 -13.49
C HIS A 212 9.44 -19.06 -13.79
N LEU A 213 8.52 -19.56 -12.97
CA LEU A 213 7.87 -20.82 -13.28
C LEU A 213 6.56 -20.90 -12.50
N CYS A 214 5.57 -21.52 -13.12
CA CYS A 214 4.32 -21.83 -12.45
C CYS A 214 3.86 -23.22 -12.83
N LEU A 215 3.54 -24.04 -11.84
CA LEU A 215 3.02 -25.39 -12.04
C LEU A 215 1.63 -25.47 -11.45
N ILE A 216 0.66 -25.88 -12.27
CA ILE A 216 -0.71 -26.06 -11.81
C ILE A 216 -1.18 -27.47 -12.15
N PRO A 217 -2.12 -28.05 -11.40
CA PRO A 217 -2.58 -29.40 -11.76
C PRO A 217 -3.17 -29.47 -13.17
N GLU A 218 -3.69 -28.35 -13.67
CA GLU A 218 -4.38 -28.37 -14.95
C GLU A 218 -3.45 -28.67 -16.12
N GLU A 219 -2.14 -28.47 -15.96
CA GLU A 219 -1.23 -28.68 -17.07
C GLU A 219 -0.64 -30.09 -17.12
N PHE A 220 -0.95 -30.95 -16.15
CA PHE A 220 -0.44 -32.31 -16.17
C PHE A 220 -1.37 -33.21 -16.98
N LYS A 221 -0.79 -33.91 -17.96
CA LYS A 221 -1.58 -34.73 -18.88
C LYS A 221 -2.20 -35.93 -18.17
N GLN A 222 -1.39 -36.68 -17.43
CA GLN A 222 -1.85 -37.90 -16.79
C GLN A 222 -2.77 -37.54 -15.61
N ASP A 223 -3.57 -38.53 -15.21
CA ASP A 223 -4.52 -38.29 -14.13
C ASP A 223 -3.84 -38.16 -12.78
N GLU A 224 -2.68 -38.78 -12.61
CA GLU A 224 -1.97 -38.83 -11.34
C GLU A 224 -0.56 -38.29 -11.53
N ILE A 225 -0.18 -37.37 -10.66
CA ILE A 225 1.15 -36.75 -10.69
C ILE A 225 2.09 -37.57 -9.84
N GLU A 226 3.34 -37.68 -10.29
CA GLU A 226 4.38 -38.37 -9.53
C GLU A 226 5.31 -37.34 -8.91
N PHE A 227 5.74 -37.62 -7.66
CA PHE A 227 6.59 -36.67 -6.93
C PHE A 227 7.87 -36.39 -7.70
N GLU A 228 8.48 -37.41 -8.31
CA GLU A 228 9.71 -37.19 -9.06
C GLU A 228 9.51 -36.21 -10.20
N ASP A 229 8.39 -36.32 -10.92
CA ASP A 229 8.16 -35.42 -12.05
C ASP A 229 8.12 -33.98 -11.59
N VAL A 230 7.45 -33.71 -10.47
CA VAL A 230 7.36 -32.35 -9.95
C VAL A 230 8.75 -31.84 -9.58
N VAL A 231 9.55 -32.67 -8.90
CA VAL A 231 10.90 -32.25 -8.54
C VAL A 231 11.69 -31.89 -9.80
N GLU A 232 11.61 -32.74 -10.82
CA GLU A 232 12.41 -32.54 -12.02
C GLU A 232 11.95 -31.34 -12.83
N LEU A 233 10.65 -31.02 -12.81
CA LEU A 233 10.17 -29.84 -13.52
C LEU A 233 10.79 -28.58 -12.93
N VAL A 234 10.85 -28.49 -11.60
CA VAL A 234 11.50 -27.36 -10.96
C VAL A 234 13.01 -27.40 -11.20
N GLU A 235 13.59 -28.61 -11.20
CA GLU A 235 15.02 -28.75 -11.42
C GLU A 235 15.43 -28.26 -12.81
N ALA A 236 14.65 -28.62 -13.84
CA ALA A 236 14.99 -28.20 -15.19
C ALA A 236 14.98 -26.68 -15.32
N THR A 237 14.01 -26.02 -14.70
CA THR A 237 13.97 -24.56 -14.75
C THR A 237 15.19 -23.96 -14.07
N ILE A 238 15.54 -24.49 -12.88
CA ILE A 238 16.68 -23.93 -12.15
C ILE A 238 17.97 -24.09 -12.94
N LEU A 239 18.17 -25.25 -13.58
CA LEU A 239 19.38 -25.46 -14.35
C LEU A 239 19.43 -24.55 -15.58
N LYS A 240 18.31 -24.40 -16.29
CA LYS A 240 18.33 -23.56 -17.49
C LYS A 240 18.65 -22.11 -17.12
N ARG A 241 18.07 -21.62 -16.02
CA ARG A 241 18.44 -20.29 -15.54
C ARG A 241 19.93 -20.24 -15.21
N LEU A 242 20.45 -21.31 -14.60
CA LEU A 242 21.86 -21.35 -14.25
C LEU A 242 22.76 -21.32 -15.49
N ALA A 243 22.28 -21.89 -16.60
CA ALA A 243 23.07 -21.86 -17.84
C ALA A 243 23.13 -20.46 -18.44
N TYR A 244 22.21 -19.58 -18.05
CA TYR A 244 22.20 -18.20 -18.53
C TYR A 244 22.71 -17.22 -17.48
N GLY A 245 23.43 -17.70 -16.49
CA GLY A 245 24.04 -16.82 -15.51
C GLY A 245 23.17 -16.41 -14.35
N LYS A 246 22.05 -17.08 -14.12
CA LYS A 246 21.13 -16.73 -13.04
C LYS A 246 21.04 -17.92 -12.08
N ASN A 247 21.54 -17.73 -10.85
CA ASN A 247 21.44 -18.73 -9.80
C ASN A 247 20.36 -18.38 -8.78
N TYR A 248 19.29 -17.74 -9.21
CA TYR A 248 18.21 -17.30 -8.34
C TYR A 248 16.92 -17.24 -9.15
N GLY A 249 15.80 -17.18 -8.43
CA GLY A 249 14.51 -17.09 -9.10
C GLY A 249 13.38 -17.31 -8.12
N VAL A 250 12.17 -17.32 -8.68
CA VAL A 250 10.96 -17.63 -7.91
C VAL A 250 10.10 -18.60 -8.70
N CYS A 251 9.65 -19.66 -8.04
CA CYS A 251 8.77 -20.66 -8.64
C CYS A 251 7.50 -20.75 -7.82
N VAL A 252 6.36 -20.64 -8.50
CA VAL A 252 5.05 -20.69 -7.85
C VAL A 252 4.42 -22.05 -8.09
N LEU A 253 3.93 -22.68 -7.03
CA LEU A 253 3.34 -24.00 -7.09
C LEU A 253 1.92 -23.95 -6.55
N ALA A 254 0.95 -24.34 -7.36
CA ALA A 254 -0.41 -24.52 -6.86
C ALA A 254 -0.44 -25.66 -5.85
N GLU A 255 -1.08 -25.43 -4.70
CA GLU A 255 -1.19 -26.51 -3.71
C GLU A 255 -1.99 -27.67 -4.27
N GLY A 256 -2.80 -27.43 -5.31
CA GLY A 256 -3.60 -28.48 -5.91
C GLY A 256 -2.81 -29.60 -6.53
N LEU A 257 -1.50 -29.40 -6.74
CA LEU A 257 -0.66 -30.49 -7.20
C LEU A 257 -0.75 -31.68 -6.26
N VAL A 258 -0.87 -31.42 -4.96
CA VAL A 258 -0.93 -32.49 -3.97
C VAL A 258 -2.17 -33.35 -4.16
N SER A 259 -3.29 -32.74 -4.54
CA SER A 259 -4.52 -33.48 -4.71
C SER A 259 -4.55 -34.31 -5.99
N LYS A 260 -3.58 -34.14 -6.89
CA LYS A 260 -3.47 -34.99 -8.06
C LYS A 260 -2.43 -36.10 -7.89
N MET A 261 -1.71 -36.12 -6.78
CA MET A 261 -0.60 -37.06 -6.63
C MET A 261 -1.10 -38.47 -6.41
N SER A 262 -0.37 -39.43 -6.96
CA SER A 262 -0.67 -40.84 -6.79
C SER A 262 -0.44 -41.26 -5.34
N LYS A 263 -0.80 -42.50 -5.04
CA LYS A 263 -0.55 -43.01 -3.69
C LYS A 263 0.94 -43.02 -3.39
N LYS A 264 1.75 -43.45 -4.36
CA LYS A 264 3.20 -43.44 -4.16
C LYS A 264 3.74 -42.03 -3.96
N ALA A 265 3.25 -41.07 -4.74
CA ALA A 265 3.75 -39.70 -4.62
C ALA A 265 3.46 -39.15 -3.24
N LEU A 266 2.27 -39.40 -2.69
CA LEU A 266 1.94 -38.91 -1.36
C LEU A 266 2.82 -39.54 -0.30
N TYR A 267 3.19 -40.81 -0.48
CA TYR A 267 4.08 -41.47 0.48
C TYR A 267 5.42 -40.75 0.57
N LYS A 268 6.01 -40.40 -0.58
CA LYS A 268 7.24 -39.65 -0.56
C LYS A 268 7.02 -38.23 -0.05
N LEU A 269 5.83 -37.67 -0.31
CA LEU A 269 5.58 -36.29 0.11
C LEU A 269 5.62 -36.16 1.61
N PHE A 270 5.04 -37.13 2.33
CA PHE A 270 4.97 -37.09 3.78
C PHE A 270 6.18 -37.72 4.47
N GLY A 271 7.33 -37.72 3.80
CA GLY A 271 8.54 -38.23 4.42
C GLY A 271 8.72 -39.72 4.32
N ASN A 272 8.25 -40.32 3.22
CA ASN A 272 8.27 -41.77 3.07
C ASN A 272 7.55 -42.44 4.22
N ARG A 273 6.51 -41.78 4.72
CA ARG A 273 5.63 -42.33 5.73
C ARG A 273 4.25 -42.57 5.11
N GLU A 274 3.42 -43.31 5.83
CA GLU A 274 2.02 -43.45 5.43
C GLU A 274 1.33 -42.10 5.58
N PRO A 275 0.61 -41.63 4.56
CA PRO A 275 -0.06 -40.33 4.66
C PRO A 275 -1.00 -40.29 5.84
N PRO A 276 -1.07 -39.17 6.57
CA PRO A 276 -2.04 -39.08 7.68
C PRO A 276 -3.46 -39.22 7.16
N THR A 277 -4.33 -39.70 8.02
CA THR A 277 -5.72 -39.96 7.65
C THR A 277 -6.64 -39.50 8.77
N ASP A 278 -7.88 -39.15 8.39
CA ASP A 278 -8.92 -38.78 9.33
C ASP A 278 -9.60 -40.06 9.81
N PRO A 279 -10.59 -39.98 10.70
CA PRO A 279 -11.27 -41.22 11.13
C PRO A 279 -11.91 -42.00 9.99
N HIS A 280 -12.39 -41.33 8.93
CA HIS A 280 -13.08 -42.03 7.86
C HIS A 280 -12.13 -42.68 6.84
N GLY A 281 -10.83 -42.41 6.93
CA GLY A 281 -9.89 -43.00 6.01
C GLY A 281 -9.41 -42.11 4.89
N HIS A 282 -9.91 -40.87 4.80
CA HIS A 282 -9.44 -39.92 3.80
C HIS A 282 -8.12 -39.29 4.24
N ILE A 283 -7.24 -39.05 3.27
CA ILE A 283 -5.93 -38.49 3.57
C ILE A 283 -6.08 -37.04 4.05
N LEU A 284 -5.17 -36.62 4.92
CA LEU A 284 -5.17 -35.26 5.47
C LEU A 284 -4.15 -34.43 4.70
N LEU A 285 -4.60 -33.86 3.58
CA LEU A 285 -3.70 -33.11 2.70
C LEU A 285 -3.27 -31.78 3.32
N ASP A 286 -3.96 -31.30 4.36
CA ASP A 286 -3.55 -30.07 5.01
C ASP A 286 -2.18 -30.19 5.65
N ASP A 287 -1.88 -31.36 6.21
CA ASP A 287 -0.58 -31.57 6.85
C ASP A 287 0.56 -31.62 5.84
N ALA A 288 0.25 -31.80 4.55
CA ALA A 288 1.29 -31.85 3.55
C ALA A 288 1.96 -30.48 3.42
N GLU A 289 3.28 -30.50 3.20
CA GLU A 289 4.06 -29.29 3.00
C GLU A 289 4.78 -29.48 1.67
N LEU A 290 4.09 -29.12 0.57
CA LEU A 290 4.63 -29.39 -0.76
C LEU A 290 5.92 -28.62 -0.99
N ALA A 291 5.91 -27.31 -0.73
CA ALA A 291 7.08 -26.49 -1.02
C ALA A 291 8.27 -26.88 -0.16
N ARG A 292 8.06 -27.19 1.12
CA ARG A 292 9.20 -27.54 1.96
C ARG A 292 9.82 -28.85 1.50
N SER A 293 8.98 -29.84 1.17
CA SER A 293 9.52 -31.12 0.72
C SER A 293 10.32 -30.97 -0.56
N LEU A 294 9.80 -30.21 -1.53
CA LEU A 294 10.53 -30.00 -2.78
C LEU A 294 11.84 -29.25 -2.53
N SER A 295 11.84 -28.30 -1.59
CA SER A 295 13.06 -27.56 -1.30
C SER A 295 14.16 -28.47 -0.78
N GLU A 296 13.81 -29.39 0.12
CA GLU A 296 14.80 -30.31 0.68
C GLU A 296 15.41 -31.19 -0.41
N GLU A 297 14.57 -31.78 -1.25
CA GLU A 297 15.09 -32.65 -2.31
C GLU A 297 15.99 -31.86 -3.27
N LEU A 298 15.55 -30.67 -3.67
CA LEU A 298 16.29 -29.89 -4.65
C LEU A 298 17.61 -29.38 -4.09
N LEU A 299 17.67 -29.07 -2.80
CA LEU A 299 18.93 -28.65 -2.20
C LEU A 299 19.95 -29.79 -2.24
N LYS A 300 19.50 -31.03 -2.01
CA LYS A 300 20.40 -32.17 -2.10
C LYS A 300 21.00 -32.26 -3.50
N ARG A 301 20.20 -32.03 -4.53
CA ARG A 301 20.67 -32.23 -5.90
C ARG A 301 21.46 -31.04 -6.43
N LEU A 302 21.13 -29.82 -5.99
CA LEU A 302 21.67 -28.63 -6.61
C LEU A 302 22.47 -27.74 -5.66
N GLY A 303 22.54 -28.08 -4.37
CA GLY A 303 23.23 -27.21 -3.43
C GLY A 303 24.68 -26.98 -3.82
N ASN A 304 25.36 -28.03 -4.30
CA ASN A 304 26.75 -27.90 -4.67
C ASN A 304 26.97 -26.88 -5.79
N LEU A 305 25.94 -26.58 -6.58
CA LEU A 305 26.07 -25.65 -7.68
C LEU A 305 25.99 -24.20 -7.24
N GLY A 306 25.87 -23.95 -5.95
CA GLY A 306 25.67 -22.61 -5.44
C GLY A 306 24.23 -22.19 -5.35
N ILE A 307 23.30 -23.15 -5.33
CA ILE A 307 21.87 -22.86 -5.31
C ILE A 307 21.34 -23.02 -3.90
N ARG A 308 20.57 -22.05 -3.43
CA ARG A 308 19.85 -22.09 -2.16
C ARG A 308 18.36 -22.10 -2.43
N ILE A 309 17.59 -22.85 -1.65
CA ILE A 309 16.16 -23.04 -1.89
C ILE A 309 15.43 -22.86 -0.57
N THR A 310 14.38 -22.04 -0.58
CA THR A 310 13.59 -21.75 0.59
C THR A 310 12.11 -21.80 0.24
N PRO A 311 11.29 -22.53 1.00
CA PRO A 311 9.85 -22.51 0.74
C PRO A 311 9.18 -21.31 1.40
N LYS A 312 7.99 -20.99 0.91
CA LYS A 312 7.22 -19.84 1.39
C LYS A 312 5.78 -20.03 0.96
N LYS A 313 4.86 -19.89 1.92
CA LYS A 313 3.43 -20.03 1.64
C LYS A 313 2.78 -18.66 1.56
N ILE A 314 1.94 -18.47 0.55
CA ILE A 314 1.15 -17.25 0.37
C ILE A 314 -0.32 -17.69 0.44
N GLY A 315 -0.87 -17.67 1.64
CA GLY A 315 -2.19 -18.19 1.91
C GLY A 315 -3.16 -17.21 2.54
N TYR A 316 -3.32 -17.40 3.85
CA TYR A 316 -4.38 -16.76 4.61
C TYR A 316 -4.23 -15.25 4.66
N GLU A 317 -3.04 -14.70 4.41
CA GLU A 317 -2.89 -13.26 4.44
C GLU A 317 -3.58 -12.58 3.27
N LEU A 318 -4.01 -13.34 2.26
CA LEU A 318 -4.74 -12.77 1.15
C LEU A 318 -6.25 -12.70 1.39
N ARG A 319 -6.78 -13.54 2.28
CA ARG A 319 -8.21 -13.80 2.29
C ARG A 319 -9.01 -12.60 2.78
N CYS A 320 -8.46 -11.82 3.71
CA CYS A 320 -9.21 -10.73 4.31
C CYS A 320 -8.57 -9.37 4.04
N ALA A 321 -7.84 -9.25 2.94
CA ALA A 321 -7.35 -7.95 2.51
C ALA A 321 -8.52 -7.06 2.14
N ASP A 322 -8.34 -5.76 2.31
CA ASP A 322 -9.38 -4.83 1.91
C ASP A 322 -9.58 -4.94 0.41
N PRO A 323 -10.82 -4.92 -0.08
CA PRO A 323 -11.05 -5.12 -1.51
C PRO A 323 -10.43 -4.01 -2.36
N VAL A 324 -9.94 -4.40 -3.54
CA VAL A 324 -9.49 -3.48 -4.57
C VAL A 324 -10.72 -2.92 -5.25
N ALA A 325 -10.56 -1.84 -6.02
CA ALA A 325 -11.71 -1.15 -6.58
C ALA A 325 -12.54 -2.06 -7.46
N PHE A 326 -11.89 -2.98 -8.17
CA PHE A 326 -12.64 -3.87 -9.06
C PHE A 326 -13.61 -4.74 -8.26
N ASP A 327 -13.16 -5.27 -7.12
CA ASP A 327 -14.03 -6.08 -6.29
C ASP A 327 -15.06 -5.25 -5.54
N ALA A 328 -14.73 -3.99 -5.21
CA ALA A 328 -15.71 -3.12 -4.57
C ALA A 328 -16.89 -2.86 -5.51
N VAL A 329 -16.61 -2.54 -6.77
CA VAL A 329 -17.70 -2.32 -7.71
C VAL A 329 -18.43 -3.63 -7.99
N TYR A 330 -17.69 -4.73 -8.15
CA TYR A 330 -18.30 -6.01 -8.43
C TYR A 330 -19.31 -6.39 -7.35
N THR A 331 -18.89 -6.36 -6.09
CA THR A 331 -19.75 -6.84 -5.01
C THR A 331 -20.91 -5.90 -4.73
N ARG A 332 -20.73 -4.61 -5.02
CA ARG A 332 -21.87 -3.71 -4.91
C ARG A 332 -22.92 -4.05 -5.95
N GLU A 333 -22.48 -4.32 -7.19
CA GLU A 333 -23.42 -4.71 -8.23
C GLU A 333 -24.04 -6.08 -7.97
N LEU A 334 -23.28 -7.01 -7.37
CA LEU A 334 -23.84 -8.32 -7.06
C LEU A 334 -24.90 -8.22 -5.96
N GLY A 335 -24.60 -7.48 -4.89
CA GLY A 335 -25.57 -7.34 -3.83
C GLY A 335 -26.87 -6.74 -4.31
N TYR A 336 -26.78 -5.74 -5.20
CA TYR A 336 -27.97 -5.19 -5.83
C TYR A 336 -28.71 -6.26 -6.64
N GLY A 337 -27.95 -7.07 -7.39
CA GLY A 337 -28.59 -8.06 -8.24
C GLY A 337 -29.30 -9.12 -7.44
N ALA A 338 -28.79 -9.44 -6.24
CA ALA A 338 -29.47 -10.40 -5.39
C ALA A 338 -30.84 -9.88 -4.94
N ILE A 339 -30.92 -8.60 -4.57
CA ILE A 339 -32.20 -8.03 -4.17
C ILE A 339 -33.15 -7.96 -5.36
N ASP A 340 -32.63 -7.59 -6.55
CA ASP A 340 -33.46 -7.50 -7.73
C ASP A 340 -34.03 -8.87 -8.10
N ALA A 341 -33.24 -9.93 -7.93
CA ALA A 341 -33.76 -11.27 -8.17
C ALA A 341 -34.91 -11.59 -7.22
N PHE A 342 -34.77 -11.23 -5.94
CA PHE A 342 -35.85 -11.46 -4.98
C PHE A 342 -37.12 -10.72 -5.40
N LEU A 343 -37.00 -9.45 -5.77
CA LEU A 343 -38.18 -8.67 -6.14
C LEU A 343 -38.90 -9.27 -7.35
N ASN A 344 -38.17 -9.86 -8.28
CA ASN A 344 -38.73 -10.41 -9.50
C ASN A 344 -39.12 -11.87 -9.37
N GLY A 345 -39.17 -12.40 -8.15
CA GLY A 345 -39.70 -13.73 -7.93
C GLY A 345 -38.77 -14.87 -8.21
N HIS A 346 -37.48 -14.60 -8.46
CA HIS A 346 -36.53 -15.67 -8.72
C HIS A 346 -36.22 -16.43 -7.43
N SER A 347 -35.90 -17.71 -7.58
CA SER A 347 -35.47 -18.54 -6.48
C SER A 347 -34.60 -19.66 -7.02
N ALA A 348 -33.79 -20.24 -6.14
CA ALA A 348 -32.80 -21.25 -6.51
C ALA A 348 -31.92 -20.79 -7.67
N ALA A 349 -31.34 -19.60 -7.53
CA ALA A 349 -30.51 -19.02 -8.57
C ALA A 349 -29.21 -18.46 -8.02
N LEU A 350 -28.24 -18.31 -8.91
CA LEU A 350 -26.97 -17.68 -8.60
C LEU A 350 -26.88 -16.33 -9.29
N ILE A 351 -26.48 -15.30 -8.56
CA ILE A 351 -26.28 -13.98 -9.15
C ILE A 351 -24.92 -13.97 -9.84
N VAL A 352 -24.92 -13.82 -11.16
CA VAL A 352 -23.70 -13.79 -11.95
C VAL A 352 -23.72 -12.56 -12.84
N ARG A 353 -22.55 -12.07 -13.19
CA ARG A 353 -22.42 -10.90 -14.06
C ARG A 353 -21.72 -11.28 -15.35
N GLU A 354 -22.37 -10.98 -16.47
CA GLU A 354 -21.82 -11.26 -17.80
C GLU A 354 -22.16 -10.08 -18.70
N ASN A 355 -21.15 -9.59 -19.43
CA ASN A 355 -21.32 -8.45 -20.34
C ASN A 355 -21.93 -7.25 -19.61
N GLY A 356 -21.45 -7.01 -18.39
CA GLY A 356 -21.87 -5.85 -17.62
C GLY A 356 -23.30 -5.89 -17.13
N GLN A 357 -23.92 -7.06 -17.09
CA GLN A 357 -25.30 -7.21 -16.66
C GLN A 357 -25.33 -8.29 -15.58
N VAL A 358 -25.85 -7.95 -14.41
CA VAL A 358 -26.03 -8.91 -13.33
C VAL A 358 -27.38 -9.58 -13.54
N LYS A 359 -27.39 -10.91 -13.54
CA LYS A 359 -28.56 -11.71 -13.88
C LYS A 359 -28.58 -12.96 -13.00
N PRO A 360 -29.75 -13.48 -12.68
CA PRO A 360 -29.81 -14.78 -11.99
C PRO A 360 -29.70 -15.94 -12.98
N VAL A 361 -29.05 -17.02 -12.51
CA VAL A 361 -28.84 -18.22 -13.31
C VAL A 361 -29.24 -19.42 -12.46
N GLN A 362 -30.20 -20.19 -12.95
CA GLN A 362 -30.74 -21.28 -12.15
C GLN A 362 -29.65 -22.29 -11.77
N PHE A 363 -29.79 -22.84 -10.56
CA PHE A 363 -28.78 -23.77 -10.06
C PHE A 363 -28.59 -24.95 -11.01
N LYS A 364 -29.69 -25.44 -11.60
CA LYS A 364 -29.57 -26.68 -12.38
C LYS A 364 -28.64 -26.49 -13.58
N ASP A 365 -28.63 -25.29 -14.16
CA ASP A 365 -27.80 -25.03 -15.33
C ASP A 365 -26.32 -25.18 -15.02
N LEU A 366 -25.94 -25.05 -13.75
CA LEU A 366 -24.56 -25.07 -13.32
C LEU A 366 -24.11 -26.42 -12.79
N LEU A 367 -25.01 -27.37 -12.63
CA LEU A 367 -24.64 -28.67 -12.08
C LEU A 367 -23.91 -29.50 -13.13
N ASP A 368 -22.91 -30.24 -12.68
CA ASP A 368 -22.24 -31.21 -13.55
C ASP A 368 -23.04 -32.50 -13.52
N PRO A 369 -23.56 -32.98 -14.66
CA PRO A 369 -24.50 -34.12 -14.58
C PRO A 369 -23.90 -35.34 -13.91
N ALA A 370 -22.58 -35.54 -14.06
CA ALA A 370 -21.94 -36.71 -13.47
C ALA A 370 -21.92 -36.63 -11.95
N THR A 371 -21.82 -35.43 -11.38
CA THR A 371 -21.55 -35.29 -9.97
C THR A 371 -22.77 -34.89 -9.16
N GLY A 372 -23.67 -34.08 -9.72
CA GLY A 372 -24.77 -33.54 -8.94
C GLY A 372 -24.44 -32.32 -8.12
N ARG A 373 -23.18 -31.88 -8.15
CA ARG A 373 -22.71 -30.73 -7.42
C ARG A 373 -22.38 -29.62 -8.40
N VAL A 374 -22.15 -28.42 -7.87
CA VAL A 374 -21.79 -27.31 -8.75
C VAL A 374 -20.50 -27.65 -9.50
N ARG A 375 -20.49 -27.39 -10.80
CA ARG A 375 -19.31 -27.66 -11.61
C ARG A 375 -18.16 -26.75 -11.20
N THR A 376 -16.95 -27.29 -11.25
CA THR A 376 -15.74 -26.58 -10.87
C THR A 376 -15.00 -26.11 -12.12
N ARG A 377 -14.79 -24.80 -12.23
CA ARG A 377 -14.07 -24.22 -13.36
C ARG A 377 -12.56 -24.20 -13.07
N LEU A 378 -11.79 -24.83 -13.95
CA LEU A 378 -10.34 -24.89 -13.85
C LEU A 378 -9.69 -23.99 -14.89
N VAL A 379 -8.37 -23.90 -14.83
CA VAL A 379 -7.61 -23.17 -15.85
C VAL A 379 -7.70 -23.92 -17.16
N ASP A 380 -8.03 -23.20 -18.24
CA ASP A 380 -8.07 -23.78 -19.58
C ASP A 380 -6.67 -23.67 -20.17
N VAL A 381 -5.90 -24.76 -20.11
CA VAL A 381 -4.50 -24.71 -20.54
C VAL A 381 -4.37 -24.73 -22.06
N THR A 382 -5.47 -24.89 -22.78
CA THR A 382 -5.47 -24.75 -24.23
C THR A 382 -5.67 -23.31 -24.69
N SER A 383 -5.95 -22.39 -23.77
CA SER A 383 -6.26 -21.02 -24.15
C SER A 383 -5.01 -20.26 -24.56
N GLN A 384 -5.24 -19.17 -25.31
CA GLN A 384 -4.13 -18.29 -25.67
C GLN A 384 -3.51 -17.68 -24.42
N SER A 385 -4.33 -17.34 -23.43
CA SER A 385 -3.80 -16.70 -22.23
C SER A 385 -2.78 -17.58 -21.55
N PHE A 386 -3.07 -18.88 -21.42
CA PHE A 386 -2.12 -19.77 -20.76
C PHE A 386 -0.84 -19.89 -21.58
N LYS A 387 -0.96 -19.91 -22.90
CA LYS A 387 0.24 -20.01 -23.75
C LYS A 387 1.12 -18.78 -23.60
N VAL A 388 0.53 -17.59 -23.56
CA VAL A 388 1.33 -16.37 -23.40
C VAL A 388 2.02 -16.38 -22.03
N ALA A 389 1.30 -16.74 -20.97
CA ALA A 389 1.92 -16.83 -19.65
C ALA A 389 3.08 -17.82 -19.67
N ARG A 390 2.89 -18.96 -20.34
CA ARG A 390 3.94 -19.98 -20.40
C ARG A 390 5.16 -19.48 -21.14
N VAL A 391 4.99 -18.55 -22.09
CA VAL A 391 6.13 -18.05 -22.86
C VAL A 391 7.13 -17.37 -21.92
N TYR A 392 6.65 -16.57 -20.98
CA TYR A 392 7.49 -15.77 -20.11
C TYR A 392 7.97 -16.56 -18.89
N MET A 393 7.85 -17.88 -18.90
CA MET A 393 8.47 -18.72 -17.90
C MET A 393 9.82 -19.24 -18.41
N TRP A 394 10.67 -19.65 -17.48
CA TRP A 394 11.91 -20.36 -17.81
C TRP A 394 11.62 -21.85 -17.70
N ARG A 395 11.75 -22.57 -18.82
CA ARG A 395 11.42 -23.98 -18.88
C ARG A 395 12.00 -24.57 -20.15
N MET A 396 12.05 -25.90 -20.19
CA MET A 396 12.51 -26.66 -21.35
C MET A 396 11.31 -27.24 -22.09
N SER A 397 11.12 -26.81 -23.33
CA SER A 397 10.04 -27.32 -24.17
C SER A 397 10.51 -28.55 -24.93
N LYS A 398 9.62 -29.13 -25.73
CA LYS A 398 10.04 -30.21 -26.63
C LYS A 398 11.15 -29.73 -27.56
N LYS A 399 10.99 -28.54 -28.14
CA LYS A 399 12.00 -28.02 -29.06
C LYS A 399 13.32 -27.79 -28.34
N ASP A 400 13.26 -27.32 -27.09
CA ASP A 400 14.48 -27.09 -26.32
C ASP A 400 15.24 -28.39 -26.10
N TYR A 401 14.52 -29.47 -25.76
CA TYR A 401 15.18 -30.76 -25.55
C TYR A 401 15.79 -31.28 -26.85
N GLU A 402 15.26 -30.86 -28.00
CA GLU A 402 15.81 -31.22 -29.30
C GLU A 402 16.94 -30.31 -29.76
N ASN A 403 17.18 -29.20 -29.07
CA ASN A 403 18.29 -28.30 -29.39
C ASN A 403 19.57 -28.81 -28.74
N LYS A 404 20.48 -29.36 -29.55
CA LYS A 404 21.67 -30.00 -29.01
C LYS A 404 22.58 -28.99 -28.31
N ASP A 405 22.68 -27.76 -28.85
CA ASP A 405 23.47 -26.73 -28.20
C ASP A 405 22.89 -26.34 -26.85
N LEU A 406 21.57 -26.15 -26.78
CA LEU A 406 20.93 -25.78 -25.53
C LEU A 406 21.05 -26.89 -24.49
N VAL A 407 20.88 -28.15 -24.91
CA VAL A 407 20.98 -29.26 -23.96
C VAL A 407 22.39 -29.35 -23.42
N ALA A 408 23.38 -29.04 -24.25
CA ALA A 408 24.77 -29.07 -23.80
C ALA A 408 25.03 -28.01 -22.74
N ARG A 409 24.50 -26.81 -22.94
CA ARG A 409 24.73 -25.72 -22.01
C ARG A 409 24.07 -26.00 -20.67
N VAL A 410 22.81 -26.47 -20.69
CA VAL A 410 22.09 -26.73 -19.46
C VAL A 410 22.71 -27.91 -18.72
N ALA A 411 23.01 -28.99 -19.45
CA ALA A 411 23.61 -30.15 -18.81
C ALA A 411 24.91 -29.78 -18.13
N ALA A 412 25.73 -28.96 -18.78
CA ALA A 412 26.97 -28.50 -18.17
C ALA A 412 26.68 -27.69 -16.91
N ALA A 413 25.62 -26.89 -16.93
CA ALA A 413 25.25 -26.12 -15.74
C ALA A 413 24.92 -27.03 -14.58
N GLY A 414 24.33 -28.18 -14.86
CA GLY A 414 24.04 -29.18 -13.84
C GLY A 414 25.15 -30.16 -13.58
N LYS A 415 26.31 -29.97 -14.19
CA LYS A 415 27.46 -30.84 -13.99
C LYS A 415 27.10 -32.29 -14.30
N MET A 416 26.57 -32.51 -15.50
CA MET A 416 26.21 -33.82 -15.97
C MET A 416 26.36 -33.84 -17.49
N THR A 417 26.51 -35.03 -18.05
CA THR A 417 26.68 -35.18 -19.48
C THR A 417 25.36 -34.92 -20.19
N PRO A 418 25.41 -34.54 -21.47
CA PRO A 418 24.15 -34.38 -22.22
C PRO A 418 23.30 -35.64 -22.25
N GLU A 419 23.93 -36.82 -22.37
CA GLU A 419 23.17 -38.07 -22.37
C GLU A 419 22.47 -38.28 -21.03
N ALA A 420 23.15 -37.96 -19.92
CA ALA A 420 22.53 -38.08 -18.61
C ALA A 420 21.36 -37.13 -18.47
N PHE A 421 21.51 -35.90 -18.97
CA PHE A 421 20.45 -34.89 -18.90
C PHE A 421 19.22 -35.33 -19.70
N THR A 422 19.44 -35.79 -20.94
CA THR A 422 18.31 -36.21 -21.76
C THR A 422 17.58 -37.39 -21.14
N GLU A 423 18.32 -38.31 -20.52
CA GLU A 423 17.71 -39.48 -19.91
C GLU A 423 16.80 -39.07 -18.76
N LYS A 424 17.23 -38.09 -17.97
CA LYS A 424 16.49 -37.73 -16.77
C LYS A 424 15.31 -36.81 -17.07
N PHE A 425 15.49 -35.84 -17.98
CA PHE A 425 14.54 -34.74 -18.11
C PHE A 425 13.68 -34.76 -19.38
N ALA A 426 14.13 -35.41 -20.45
CA ALA A 426 13.42 -35.29 -21.73
C ALA A 426 12.01 -35.86 -21.66
N HIS A 427 11.78 -36.84 -20.78
CA HIS A 427 10.48 -37.47 -20.69
C HIS A 427 9.40 -36.53 -20.16
N LEU A 428 9.79 -35.38 -19.59
CA LEU A 428 8.81 -34.47 -19.02
C LEU A 428 7.89 -33.87 -20.07
N THR A 429 8.26 -33.92 -21.35
CA THR A 429 7.39 -33.40 -22.39
C THR A 429 6.10 -34.19 -22.51
N ASP A 430 6.07 -35.42 -22.02
CA ASP A 430 4.85 -36.21 -21.98
C ASP A 430 4.15 -36.12 -20.64
N VAL A 431 4.69 -35.33 -19.72
CA VAL A 431 4.09 -35.18 -18.40
C VAL A 431 3.17 -33.97 -18.35
N VAL A 432 3.56 -32.90 -19.04
CA VAL A 432 2.81 -31.65 -19.01
C VAL A 432 2.53 -31.20 -20.43
N VAL A 433 1.38 -30.54 -20.61
CA VAL A 433 1.01 -30.00 -21.91
C VAL A 433 2.08 -29.01 -22.38
N GLU A 434 2.27 -28.96 -23.69
CA GLU A 434 3.30 -28.10 -24.27
C GLU A 434 2.68 -26.93 -25.03
N GLU B 12 -20.28 2.49 42.68
CA GLU B 12 -20.31 2.72 41.24
C GLU B 12 -18.92 3.04 40.71
N ALA B 13 -18.59 2.48 39.54
CA ALA B 13 -17.25 2.62 39.01
C ALA B 13 -17.00 4.03 38.50
N PRO B 14 -15.75 4.50 38.60
CA PRO B 14 -15.43 5.85 38.10
C PRO B 14 -15.60 5.94 36.59
N VAL B 15 -15.93 7.14 36.12
CA VAL B 15 -16.25 7.38 34.71
C VAL B 15 -15.11 8.14 34.05
N LEU B 16 -14.59 7.59 32.96
CA LEU B 16 -13.60 8.25 32.12
C LEU B 16 -14.32 8.77 30.89
N GLY B 17 -14.21 10.07 30.63
CA GLY B 17 -14.82 10.69 29.46
C GLY B 17 -13.70 11.17 28.51
N ILE B 18 -13.90 10.87 27.23
CA ILE B 18 -12.89 11.13 26.21
C ILE B 18 -13.49 12.00 25.11
N LEU B 19 -12.72 12.98 24.64
CA LEU B 19 -13.13 13.76 23.48
C LEU B 19 -11.90 14.04 22.62
N CYS B 20 -12.14 14.35 21.36
CA CYS B 20 -11.10 14.73 20.42
C CYS B 20 -11.30 16.17 20.00
N GLY B 21 -10.21 16.93 19.92
CA GLY B 21 -10.27 18.29 19.44
C GLY B 21 -9.20 18.54 18.40
N GLY B 22 -9.43 19.55 17.57
CA GLY B 22 -8.51 19.91 16.53
C GLY B 22 -8.71 19.11 15.27
N GLY B 23 -7.71 19.16 14.39
CA GLY B 23 -7.73 18.39 13.17
C GLY B 23 -7.33 16.95 13.42
N PRO B 24 -7.89 16.03 12.64
CA PRO B 24 -7.52 14.61 12.84
C PRO B 24 -6.09 14.32 12.44
N ALA B 25 -5.50 13.33 13.10
CA ALA B 25 -4.18 12.81 12.78
C ALA B 25 -4.19 11.29 12.92
N PRO B 26 -3.40 10.58 12.13
CA PRO B 26 -3.41 9.12 12.23
C PRO B 26 -3.01 8.65 13.62
N GLY B 27 -3.81 7.74 14.17
CA GLY B 27 -3.58 7.22 15.50
C GLY B 27 -4.49 7.74 16.59
N LEU B 28 -5.42 8.65 16.29
CA LEU B 28 -6.38 9.05 17.31
C LEU B 28 -7.10 7.85 17.89
N ASN B 29 -7.62 6.97 17.02
CA ASN B 29 -8.24 5.74 17.51
C ASN B 29 -7.26 4.92 18.34
N GLY B 30 -5.96 5.02 18.06
CA GLY B 30 -4.98 4.31 18.86
C GLY B 30 -4.94 4.80 20.29
N VAL B 31 -4.95 6.12 20.48
CA VAL B 31 -4.99 6.67 21.84
C VAL B 31 -6.31 6.31 22.49
N ILE B 32 -7.41 6.41 21.75
CA ILE B 32 -8.73 6.10 22.31
C ILE B 32 -8.78 4.65 22.76
N ALA B 33 -8.24 3.74 21.96
CA ALA B 33 -8.27 2.32 22.32
C ALA B 33 -7.33 2.04 23.49
N GLY B 34 -6.17 2.69 23.52
CA GLY B 34 -5.26 2.46 24.63
C GLY B 34 -5.86 2.86 25.96
N ALA B 35 -6.44 4.05 26.02
CA ALA B 35 -7.05 4.52 27.26
C ALA B 35 -8.26 3.68 27.63
N THR B 36 -9.11 3.34 26.65
CA THR B 36 -10.34 2.65 26.97
C THR B 36 -10.08 1.21 27.41
N LEU B 37 -9.23 0.49 26.68
CA LEU B 37 -9.02 -0.92 27.00
C LEU B 37 -8.43 -1.09 28.40
N TYR B 38 -7.38 -0.32 28.73
CA TYR B 38 -6.80 -0.38 30.07
C TYR B 38 -7.81 0.08 31.12
N ALA B 39 -8.56 1.13 30.85
CA ALA B 39 -9.55 1.62 31.80
C ALA B 39 -10.62 0.56 32.05
N LEU B 40 -10.99 -0.20 31.01
CA LEU B 40 -11.98 -1.25 31.20
C LEU B 40 -11.44 -2.38 32.07
N ARG B 41 -10.14 -2.70 31.92
CA ARG B 41 -9.56 -3.73 32.77
C ARG B 41 -9.53 -3.32 34.23
N LEU B 42 -9.54 -2.03 34.52
CA LEU B 42 -9.60 -1.54 35.89
C LEU B 42 -11.04 -1.48 36.42
N GLY B 43 -12.02 -1.82 35.59
CA GLY B 43 -13.42 -1.74 35.99
C GLY B 43 -14.07 -0.39 35.75
N TRP B 44 -13.36 0.55 35.14
CA TRP B 44 -13.92 1.87 34.88
C TRP B 44 -15.01 1.80 33.81
N LYS B 45 -15.94 2.76 33.89
CA LYS B 45 -16.89 3.01 32.83
C LYS B 45 -16.32 4.10 31.93
N VAL B 46 -16.35 3.88 30.62
CA VAL B 46 -15.74 4.79 29.66
C VAL B 46 -16.80 5.29 28.68
N ILE B 47 -16.84 6.61 28.48
CA ILE B 47 -17.74 7.25 27.55
C ILE B 47 -16.92 8.18 26.66
N GLY B 48 -17.47 8.47 25.49
CA GLY B 48 -16.82 9.38 24.56
C GLY B 48 -17.75 10.47 24.08
N PHE B 49 -17.32 11.72 24.22
CA PHE B 49 -18.09 12.86 23.73
C PHE B 49 -17.84 13.03 22.23
N MET B 50 -18.91 13.07 21.45
CA MET B 50 -18.78 13.25 20.01
C MET B 50 -18.47 14.71 19.70
N GLU B 51 -17.57 14.91 18.73
CA GLU B 51 -17.27 16.23 18.18
C GLU B 51 -16.71 17.18 19.25
N GLY B 52 -15.77 16.68 20.05
CA GLY B 52 -15.01 17.52 20.94
C GLY B 52 -15.87 18.25 21.95
N PHE B 53 -15.64 19.56 22.07
CA PHE B 53 -16.35 20.40 23.01
C PHE B 53 -17.66 20.95 22.43
N LYS B 54 -18.03 20.53 21.22
CA LYS B 54 -19.14 21.18 20.53
C LYS B 54 -20.41 21.20 21.37
N TYR B 55 -20.81 20.05 21.91
CA TYR B 55 -22.06 19.95 22.66
C TYR B 55 -21.90 20.22 24.16
N LEU B 56 -20.72 19.98 24.72
CA LEU B 56 -20.47 20.34 26.10
C LEU B 56 -20.54 21.85 26.31
N CYS B 57 -20.35 22.64 25.25
CA CYS B 57 -20.44 24.10 25.37
C CYS B 57 -21.89 24.57 25.49
N THR B 58 -22.85 23.80 24.98
CA THR B 58 -24.25 24.23 25.05
C THR B 58 -24.74 24.31 26.49
N GLY B 59 -24.27 23.41 27.36
CA GLY B 59 -24.78 23.32 28.70
C GLY B 59 -26.04 22.51 28.86
N ASP B 60 -26.65 22.07 27.75
CA ASP B 60 -27.86 21.26 27.80
C ASP B 60 -27.46 19.79 27.96
N VAL B 61 -27.77 19.21 29.12
CA VAL B 61 -27.39 17.84 29.37
C VAL B 61 -28.11 16.88 28.42
N ASP B 62 -29.33 17.23 28.00
CA ASP B 62 -30.02 16.38 27.03
C ASP B 62 -29.28 16.37 25.69
N VAL B 63 -28.78 17.53 25.26
CA VAL B 63 -28.05 17.58 23.99
C VAL B 63 -26.74 16.82 24.11
N VAL B 64 -26.04 16.98 25.24
CA VAL B 64 -24.78 16.26 25.42
C VAL B 64 -25.00 14.75 25.41
N LYS B 65 -26.04 14.27 26.12
CA LYS B 65 -26.31 12.83 26.13
C LYS B 65 -26.68 12.32 24.74
N ALA B 66 -27.38 13.12 23.95
CA ALA B 66 -27.69 12.73 22.58
C ALA B 66 -26.44 12.64 21.72
N HIS B 67 -25.31 13.18 22.19
CA HIS B 67 -24.05 13.16 21.46
C HIS B 67 -22.91 12.67 22.35
N THR B 68 -23.19 11.65 23.16
CA THR B 68 -22.17 10.86 23.83
C THR B 68 -22.49 9.39 23.64
N ILE B 69 -21.44 8.58 23.58
CA ILE B 69 -21.58 7.13 23.36
C ILE B 69 -20.79 6.38 24.41
N ASP B 70 -21.21 5.15 24.67
CA ASP B 70 -20.53 4.27 25.62
C ASP B 70 -19.40 3.55 24.88
N LEU B 71 -18.15 3.79 25.31
CA LEU B 71 -16.98 3.18 24.70
C LEU B 71 -16.75 1.81 25.34
N THR B 72 -17.15 0.76 24.64
CA THR B 72 -17.12 -0.60 25.13
C THR B 72 -15.97 -1.38 24.51
N TYR B 73 -15.73 -2.58 25.03
CA TYR B 73 -14.63 -3.41 24.52
C TYR B 73 -14.81 -3.68 23.03
N ASP B 74 -16.02 -4.05 22.62
CA ASP B 74 -16.24 -4.40 21.22
C ASP B 74 -16.01 -3.21 20.30
N ILE B 75 -16.31 -1.99 20.79
CA ILE B 75 -16.20 -0.81 19.95
C ILE B 75 -14.74 -0.50 19.66
N VAL B 76 -13.86 -0.70 20.64
CA VAL B 76 -12.48 -0.22 20.56
C VAL B 76 -11.48 -1.36 20.39
N SER B 77 -11.93 -2.61 20.36
CA SER B 77 -10.97 -3.71 20.41
C SER B 77 -10.07 -3.74 19.19
N ARG B 78 -10.49 -3.14 18.07
CA ARG B 78 -9.69 -3.21 16.84
C ARG B 78 -9.65 -1.88 16.07
N ILE B 79 -9.96 -0.76 16.73
CA ILE B 79 -9.87 0.52 16.03
C ILE B 79 -8.44 1.04 15.95
N HIS B 80 -7.48 0.36 16.59
CA HIS B 80 -6.09 0.77 16.47
C HIS B 80 -5.55 0.60 15.05
N PHE B 81 -6.27 -0.11 14.18
CA PHE B 81 -5.88 -0.22 12.77
C PHE B 81 -6.34 0.97 11.93
N GLN B 82 -7.25 1.80 12.43
CA GLN B 82 -8.04 2.68 11.59
C GLN B 82 -7.66 4.15 11.73
N GLY B 83 -7.60 4.85 10.61
CA GLY B 83 -7.47 6.29 10.64
C GLY B 83 -8.76 6.97 11.06
N GLY B 84 -8.64 8.27 11.37
CA GLY B 84 -9.78 9.01 11.85
C GLY B 84 -10.05 8.75 13.32
N THR B 85 -11.22 9.23 13.75
CA THR B 85 -11.64 9.12 15.15
C THR B 85 -13.09 8.67 15.21
N ILE B 86 -13.35 7.63 16.01
CA ILE B 86 -14.70 7.09 16.08
C ILE B 86 -15.66 8.01 16.81
N ILE B 87 -15.14 8.92 17.65
CA ILE B 87 -15.97 9.93 18.31
C ILE B 87 -15.86 11.29 17.63
N GLN B 88 -15.33 11.34 16.40
CA GLN B 88 -15.22 12.59 15.65
C GLN B 88 -14.37 13.64 16.37
N THR B 89 -14.31 14.85 15.81
CA THR B 89 -13.55 15.93 16.43
C THR B 89 -14.16 17.26 16.02
N SER B 90 -13.80 18.31 16.75
CA SER B 90 -14.29 19.65 16.46
C SER B 90 -13.28 20.65 17.01
N ARG B 91 -13.39 21.90 16.55
CA ARG B 91 -12.56 22.97 17.08
C ARG B 91 -13.32 23.89 18.04
N ALA B 92 -14.54 23.52 18.44
CA ALA B 92 -15.27 24.26 19.46
C ALA B 92 -14.39 24.50 20.69
N ASN B 93 -14.37 25.74 21.15
CA ASN B 93 -13.40 26.19 22.15
C ASN B 93 -14.11 26.94 23.27
N PRO B 94 -14.29 26.31 24.44
CA PRO B 94 -14.95 27.02 25.54
C PRO B 94 -14.07 28.04 26.25
N ARG B 95 -12.76 28.06 25.98
CA ARG B 95 -11.85 28.87 26.77
C ARG B 95 -12.08 30.36 26.60
N LYS B 96 -12.67 30.80 25.50
CA LYS B 96 -12.86 32.23 25.28
C LYS B 96 -13.86 32.83 26.26
N SER B 97 -14.84 32.05 26.70
CA SER B 97 -15.93 32.55 27.52
C SER B 97 -16.06 31.74 28.81
N PRO B 98 -16.19 32.40 29.97
CA PRO B 98 -16.54 31.64 31.18
C PRO B 98 -17.95 31.08 31.13
N GLU B 99 -18.85 31.66 30.33
CA GLU B 99 -20.17 31.07 30.17
C GLU B 99 -20.07 29.66 29.60
N LEU B 100 -19.22 29.49 28.59
CA LEU B 100 -19.03 28.17 27.99
C LEU B 100 -18.22 27.26 28.91
N GLN B 101 -17.23 27.81 29.61
CA GLN B 101 -16.46 26.94 30.51
C GLN B 101 -17.35 26.36 31.58
N GLU B 102 -18.22 27.18 32.16
CA GLU B 102 -19.12 26.66 33.19
C GLU B 102 -20.13 25.68 32.59
N ASN B 103 -20.52 25.87 31.34
CA ASN B 103 -21.40 24.91 30.69
C ASN B 103 -20.74 23.55 30.59
N VAL B 104 -19.47 23.52 30.22
CA VAL B 104 -18.75 22.25 30.13
C VAL B 104 -18.68 21.61 31.51
N ARG B 105 -18.41 22.42 32.54
CA ARG B 105 -18.36 21.89 33.90
C ARG B 105 -19.71 21.34 34.33
N LYS B 106 -20.80 22.01 33.93
CA LYS B 106 -22.13 21.56 34.33
C LYS B 106 -22.43 20.19 33.74
N CYS B 107 -22.07 19.98 32.47
CA CYS B 107 -22.37 18.70 31.83
C CYS B 107 -21.46 17.59 32.33
N LEU B 108 -20.20 17.92 32.64
CA LEU B 108 -19.28 16.91 33.17
C LEU B 108 -19.71 16.44 34.55
N ARG B 109 -20.17 17.36 35.41
CA ARG B 109 -20.67 16.97 36.72
C ARG B 109 -21.92 16.12 36.59
N ALA B 110 -22.81 16.47 35.66
CA ALA B 110 -24.05 15.71 35.46
C ALA B 110 -23.76 14.28 35.03
N LEU B 111 -22.77 14.09 34.15
CA LEU B 111 -22.36 12.76 33.73
C LEU B 111 -21.38 12.11 34.71
N LYS B 112 -21.02 12.82 35.77
CA LYS B 112 -20.20 12.25 36.84
C LYS B 112 -18.87 11.74 36.29
N VAL B 113 -18.24 12.56 35.46
CA VAL B 113 -16.93 12.24 34.91
C VAL B 113 -15.90 12.42 36.02
N ARG B 114 -15.22 11.33 36.39
CA ARG B 114 -14.11 11.44 37.34
C ARG B 114 -12.81 11.75 36.63
N TYR B 115 -12.57 11.15 35.47
CA TYR B 115 -11.35 11.34 34.69
C TYR B 115 -11.74 11.88 33.32
N PHE B 116 -11.06 12.93 32.87
CA PHE B 116 -11.42 13.65 31.66
C PHE B 116 -10.18 13.76 30.78
N LEU B 117 -10.21 13.05 29.65
CA LEU B 117 -9.09 12.97 28.72
C LEU B 117 -9.45 13.68 27.43
N THR B 118 -8.64 14.67 27.05
CA THR B 118 -8.82 15.37 25.78
C THR B 118 -7.65 15.05 24.88
N ILE B 119 -7.93 14.69 23.63
CA ILE B 119 -6.90 14.38 22.65
C ILE B 119 -6.96 15.49 21.62
N GLY B 120 -5.93 16.33 21.55
CA GLY B 120 -6.00 17.47 20.66
C GLY B 120 -4.72 18.28 20.69
N GLY B 121 -4.80 19.44 20.04
CA GLY B 121 -3.71 20.38 19.97
C GLY B 121 -3.67 21.37 21.12
N ASP B 122 -3.04 22.51 20.87
CA ASP B 122 -2.86 23.50 21.92
C ASP B 122 -4.18 24.03 22.45
N ASP B 123 -5.11 24.38 21.56
CA ASP B 123 -6.39 24.91 22.01
C ASP B 123 -7.16 23.89 22.84
N THR B 124 -7.12 22.62 22.43
CA THR B 124 -7.83 21.58 23.19
C THR B 124 -7.25 21.44 24.58
N ALA B 125 -5.92 21.44 24.71
CA ALA B 125 -5.30 21.33 26.02
C ALA B 125 -5.64 22.54 26.90
N SER B 126 -5.58 23.74 26.30
CA SER B 126 -5.87 24.96 27.05
C SER B 126 -7.30 24.99 27.55
N SER B 127 -8.25 24.54 26.73
CA SER B 127 -9.64 24.45 27.18
C SER B 127 -9.78 23.49 28.36
N ALA B 128 -9.06 22.37 28.31
CA ALA B 128 -9.18 21.37 29.37
C ALA B 128 -8.70 21.94 30.69
N VAL B 129 -7.58 22.66 30.70
CA VAL B 129 -7.07 23.21 31.95
C VAL B 129 -8.02 24.26 32.50
N SER B 130 -8.56 25.12 31.63
CA SER B 130 -9.49 26.14 32.08
C SER B 130 -10.72 25.51 32.71
N VAL B 131 -11.22 24.42 32.12
CA VAL B 131 -12.37 23.74 32.70
C VAL B 131 -12.01 23.18 34.08
N ALA B 132 -10.73 22.85 34.30
CA ALA B 132 -10.34 22.24 35.57
C ALA B 132 -10.09 23.26 36.67
N SER B 133 -9.66 24.47 36.32
CA SER B 133 -9.31 25.44 37.35
C SER B 133 -10.49 25.77 38.24
N GLY B 134 -11.71 25.71 37.68
CA GLY B 134 -12.91 25.95 38.44
C GLY B 134 -13.58 24.65 38.84
N MET B 135 -12.77 23.67 39.21
CA MET B 135 -13.26 22.34 39.54
C MET B 135 -12.38 21.73 40.62
N ASN B 136 -13.01 21.10 41.61
CA ASN B 136 -12.30 20.52 42.73
C ASN B 136 -11.40 19.39 42.25
N GLY B 137 -10.14 19.40 42.69
CA GLY B 137 -9.18 18.40 42.27
C GLY B 137 -9.51 17.00 42.74
N ASN B 138 -10.46 16.86 43.65
CA ASN B 138 -10.91 15.56 44.12
C ASN B 138 -12.09 15.03 43.32
N GLU B 139 -12.89 15.89 42.69
CA GLU B 139 -14.01 15.42 41.88
C GLU B 139 -13.58 15.00 40.49
N ILE B 140 -12.77 15.79 39.81
CA ILE B 140 -12.38 15.52 38.43
C ILE B 140 -10.88 15.76 38.29
N SER B 141 -10.23 14.90 37.51
CA SER B 141 -8.83 15.00 37.14
C SER B 141 -8.78 15.10 35.63
N VAL B 142 -7.97 16.01 35.10
CA VAL B 142 -7.97 16.32 33.66
C VAL B 142 -6.58 16.07 33.07
N ILE B 143 -6.53 15.29 32.00
CA ILE B 143 -5.29 14.99 31.30
C ILE B 143 -5.52 15.24 29.82
N SER B 144 -4.47 15.70 29.13
CA SER B 144 -4.55 15.96 27.70
C SER B 144 -3.42 15.25 26.98
N CYS B 145 -3.73 14.73 25.80
CA CYS B 145 -2.75 14.03 24.97
C CYS B 145 -2.43 14.87 23.74
N PRO B 146 -1.15 15.17 23.48
CA PRO B 146 -0.82 16.11 22.39
C PRO B 146 -0.89 15.43 21.03
N LYS B 147 -1.60 16.07 20.10
CA LYS B 147 -1.78 15.55 18.75
C LYS B 147 -1.52 16.67 17.74
N THR B 148 -0.75 16.34 16.69
CA THR B 148 -0.64 17.22 15.54
C THR B 148 0.13 16.48 14.45
N ILE B 149 -0.30 16.66 13.19
CA ILE B 149 0.50 16.14 12.08
C ILE B 149 1.62 17.08 11.67
N ASP B 150 1.63 18.31 12.19
CA ASP B 150 2.61 19.33 11.83
C ASP B 150 3.87 19.25 12.66
N ASN B 151 3.90 18.42 13.69
CA ASN B 151 5.09 18.18 14.50
C ASN B 151 5.59 19.44 15.20
N ASP B 152 4.69 20.41 15.43
CA ASP B 152 5.06 21.72 15.92
C ASP B 152 4.87 21.88 17.42
N LEU B 153 4.61 20.79 18.14
CA LEU B 153 4.55 20.84 19.60
C LEU B 153 5.97 20.79 20.17
N PRO B 154 6.19 21.36 21.37
CA PRO B 154 7.54 21.41 21.95
C PRO B 154 7.91 20.14 22.69
N LEU B 155 7.86 19.02 21.99
CA LEU B 155 8.40 17.79 22.55
C LEU B 155 9.92 17.84 22.48
N PRO B 156 10.59 16.94 23.20
CA PRO B 156 12.07 16.88 23.10
C PRO B 156 12.53 16.65 21.68
N ALA B 157 13.69 17.22 21.34
CA ALA B 157 14.16 17.22 19.96
C ALA B 157 14.23 15.82 19.39
N ASP B 158 14.45 14.80 20.24
CA ASP B 158 14.55 13.42 19.79
C ASP B 158 13.20 12.71 19.80
N GLN B 159 12.11 13.47 19.73
CA GLN B 159 10.76 12.92 19.73
C GLN B 159 9.82 13.63 18.77
N SER B 160 9.05 12.86 18.01
CA SER B 160 8.06 13.39 17.06
C SER B 160 6.67 13.28 17.69
N THR B 161 5.75 14.10 17.18
CA THR B 161 4.35 13.99 17.57
C THR B 161 3.68 12.84 16.83
N PHE B 162 2.66 12.23 17.46
CA PHE B 162 2.02 11.07 16.87
C PHE B 162 1.15 11.51 15.69
N GLY B 163 1.15 10.71 14.64
CA GLY B 163 0.52 11.04 13.39
C GLY B 163 1.47 11.62 12.36
N PHE B 164 2.60 12.16 12.80
CA PHE B 164 3.56 12.76 11.87
C PHE B 164 4.22 11.68 11.02
N HIS B 165 4.56 10.54 11.62
CA HIS B 165 5.23 9.50 10.86
C HIS B 165 4.33 8.97 9.74
N THR B 166 3.04 8.78 10.02
CA THR B 166 2.11 8.30 9.00
C THR B 166 1.94 9.32 7.88
N ALA B 167 1.68 10.58 8.25
CA ALA B 167 1.48 11.61 7.25
C ALA B 167 2.71 11.75 6.35
N ARG B 168 3.91 11.66 6.95
CA ARG B 168 5.13 11.82 6.15
C ARG B 168 5.33 10.66 5.18
N SER B 169 5.04 9.43 5.61
CA SER B 169 5.31 8.29 4.74
C SER B 169 4.33 8.24 3.57
N LEU B 170 3.05 8.51 3.82
CA LEU B 170 2.09 8.59 2.73
C LEU B 170 2.41 9.77 1.82
N GLY B 171 2.83 10.89 2.40
CA GLY B 171 3.26 12.02 1.59
C GLY B 171 4.46 11.68 0.73
N MET B 172 5.38 10.87 1.27
CA MET B 172 6.52 10.40 0.46
C MET B 172 6.03 9.59 -0.74
N GLU B 173 5.06 8.70 -0.52
CA GLU B 173 4.59 7.84 -1.59
C GLU B 173 3.92 8.66 -2.70
N ILE B 174 3.08 9.64 -2.35
CA ILE B 174 2.43 10.45 -3.37
C ILE B 174 3.47 11.19 -4.20
N ILE B 175 4.46 11.80 -3.54
CA ILE B 175 5.51 12.50 -4.27
C ILE B 175 6.30 11.53 -5.13
N ARG B 176 6.45 10.27 -4.69
CA ARG B 176 7.13 9.28 -5.52
C ARG B 176 6.45 9.13 -6.86
N ASN B 177 5.12 9.05 -6.86
CA ASN B 177 4.39 8.96 -8.12
C ASN B 177 4.58 10.21 -8.97
N LEU B 178 4.66 11.38 -8.32
CA LEU B 178 4.91 12.60 -9.07
C LEU B 178 6.33 12.67 -9.58
N MET B 179 7.29 12.09 -8.85
CA MET B 179 8.66 12.05 -9.35
C MET B 179 8.75 11.18 -10.60
N VAL B 180 8.07 10.03 -10.59
CA VAL B 180 8.07 9.16 -11.76
C VAL B 180 7.37 9.85 -12.91
N ASP B 181 6.26 10.53 -12.64
CA ASP B 181 5.52 11.19 -13.71
C ASP B 181 6.29 12.38 -14.28
N SER B 182 7.00 13.13 -13.41
CA SER B 182 7.76 14.29 -13.86
C SER B 182 8.92 13.88 -14.76
N LYS B 183 9.53 12.72 -14.48
CA LYS B 183 10.64 12.24 -15.31
C LYS B 183 10.15 11.54 -16.56
N SER B 184 9.08 10.74 -16.44
CA SER B 184 8.58 10.03 -17.61
C SER B 184 8.05 11.00 -18.65
N ALA B 185 7.37 12.06 -18.20
CA ALA B 185 6.81 13.10 -19.06
C ALA B 185 7.37 14.42 -18.56
N PRO B 186 8.55 14.83 -19.03
CA PRO B 186 9.25 15.99 -18.43
C PRO B 186 8.35 17.15 -18.04
N ARG B 187 8.39 17.48 -16.74
CA ARG B 187 7.55 18.50 -16.13
C ARG B 187 8.12 18.80 -14.76
N TRP B 188 7.78 19.97 -14.23
CA TRP B 188 8.04 20.33 -12.85
C TRP B 188 6.73 20.36 -12.08
N PHE B 189 6.69 19.70 -10.93
CA PHE B 189 5.56 19.78 -10.01
C PHE B 189 5.93 20.72 -8.86
N LEU B 190 5.06 21.68 -8.58
CA LEU B 190 5.16 22.49 -7.36
C LEU B 190 4.17 21.91 -6.35
N VAL B 191 4.66 21.03 -5.49
CA VAL B 191 3.86 20.42 -4.44
C VAL B 191 3.75 21.38 -3.26
N GLU B 192 2.53 21.60 -2.78
CA GLU B 192 2.26 22.45 -1.62
C GLU B 192 1.88 21.55 -0.44
N ALA B 193 2.77 21.49 0.56
CA ALA B 193 2.53 20.66 1.74
C ALA B 193 1.65 21.37 2.74
N MET B 194 0.59 20.70 3.17
CA MET B 194 -0.36 21.33 4.09
C MET B 194 0.28 21.62 5.43
N GLY B 195 -0.19 22.68 6.08
CA GLY B 195 0.33 23.07 7.37
C GLY B 195 1.07 24.39 7.31
N ARG B 196 0.59 25.37 8.08
CA ARG B 196 1.17 26.70 8.09
C ARG B 196 2.02 26.98 9.32
N SER B 197 2.03 26.09 10.31
CA SER B 197 2.80 26.36 11.51
C SER B 197 4.30 26.23 11.27
N ALA B 198 4.73 25.18 10.57
CA ALA B 198 6.14 24.87 10.46
C ALA B 198 6.38 24.11 9.16
N GLY B 199 7.64 23.74 8.94
CA GLY B 199 8.03 23.02 7.75
C GLY B 199 8.45 21.59 8.01
N HIS B 200 8.10 21.06 9.18
CA HIS B 200 8.50 19.69 9.51
C HIS B 200 7.95 18.69 8.51
N LEU B 201 6.68 18.86 8.14
CA LEU B 201 6.05 17.90 7.24
C LEU B 201 6.55 18.06 5.81
N ALA B 202 6.73 19.29 5.34
CA ALA B 202 7.23 19.51 3.98
C ALA B 202 8.66 18.98 3.84
N LEU B 203 9.55 19.35 4.76
CA LEU B 203 10.93 18.87 4.68
C LEU B 203 10.98 17.35 4.86
N GLY B 204 10.11 16.80 5.71
CA GLY B 204 10.08 15.35 5.88
C GLY B 204 9.73 14.65 4.58
N MET B 205 8.66 15.10 3.92
CA MET B 205 8.29 14.50 2.65
C MET B 205 9.39 14.68 1.61
N ALA B 206 9.93 15.90 1.51
CA ALA B 206 10.89 16.20 0.45
C ALA B 206 12.16 15.37 0.60
N GLU B 207 12.72 15.32 1.80
CA GLU B 207 14.00 14.63 1.99
C GLU B 207 13.84 13.14 1.71
N ALA B 208 12.75 12.54 2.20
CA ALA B 208 12.52 11.11 2.00
C ALA B 208 12.33 10.77 0.54
N SER B 209 11.61 11.63 -0.20
CA SER B 209 11.29 11.39 -1.60
C SER B 209 12.37 11.86 -2.57
N GLY B 210 13.44 12.48 -2.07
CA GLY B 210 14.47 12.98 -2.95
C GLY B 210 14.03 14.16 -3.78
N ALA B 211 13.07 14.94 -3.27
CA ALA B 211 12.59 16.09 -4.02
C ALA B 211 13.74 17.04 -4.28
N HIS B 212 13.73 17.65 -5.47
CA HIS B 212 14.88 18.43 -5.89
C HIS B 212 14.97 19.77 -5.17
N LEU B 213 13.91 20.19 -4.48
CA LEU B 213 13.98 21.42 -3.70
C LEU B 213 12.90 21.40 -2.63
N CYS B 214 13.21 21.98 -1.47
CA CYS B 214 12.20 22.23 -0.44
C CYS B 214 12.40 23.63 0.09
N LEU B 215 11.31 24.39 0.15
CA LEU B 215 11.33 25.74 0.70
C LEU B 215 10.40 25.77 1.91
N ILE B 216 10.93 26.13 3.06
CA ILE B 216 10.15 26.23 4.28
C ILE B 216 10.34 27.64 4.85
N PRO B 217 9.38 28.17 5.61
CA PRO B 217 9.58 29.52 6.17
C PRO B 217 10.79 29.63 7.07
N GLU B 218 11.22 28.54 7.70
CA GLU B 218 12.28 28.60 8.68
C GLU B 218 13.64 28.95 8.09
N GLU B 219 13.84 28.76 6.79
CA GLU B 219 15.14 29.00 6.20
C GLU B 219 15.33 30.43 5.70
N PHE B 220 14.30 31.27 5.80
CA PHE B 220 14.41 32.66 5.36
C PHE B 220 14.93 33.51 6.51
N LYS B 221 16.01 34.26 6.22
CA LYS B 221 16.65 35.07 7.26
C LYS B 221 15.75 36.24 7.67
N GLN B 222 15.21 36.97 6.70
CA GLN B 222 14.44 38.16 6.99
C GLN B 222 13.11 37.78 7.64
N ASP B 223 12.52 38.74 8.34
CA ASP B 223 11.28 38.49 9.08
C ASP B 223 10.08 38.34 8.15
N GLU B 224 10.12 38.94 6.97
CA GLU B 224 9.02 38.87 6.02
C GLU B 224 9.56 38.40 4.67
N ILE B 225 8.90 37.43 4.08
CA ILE B 225 9.32 36.87 2.80
C ILE B 225 8.67 37.68 1.70
N GLU B 226 9.38 37.84 0.59
CA GLU B 226 8.84 38.53 -0.58
C GLU B 226 8.44 37.51 -1.64
N PHE B 227 7.32 37.77 -2.31
CA PHE B 227 6.85 36.87 -3.35
C PHE B 227 7.89 36.67 -4.44
N GLU B 228 8.60 37.74 -4.80
CA GLU B 228 9.62 37.63 -5.84
C GLU B 228 10.73 36.67 -5.41
N ASP B 229 11.13 36.73 -4.14
CA ASP B 229 12.21 35.85 -3.66
C ASP B 229 11.84 34.38 -3.82
N VAL B 230 10.58 34.05 -3.52
CA VAL B 230 10.14 32.67 -3.66
C VAL B 230 10.19 32.24 -5.12
N VAL B 231 9.68 33.09 -6.02
CA VAL B 231 9.70 32.74 -7.43
C VAL B 231 11.14 32.51 -7.89
N GLU B 232 12.06 33.39 -7.50
CA GLU B 232 13.43 33.30 -7.98
C GLU B 232 14.16 32.09 -7.41
N LEU B 233 13.84 31.69 -6.18
CA LEU B 233 14.47 30.49 -5.63
C LEU B 233 14.10 29.25 -6.43
N VAL B 234 12.84 29.11 -6.82
CA VAL B 234 12.43 28.01 -7.69
C VAL B 234 13.00 28.20 -9.08
N GLU B 235 13.06 29.45 -9.56
CA GLU B 235 13.59 29.71 -10.89
C GLU B 235 15.05 29.30 -11.01
N ALA B 236 15.86 29.62 -9.99
CA ALA B 236 17.27 29.25 -10.02
C ALA B 236 17.44 27.73 -10.04
N THR B 237 16.63 27.01 -9.26
CA THR B 237 16.72 25.55 -9.24
C THR B 237 16.37 24.97 -10.59
N ILE B 238 15.28 25.46 -11.20
CA ILE B 238 14.86 24.90 -12.49
C ILE B 238 15.95 25.12 -13.53
N LEU B 239 16.59 26.28 -13.51
CA LEU B 239 17.64 26.56 -14.49
C LEU B 239 18.86 25.67 -14.25
N LYS B 240 19.28 25.51 -13.00
CA LYS B 240 20.46 24.69 -12.74
C LYS B 240 20.22 23.25 -13.19
N ARG B 241 19.04 22.70 -12.88
CA ARG B 241 18.70 21.40 -13.40
C ARG B 241 18.74 21.40 -14.91
N LEU B 242 18.21 22.47 -15.53
CA LEU B 242 18.21 22.56 -16.99
C LEU B 242 19.63 22.61 -17.53
N ALA B 243 20.56 23.18 -16.78
CA ALA B 243 21.96 23.23 -17.21
C ALA B 243 22.61 21.85 -17.22
N TYR B 244 22.01 20.86 -16.54
CA TYR B 244 22.50 19.49 -16.57
C TYR B 244 21.63 18.58 -17.44
N GLY B 245 20.82 19.16 -18.31
CA GLY B 245 20.02 18.37 -19.23
C GLY B 245 18.70 17.86 -18.68
N LYS B 246 18.25 18.41 -17.55
CA LYS B 246 17.02 17.96 -16.90
C LYS B 246 16.03 19.11 -16.84
N ASN B 247 14.95 18.98 -17.62
CA ASN B 247 13.87 19.96 -17.68
C ASN B 247 12.66 19.50 -16.88
N TYR B 248 12.90 18.80 -15.77
CA TYR B 248 11.84 18.26 -14.94
C TYR B 248 12.32 18.20 -13.50
N GLY B 249 11.39 18.04 -12.57
CA GLY B 249 11.72 17.93 -11.17
C GLY B 249 10.47 18.04 -10.32
N VAL B 250 10.69 18.05 -9.01
CA VAL B 250 9.63 18.26 -8.03
C VAL B 250 10.14 19.21 -6.96
N CYS B 251 9.35 20.23 -6.64
CA CYS B 251 9.69 21.20 -5.59
C CYS B 251 8.59 21.21 -4.55
N VAL B 252 8.97 21.08 -3.28
CA VAL B 252 8.03 21.05 -2.17
C VAL B 252 8.04 22.40 -1.48
N LEU B 253 6.86 22.94 -1.23
CA LEU B 253 6.70 24.25 -0.61
C LEU B 253 5.86 24.09 0.64
N ALA B 254 6.42 24.46 1.79
CA ALA B 254 5.62 24.52 3.00
C ALA B 254 4.54 25.58 2.83
N GLU B 255 3.31 25.23 3.18
CA GLU B 255 2.25 26.22 3.10
C GLU B 255 2.53 27.40 4.02
N GLY B 256 3.40 27.21 5.02
CA GLY B 256 3.76 28.27 5.94
C GLY B 256 4.50 29.41 5.31
N LEU B 257 5.01 29.26 4.08
CA LEU B 257 5.61 30.38 3.39
C LEU B 257 4.62 31.53 3.30
N VAL B 258 3.33 31.21 3.13
CA VAL B 258 2.32 32.25 2.98
C VAL B 258 2.19 33.07 4.25
N SER B 259 2.25 32.42 5.42
CA SER B 259 2.06 33.10 6.68
C SER B 259 3.28 33.92 7.13
N LYS B 260 4.41 33.82 6.43
CA LYS B 260 5.55 34.69 6.68
C LYS B 260 5.67 35.82 5.67
N MET B 261 4.80 35.85 4.65
CA MET B 261 4.92 36.81 3.57
C MET B 261 4.51 38.22 4.01
N SER B 262 5.17 39.20 3.43
CA SER B 262 4.89 40.60 3.71
C SER B 262 3.52 40.99 3.17
N LYS B 263 3.10 42.22 3.49
CA LYS B 263 1.85 42.74 2.95
C LYS B 263 1.93 42.87 1.43
N LYS B 264 3.04 43.41 0.92
CA LYS B 264 3.19 43.54 -0.52
C LYS B 264 3.19 42.18 -1.20
N ALA B 265 3.87 41.20 -0.59
CA ALA B 265 3.91 39.85 -1.16
C ALA B 265 2.52 39.23 -1.22
N LEU B 266 1.72 39.41 -0.17
CA LEU B 266 0.37 38.85 -0.17
C LEU B 266 -0.51 39.50 -1.24
N TYR B 267 -0.32 40.78 -1.52
CA TYR B 267 -1.08 41.43 -2.59
C TYR B 267 -0.83 40.75 -3.93
N LYS B 268 0.45 40.48 -4.24
CA LYS B 268 0.78 39.75 -5.47
C LYS B 268 0.31 38.30 -5.40
N LEU B 269 0.32 37.71 -4.21
CA LEU B 269 -0.07 36.31 -4.07
C LEU B 269 -1.52 36.10 -4.46
N PHE B 270 -2.40 37.02 -4.09
CA PHE B 270 -3.82 36.92 -4.38
C PHE B 270 -4.16 37.50 -5.74
N GLY B 271 -3.20 37.58 -6.66
CA GLY B 271 -3.49 38.03 -8.01
C GLY B 271 -3.50 39.54 -8.21
N ASN B 272 -2.63 40.26 -7.51
CA ASN B 272 -2.66 41.73 -7.55
C ASN B 272 -4.05 42.23 -7.17
N ARG B 273 -4.70 41.49 -6.27
CA ARG B 273 -5.99 41.82 -5.70
C ARG B 273 -5.80 42.17 -4.23
N GLU B 274 -6.83 42.77 -3.65
CA GLU B 274 -6.85 42.98 -2.22
C GLU B 274 -6.97 41.62 -1.54
N PRO B 275 -6.12 41.29 -0.56
CA PRO B 275 -6.25 39.99 0.12
C PRO B 275 -7.62 39.86 0.76
N PRO B 276 -8.23 38.68 0.66
CA PRO B 276 -9.54 38.48 1.31
C PRO B 276 -9.42 38.57 2.83
N THR B 277 -10.55 38.95 3.46
CA THR B 277 -10.60 39.10 4.90
C THR B 277 -11.91 38.48 5.40
N ASP B 278 -11.88 37.98 6.63
CA ASP B 278 -13.07 37.42 7.25
C ASP B 278 -13.85 38.55 7.91
N PRO B 279 -15.02 38.25 8.50
CA PRO B 279 -15.82 39.35 9.09
C PRO B 279 -15.08 40.15 10.14
N HIS B 280 -14.19 39.53 10.91
CA HIS B 280 -13.52 40.18 12.02
C HIS B 280 -12.18 40.80 11.64
N GLY B 281 -11.73 40.64 10.40
CA GLY B 281 -10.53 41.28 9.92
C GLY B 281 -9.32 40.39 9.73
N HIS B 282 -9.45 39.08 9.95
CA HIS B 282 -8.32 38.17 9.78
C HIS B 282 -8.19 37.81 8.30
N ILE B 283 -7.02 38.02 7.71
CA ILE B 283 -6.80 37.66 6.33
C ILE B 283 -7.06 36.16 6.15
N LEU B 284 -7.69 35.81 5.03
CA LEU B 284 -8.10 34.44 4.77
C LEU B 284 -7.00 33.75 3.97
N LEU B 285 -6.01 33.21 4.68
CA LEU B 285 -4.87 32.57 4.03
C LEU B 285 -5.21 31.20 3.43
N ASP B 286 -6.31 30.58 3.84
CA ASP B 286 -6.68 29.31 3.26
C ASP B 286 -7.00 29.46 1.78
N ASP B 287 -7.62 30.57 1.40
CA ASP B 287 -7.97 30.82 0.02
C ASP B 287 -6.75 31.04 -0.86
N ALA B 288 -5.59 31.33 -0.26
CA ALA B 288 -4.38 31.49 -1.04
C ALA B 288 -3.98 30.16 -1.66
N GLU B 289 -3.50 30.21 -2.90
CA GLU B 289 -3.02 29.04 -3.62
C GLU B 289 -1.57 29.32 -4.01
N LEU B 290 -0.65 29.05 -3.09
CA LEU B 290 0.75 29.41 -3.30
C LEU B 290 1.32 28.69 -4.51
N ALA B 291 1.14 27.37 -4.58
CA ALA B 291 1.73 26.60 -5.67
C ALA B 291 1.18 27.05 -7.02
N ARG B 292 -0.11 27.35 -7.07
CA ARG B 292 -0.72 27.77 -8.33
C ARG B 292 -0.18 29.12 -8.79
N SER B 293 -0.11 30.10 -7.88
CA SER B 293 0.36 31.42 -8.27
C SER B 293 1.82 31.39 -8.71
N LEU B 294 2.66 30.66 -7.97
CA LEU B 294 4.07 30.57 -8.36
C LEU B 294 4.20 29.91 -9.73
N SER B 295 3.37 28.91 -10.02
CA SER B 295 3.43 28.27 -11.32
C SER B 295 3.11 29.26 -12.43
N GLU B 296 2.09 30.09 -12.23
CA GLU B 296 1.70 31.03 -13.27
C GLU B 296 2.86 31.97 -13.60
N GLU B 297 3.48 32.54 -12.57
CA GLU B 297 4.59 33.46 -12.80
C GLU B 297 5.76 32.74 -13.46
N LEU B 298 6.07 31.52 -12.99
CA LEU B 298 7.22 30.81 -13.54
C LEU B 298 6.98 30.40 -15.00
N LEU B 299 5.73 30.07 -15.37
CA LEU B 299 5.46 29.72 -16.76
C LEU B 299 5.72 30.90 -17.69
N LYS B 300 5.42 32.13 -17.24
CA LYS B 300 5.73 33.29 -18.08
C LYS B 300 7.23 33.39 -18.35
N ARG B 301 8.05 33.16 -17.32
CA ARG B 301 9.48 33.37 -17.46
C ARG B 301 10.18 32.20 -18.11
N LEU B 302 9.69 30.98 -17.92
CA LEU B 302 10.41 29.77 -18.29
C LEU B 302 9.68 28.90 -19.31
N GLY B 303 8.46 29.26 -19.72
CA GLY B 303 7.75 28.46 -20.70
C GLY B 303 8.49 28.38 -22.02
N ASN B 304 9.09 29.49 -22.45
CA ASN B 304 9.82 29.52 -23.71
C ASN B 304 10.99 28.54 -23.74
N LEU B 305 11.51 28.15 -22.59
CA LEU B 305 12.63 27.22 -22.51
C LEU B 305 12.20 25.76 -22.61
N GLY B 306 10.91 25.49 -22.79
CA GLY B 306 10.43 24.13 -22.78
C GLY B 306 10.06 23.59 -21.42
N ILE B 307 9.79 24.47 -20.46
CA ILE B 307 9.49 24.06 -19.09
C ILE B 307 7.98 24.16 -18.90
N ARG B 308 7.38 23.09 -18.39
CA ARG B 308 5.97 23.07 -18.01
C ARG B 308 5.91 22.90 -16.49
N ILE B 309 4.97 23.58 -15.86
CA ILE B 309 4.85 23.58 -14.40
C ILE B 309 3.40 23.37 -14.02
N THR B 310 3.17 22.50 -13.03
CA THR B 310 1.84 22.16 -12.56
C THR B 310 1.85 22.11 -11.04
N PRO B 311 0.89 22.75 -10.38
CA PRO B 311 0.81 22.67 -8.92
C PRO B 311 0.07 21.42 -8.47
N LYS B 312 0.26 21.08 -7.20
CA LYS B 312 -0.37 19.91 -6.61
C LYS B 312 -0.37 20.07 -5.10
N LYS B 313 -1.52 19.89 -4.47
CA LYS B 313 -1.65 19.98 -3.02
C LYS B 313 -1.64 18.60 -2.38
N ILE B 314 -0.92 18.47 -1.29
CA ILE B 314 -0.88 17.25 -0.49
C ILE B 314 -1.37 17.64 0.90
N GLY B 315 -2.67 17.49 1.11
CA GLY B 315 -3.34 17.92 2.31
C GLY B 315 -4.14 16.86 3.05
N TYR B 316 -5.46 16.95 2.84
CA TYR B 316 -6.44 16.21 3.61
C TYR B 316 -6.36 14.71 3.42
N GLU B 317 -5.73 14.22 2.35
CA GLU B 317 -5.62 12.78 2.16
C GLU B 317 -4.65 12.12 3.14
N LEU B 318 -3.86 12.90 3.88
CA LEU B 318 -2.96 12.32 4.88
C LEU B 318 -3.60 12.17 6.26
N ARG B 319 -4.62 12.98 6.58
CA ARG B 319 -5.07 13.16 7.96
C ARG B 319 -5.71 11.91 8.55
N CYS B 320 -6.41 11.11 7.76
CA CYS B 320 -7.08 9.92 8.28
C CYS B 320 -6.55 8.64 7.64
N ALA B 321 -5.29 8.64 7.21
CA ALA B 321 -4.67 7.41 6.78
C ALA B 321 -4.52 6.46 7.96
N ASP B 322 -4.54 5.16 7.67
CA ASP B 322 -4.33 4.19 8.73
C ASP B 322 -2.93 4.35 9.32
N PRO B 323 -2.78 4.21 10.63
CA PRO B 323 -1.46 4.46 11.24
C PRO B 323 -0.41 3.44 10.81
N VAL B 324 0.82 3.92 10.65
CA VAL B 324 1.98 3.05 10.46
C VAL B 324 2.37 2.50 11.82
N ALA B 325 3.21 1.45 11.83
CA ALA B 325 3.50 0.75 13.08
C ALA B 325 4.11 1.68 14.12
N PHE B 326 4.89 2.67 13.69
CA PHE B 326 5.50 3.58 14.66
C PHE B 326 4.44 4.35 15.42
N ASP B 327 3.41 4.81 14.73
CA ASP B 327 2.31 5.53 15.39
C ASP B 327 1.37 4.58 16.13
N ALA B 328 1.21 3.35 15.66
CA ALA B 328 0.39 2.39 16.41
C ALA B 328 0.99 2.11 17.78
N VAL B 329 2.30 1.89 17.86
CA VAL B 329 2.94 1.69 19.15
C VAL B 329 2.93 2.98 19.98
N TYR B 330 3.20 4.12 19.32
CA TYR B 330 3.24 5.40 20.02
C TYR B 330 1.90 5.69 20.69
N THR B 331 0.80 5.57 19.94
CA THR B 331 -0.50 5.94 20.51
C THR B 331 -0.99 4.92 21.51
N ARG B 332 -0.58 3.65 21.38
CA ARG B 332 -0.92 2.68 22.42
C ARG B 332 -0.26 3.06 23.74
N GLU B 333 1.02 3.46 23.68
CA GLU B 333 1.73 3.86 24.89
C GLU B 333 1.18 5.16 25.46
N LEU B 334 0.70 6.06 24.61
CA LEU B 334 0.11 7.30 25.11
C LEU B 334 -1.21 7.02 25.83
N GLY B 335 -2.07 6.19 25.22
CA GLY B 335 -3.33 5.87 25.87
C GLY B 335 -3.12 5.20 27.22
N TYR B 336 -2.17 4.27 27.30
CA TYR B 336 -1.81 3.70 28.59
C TYR B 336 -1.29 4.77 29.54
N GLY B 337 -0.42 5.67 29.03
CA GLY B 337 0.17 6.69 29.88
C GLY B 337 -0.84 7.68 30.45
N ALA B 338 -1.91 7.98 29.71
CA ALA B 338 -2.96 8.83 30.25
C ALA B 338 -3.66 8.15 31.43
N ILE B 339 -3.95 6.85 31.29
CA ILE B 339 -4.57 6.11 32.40
C ILE B 339 -3.61 6.05 33.58
N ASP B 340 -2.32 5.88 33.30
CA ASP B 340 -1.34 5.84 34.38
C ASP B 340 -1.31 7.17 35.13
N ALA B 341 -1.38 8.28 34.40
CA ALA B 341 -1.39 9.58 35.06
C ALA B 341 -2.62 9.73 35.95
N PHE B 342 -3.80 9.30 35.47
CA PHE B 342 -5.00 9.37 36.29
C PHE B 342 -4.82 8.59 37.59
N LEU B 343 -4.30 7.37 37.48
CA LEU B 343 -4.11 6.54 38.67
C LEU B 343 -3.13 7.16 39.65
N ASN B 344 -2.15 7.91 39.15
CA ASN B 344 -1.11 8.48 40.00
C ASN B 344 -1.47 9.88 40.50
N GLY B 345 -2.71 10.31 40.34
CA GLY B 345 -3.18 11.56 40.90
C GLY B 345 -2.83 12.80 40.13
N HIS B 346 -2.28 12.67 38.93
CA HIS B 346 -1.90 13.81 38.11
C HIS B 346 -3.13 14.47 37.48
N SER B 347 -3.04 15.78 37.29
CA SER B 347 -4.07 16.55 36.62
C SER B 347 -3.44 17.80 36.02
N ALA B 348 -4.14 18.40 35.06
CA ALA B 348 -3.65 19.55 34.33
C ALA B 348 -2.26 19.27 33.76
N ALA B 349 -2.11 18.08 33.18
CA ALA B 349 -0.84 17.65 32.64
C ALA B 349 -1.06 17.07 31.25
N LEU B 350 0.00 17.11 30.46
CA LEU B 350 0.01 16.60 29.10
C LEU B 350 0.88 15.35 29.04
N ILE B 351 0.34 14.29 28.45
CA ILE B 351 1.06 13.02 28.34
C ILE B 351 1.99 13.10 27.14
N VAL B 352 3.29 13.06 27.39
CA VAL B 352 4.30 13.10 26.33
C VAL B 352 5.27 11.95 26.56
N ARG B 353 5.92 11.53 25.48
CA ARG B 353 6.93 10.47 25.54
C ARG B 353 8.28 11.08 25.23
N GLU B 354 9.24 10.84 26.13
CA GLU B 354 10.60 11.37 26.00
C GLU B 354 11.59 10.28 26.38
N ASN B 355 12.59 10.07 25.51
CA ASN B 355 13.62 9.07 25.74
C ASN B 355 12.99 7.70 26.03
N GLY B 356 11.92 7.39 25.30
CA GLY B 356 11.25 6.12 25.45
C GLY B 356 10.46 5.93 26.72
N GLN B 357 10.10 7.01 27.42
CA GLN B 357 9.35 6.91 28.66
C GLN B 357 8.14 7.84 28.57
N VAL B 358 6.95 7.29 28.79
CA VAL B 358 5.73 8.08 28.81
C VAL B 358 5.50 8.62 30.21
N LYS B 359 5.38 9.94 30.32
CA LYS B 359 5.22 10.60 31.61
C LYS B 359 4.30 11.80 31.44
N PRO B 360 3.58 12.19 32.49
CA PRO B 360 2.83 13.45 32.42
C PRO B 360 3.73 14.65 32.69
N VAL B 361 3.42 15.75 32.00
CA VAL B 361 4.17 17.01 32.13
C VAL B 361 3.16 18.14 32.31
N GLN B 362 3.27 18.88 33.40
CA GLN B 362 2.26 19.89 33.69
C GLN B 362 2.17 20.91 32.56
N PHE B 363 0.93 21.31 32.25
CA PHE B 363 0.69 22.22 31.14
C PHE B 363 1.44 23.53 31.33
N LYS B 364 1.43 24.08 32.54
CA LYS B 364 2.08 25.36 32.80
C LYS B 364 3.58 25.27 32.59
N ASP B 365 4.18 24.12 32.86
CA ASP B 365 5.62 23.94 32.62
C ASP B 365 5.97 24.04 31.13
N LEU B 366 5.02 23.81 30.24
CA LEU B 366 5.27 23.82 28.80
C LEU B 366 4.98 25.16 28.15
N LEU B 367 4.44 26.12 28.91
CA LEU B 367 4.10 27.42 28.38
C LEU B 367 5.35 28.28 28.20
N ASP B 368 5.34 29.09 27.14
CA ASP B 368 6.40 30.08 26.95
C ASP B 368 6.03 31.36 27.68
N PRO B 369 6.82 31.78 28.69
CA PRO B 369 6.38 32.92 29.52
C PRO B 369 6.16 34.21 28.75
N ALA B 370 6.86 34.40 27.63
CA ALA B 370 6.69 35.64 26.86
C ALA B 370 5.30 35.73 26.24
N THR B 371 4.71 34.60 25.85
CA THR B 371 3.47 34.57 25.09
C THR B 371 2.26 34.11 25.88
N GLY B 372 2.44 33.19 26.84
CA GLY B 372 1.34 32.56 27.50
C GLY B 372 0.80 31.32 26.83
N ARG B 373 1.30 30.97 25.64
CA ARG B 373 0.93 29.74 24.97
C ARG B 373 2.09 28.76 24.94
N VAL B 374 1.78 27.52 24.57
CA VAL B 374 2.81 26.51 24.41
C VAL B 374 3.79 26.98 23.35
N ARG B 375 5.08 26.80 23.61
CA ARG B 375 6.10 27.17 22.63
C ARG B 375 5.98 26.27 21.40
N THR B 376 6.28 26.84 20.24
CA THR B 376 6.17 26.13 18.97
C THR B 376 7.54 25.69 18.48
N ARG B 377 7.71 24.39 18.27
CA ARG B 377 8.96 23.85 17.72
C ARG B 377 8.89 23.88 16.21
N LEU B 378 9.85 24.58 15.60
CA LEU B 378 10.01 24.70 14.16
C LEU B 378 11.23 23.89 13.72
N VAL B 379 11.47 23.88 12.42
CA VAL B 379 12.65 23.19 11.90
C VAL B 379 13.91 23.92 12.36
N ASP B 380 14.87 23.16 12.87
CA ASP B 380 16.16 23.71 13.30
C ASP B 380 17.07 23.74 12.09
N VAL B 381 17.19 24.92 11.45
CA VAL B 381 17.95 25.01 10.21
C VAL B 381 19.45 25.05 10.41
N THR B 382 19.91 25.16 11.66
CA THR B 382 21.32 25.05 11.96
C THR B 382 21.76 23.61 12.22
N SER B 383 20.81 22.68 12.34
CA SER B 383 21.12 21.32 12.70
C SER B 383 21.81 20.58 11.55
N GLN B 384 22.50 19.50 11.91
CA GLN B 384 23.13 18.66 10.89
C GLN B 384 22.08 18.09 9.94
N SER B 385 20.90 17.76 10.46
CA SER B 385 19.87 17.12 9.63
C SER B 385 19.46 18.02 8.47
N PHE B 386 19.24 19.31 8.75
CA PHE B 386 18.83 20.24 7.70
C PHE B 386 19.95 20.46 6.69
N LYS B 387 21.20 20.51 7.14
CA LYS B 387 22.30 20.69 6.20
C LYS B 387 22.38 19.50 5.25
N VAL B 388 22.21 18.28 5.79
CA VAL B 388 22.26 17.08 4.95
C VAL B 388 21.12 17.10 3.94
N ALA B 389 19.92 17.47 4.38
CA ALA B 389 18.79 17.56 3.46
C ALA B 389 19.09 18.55 2.35
N ARG B 390 19.70 19.68 2.70
CA ARG B 390 20.01 20.71 1.71
C ARG B 390 21.05 20.23 0.70
N VAL B 391 21.93 19.32 1.10
CA VAL B 391 22.95 18.82 0.18
C VAL B 391 22.32 18.13 -1.01
N TYR B 392 21.31 17.29 -0.76
CA TYR B 392 20.71 16.47 -1.81
C TYR B 392 19.60 17.21 -2.57
N MET B 393 19.53 18.53 -2.40
CA MET B 393 18.69 19.38 -3.24
C MET B 393 19.51 19.96 -4.38
N TRP B 394 18.80 20.38 -5.44
CA TRP B 394 19.42 21.13 -6.53
C TRP B 394 19.20 22.61 -6.27
N ARG B 395 20.29 23.35 -6.13
CA ARG B 395 20.22 24.75 -5.76
C ARG B 395 21.58 25.39 -6.02
N MET B 396 21.59 26.72 -6.00
CA MET B 396 22.81 27.50 -6.15
C MET B 396 23.25 27.97 -4.77
N SER B 397 24.40 27.50 -4.32
CA SER B 397 24.96 27.86 -3.03
C SER B 397 25.74 29.16 -3.17
N LYS B 398 26.32 29.63 -2.06
CA LYS B 398 27.19 30.79 -2.14
C LYS B 398 28.36 30.55 -3.09
N LYS B 399 29.07 29.43 -2.91
CA LYS B 399 30.22 29.17 -3.76
C LYS B 399 29.79 28.93 -5.20
N ASP B 400 28.61 28.34 -5.41
CA ASP B 400 28.15 28.10 -6.78
C ASP B 400 28.03 29.40 -7.55
N TYR B 401 27.54 30.46 -6.92
CA TYR B 401 27.41 31.75 -7.61
C TYR B 401 28.77 32.32 -7.98
N GLU B 402 29.83 31.94 -7.25
CA GLU B 402 31.18 32.39 -7.58
C GLU B 402 31.87 31.52 -8.62
N ASN B 403 31.33 30.35 -8.94
CA ASN B 403 31.91 29.48 -9.96
C ASN B 403 31.43 29.97 -11.32
N LYS B 404 32.33 30.64 -12.06
CA LYS B 404 31.93 31.25 -13.32
C LYS B 404 31.61 30.20 -14.38
N ASP B 405 32.30 29.06 -14.38
CA ASP B 405 31.96 28.01 -15.33
C ASP B 405 30.52 27.55 -15.11
N LEU B 406 30.14 27.33 -13.86
CA LEU B 406 28.78 26.91 -13.56
C LEU B 406 27.78 28.02 -13.89
N VAL B 407 28.11 29.26 -13.53
CA VAL B 407 27.19 30.37 -13.77
C VAL B 407 26.98 30.58 -15.26
N ALA B 408 28.02 30.37 -16.07
CA ALA B 408 27.87 30.48 -17.51
C ALA B 408 26.94 29.40 -18.05
N ARG B 409 27.08 28.17 -17.55
CA ARG B 409 26.24 27.07 -18.03
C ARG B 409 24.77 27.32 -17.66
N VAL B 410 24.52 27.78 -16.44
CA VAL B 410 23.15 28.03 -16.00
C VAL B 410 22.53 29.19 -16.77
N ALA B 411 23.27 30.29 -16.94
CA ALA B 411 22.75 31.44 -17.67
C ALA B 411 22.39 31.07 -19.11
N ALA B 412 23.24 30.27 -19.77
CA ALA B 412 22.92 29.84 -21.12
C ALA B 412 21.64 29.03 -21.15
N ALA B 413 21.44 28.18 -20.13
CA ALA B 413 20.19 27.42 -20.06
C ALA B 413 18.98 28.34 -19.94
N GLY B 414 19.15 29.48 -19.27
CA GLY B 414 18.13 30.49 -19.08
C GLY B 414 18.03 31.54 -20.17
N LYS B 415 18.78 31.42 -21.27
CA LYS B 415 18.75 32.42 -22.35
C LYS B 415 19.06 33.82 -21.82
N MET B 416 20.18 33.92 -21.09
CA MET B 416 20.62 35.21 -20.56
C MET B 416 22.13 35.20 -20.40
N THR B 417 22.70 36.41 -20.33
CA THR B 417 24.14 36.55 -20.17
C THR B 417 24.56 36.18 -18.76
N PRO B 418 25.82 35.76 -18.57
CA PRO B 418 26.27 35.47 -17.19
C PRO B 418 26.16 36.66 -16.26
N GLU B 419 26.41 37.87 -16.77
CA GLU B 419 26.25 39.06 -15.95
C GLU B 419 24.80 39.29 -15.58
N ALA B 420 23.88 39.03 -16.52
CA ALA B 420 22.46 39.17 -16.23
C ALA B 420 22.01 38.17 -15.16
N PHE B 421 22.51 36.93 -15.24
CA PHE B 421 22.14 35.93 -14.25
C PHE B 421 22.57 36.34 -12.86
N THR B 422 23.82 36.80 -12.73
CA THR B 422 24.32 37.21 -11.41
C THR B 422 23.51 38.38 -10.88
N GLU B 423 23.10 39.29 -11.76
CA GLU B 423 22.33 40.45 -11.32
C GLU B 423 20.99 40.03 -10.73
N LYS B 424 20.34 39.05 -11.35
CA LYS B 424 18.97 38.71 -10.97
C LYS B 424 18.92 37.79 -9.76
N PHE B 425 19.84 36.82 -9.69
CA PHE B 425 19.71 35.73 -8.74
C PHE B 425 20.73 35.75 -7.61
N ALA B 426 21.86 36.44 -7.78
CA ALA B 426 22.93 36.32 -6.80
C ALA B 426 22.51 36.81 -5.43
N HIS B 427 21.56 37.75 -5.36
CA HIS B 427 21.13 38.27 -4.06
C HIS B 427 20.41 37.23 -3.22
N LEU B 428 20.02 36.10 -3.79
CA LEU B 428 19.27 35.11 -3.03
C LEU B 428 20.09 34.49 -1.91
N THR B 429 21.42 34.58 -1.97
CA THR B 429 22.23 34.08 -0.86
C THR B 429 22.01 34.90 0.41
N ASP B 430 21.47 36.10 0.28
CA ASP B 430 21.09 36.93 1.40
C ASP B 430 19.61 36.78 1.78
N VAL B 431 18.89 35.87 1.12
CA VAL B 431 17.48 35.64 1.41
C VAL B 431 17.27 34.43 2.31
N VAL B 432 18.04 33.35 2.11
CA VAL B 432 17.86 32.11 2.85
C VAL B 432 19.19 31.69 3.45
N VAL B 433 19.14 31.10 4.66
CA VAL B 433 20.36 30.63 5.31
C VAL B 433 21.04 29.60 4.43
N GLU B 434 22.37 29.57 4.48
CA GLU B 434 23.13 28.67 3.63
C GLU B 434 23.76 27.60 4.51
N GLU C 12 22.28 -9.98 -40.14
CA GLU C 12 21.98 -9.21 -38.93
C GLU C 12 20.53 -9.41 -38.50
N ALA C 13 20.30 -9.34 -37.19
CA ALA C 13 18.97 -9.58 -36.64
C ALA C 13 18.05 -8.39 -36.92
N PRO C 14 16.75 -8.65 -37.04
CA PRO C 14 15.81 -7.55 -37.27
C PRO C 14 15.78 -6.60 -36.08
N VAL C 15 15.53 -5.32 -36.36
CA VAL C 15 15.57 -4.28 -35.35
C VAL C 15 14.15 -3.85 -35.05
N LEU C 16 13.77 -3.94 -33.78
CA LEU C 16 12.50 -3.45 -33.27
C LEU C 16 12.77 -2.15 -32.52
N GLY C 17 12.09 -1.08 -32.90
CA GLY C 17 12.21 0.19 -32.22
C GLY C 17 10.90 0.53 -31.55
N ILE C 18 10.99 0.99 -30.29
CA ILE C 18 9.82 1.23 -29.46
C ILE C 18 9.88 2.67 -28.94
N LEU C 19 8.74 3.35 -28.99
CA LEU C 19 8.64 4.68 -28.39
C LEU C 19 7.29 4.81 -27.70
N CYS C 20 7.21 5.75 -26.76
CA CYS C 20 5.96 6.10 -26.10
C CYS C 20 5.62 7.54 -26.38
N GLY C 21 4.34 7.80 -26.66
CA GLY C 21 3.86 9.16 -26.85
C GLY C 21 2.62 9.40 -26.01
N GLY C 22 2.36 10.68 -25.76
CA GLY C 22 1.21 11.07 -24.96
C GLY C 22 1.53 11.08 -23.47
N GLY C 23 0.46 11.09 -22.68
CA GLY C 23 0.59 11.04 -21.25
C GLY C 23 0.82 9.63 -20.76
N PRO C 24 1.60 9.46 -19.69
CA PRO C 24 1.84 8.11 -19.17
C PRO C 24 0.59 7.50 -18.56
N ALA C 25 0.54 6.17 -18.58
CA ALA C 25 -0.48 5.37 -17.92
C ALA C 25 0.21 4.17 -17.27
N PRO C 26 -0.32 3.70 -16.14
CA PRO C 26 0.32 2.54 -15.48
C PRO C 26 0.33 1.33 -16.40
N GLY C 27 1.49 0.69 -16.51
CA GLY C 27 1.65 -0.46 -17.38
C GLY C 27 2.37 -0.20 -18.68
N LEU C 28 2.77 1.04 -18.96
CA LEU C 28 3.59 1.27 -20.14
C LEU C 28 4.81 0.36 -20.14
N ASN C 29 5.52 0.31 -19.00
CA ASN C 29 6.66 -0.60 -18.89
C ASN C 29 6.24 -2.05 -19.14
N GLY C 30 5.01 -2.41 -18.82
CA GLY C 30 4.56 -3.77 -19.07
C GLY C 30 4.55 -4.10 -20.56
N VAL C 31 4.04 -3.18 -21.37
CA VAL C 31 4.05 -3.39 -22.81
C VAL C 31 5.47 -3.45 -23.31
N ILE C 32 6.32 -2.52 -22.85
CA ILE C 32 7.71 -2.49 -23.32
C ILE C 32 8.43 -3.80 -22.98
N ALA C 33 8.23 -4.30 -21.76
CA ALA C 33 8.91 -5.53 -21.38
C ALA C 33 8.31 -6.74 -22.11
N GLY C 34 6.98 -6.76 -22.28
CA GLY C 34 6.37 -7.87 -22.98
C GLY C 34 6.84 -7.97 -24.43
N ALA C 35 6.87 -6.83 -25.13
CA ALA C 35 7.35 -6.83 -26.50
C ALA C 35 8.83 -7.16 -26.58
N THR C 36 9.63 -6.58 -25.67
CA THR C 36 11.08 -6.74 -25.76
C THR C 36 11.50 -8.15 -25.43
N LEU C 37 10.96 -8.71 -24.35
CA LEU C 37 11.39 -10.04 -23.91
C LEU C 37 11.09 -11.10 -24.96
N TYR C 38 9.89 -11.07 -25.53
CA TYR C 38 9.56 -12.02 -26.59
C TYR C 38 10.45 -11.81 -27.81
N ALA C 39 10.67 -10.54 -28.19
CA ALA C 39 11.51 -10.26 -29.35
C ALA C 39 12.94 -10.74 -29.12
N LEU C 40 13.44 -10.61 -27.89
CA LEU C 40 14.80 -11.08 -27.61
C LEU C 40 14.89 -12.59 -27.75
N ARG C 41 13.84 -13.31 -27.37
CA ARG C 41 13.80 -14.76 -27.56
C ARG C 41 13.77 -15.15 -29.03
N LEU C 42 13.29 -14.27 -29.90
CA LEU C 42 13.33 -14.52 -31.34
C LEU C 42 14.65 -14.12 -31.97
N GLY C 43 15.56 -13.53 -31.19
CA GLY C 43 16.83 -13.07 -31.72
C GLY C 43 16.85 -11.65 -32.25
N TRP C 44 15.77 -10.90 -32.10
CA TRP C 44 15.73 -9.53 -32.58
C TRP C 44 16.60 -8.62 -31.74
N LYS C 45 17.06 -7.53 -32.36
CA LYS C 45 17.69 -6.41 -31.67
C LYS C 45 16.60 -5.40 -31.35
N VAL C 46 16.56 -4.91 -30.11
CA VAL C 46 15.52 -4.00 -29.66
C VAL C 46 16.16 -2.72 -29.19
N ILE C 47 15.61 -1.59 -29.64
CA ILE C 47 16.05 -0.25 -29.27
C ILE C 47 14.84 0.55 -28.86
N GLY C 48 15.07 1.58 -28.05
CA GLY C 48 13.99 2.43 -27.59
C GLY C 48 14.28 3.91 -27.76
N PHE C 49 13.37 4.63 -28.40
CA PHE C 49 13.53 6.08 -28.54
C PHE C 49 13.05 6.80 -27.29
N MET C 50 13.91 7.66 -26.74
CA MET C 50 13.54 8.44 -25.56
C MET C 50 12.64 9.60 -25.96
N GLU C 51 11.58 9.81 -25.17
CA GLU C 51 10.67 10.94 -25.37
C GLU C 51 9.94 10.87 -26.71
N GLY C 52 9.45 9.68 -27.05
CA GLY C 52 8.57 9.55 -28.19
C GLY C 52 9.24 9.99 -29.47
N PHE C 53 8.54 10.85 -30.21
CA PHE C 53 9.00 11.36 -31.50
C PHE C 53 9.84 12.61 -31.36
N LYS C 54 10.13 13.05 -30.13
CA LYS C 54 10.75 14.36 -29.94
C LYS C 54 12.03 14.51 -30.75
N TYR C 55 12.94 13.53 -30.65
CA TYR C 55 14.23 13.62 -31.33
C TYR C 55 14.19 13.04 -32.73
N LEU C 56 13.31 12.08 -33.00
CA LEU C 56 13.12 11.62 -34.37
C LEU C 56 12.61 12.72 -35.27
N CYS C 57 12.00 13.76 -34.70
CA CYS C 57 11.53 14.89 -35.51
C CYS C 57 12.69 15.77 -35.98
N THR C 58 13.82 15.77 -35.27
CA THR C 58 14.93 16.62 -35.68
C THR C 58 15.51 16.19 -37.03
N GLY C 59 15.57 14.88 -37.30
CA GLY C 59 16.21 14.38 -38.49
C GLY C 59 17.70 14.23 -38.39
N ASP C 60 18.31 14.73 -37.31
CA ASP C 60 19.75 14.60 -37.11
C ASP C 60 20.01 13.23 -36.49
N VAL C 61 20.64 12.34 -37.27
CA VAL C 61 20.90 11.00 -36.77
C VAL C 61 21.87 11.02 -35.59
N ASP C 62 22.75 12.02 -35.54
CA ASP C 62 23.64 12.15 -34.40
C ASP C 62 22.86 12.39 -33.11
N VAL C 63 21.84 13.27 -33.17
CA VAL C 63 21.03 13.60 -32.00
C VAL C 63 20.18 12.41 -31.58
N VAL C 64 19.58 11.71 -32.56
CA VAL C 64 18.71 10.59 -32.22
C VAL C 64 19.49 9.50 -31.49
N LYS C 65 20.69 9.17 -31.97
CA LYS C 65 21.46 8.12 -31.32
C LYS C 65 21.81 8.49 -29.89
N ALA C 66 22.06 9.77 -29.63
CA ALA C 66 22.34 10.22 -28.27
C ALA C 66 21.12 10.10 -27.37
N HIS C 67 19.95 9.90 -27.93
CA HIS C 67 18.71 9.75 -27.18
C HIS C 67 17.98 8.50 -27.63
N THR C 68 18.72 7.43 -27.90
CA THR C 68 18.18 6.09 -28.06
C THR C 68 19.03 5.15 -27.24
N ILE C 69 18.38 4.11 -26.72
CA ILE C 69 19.07 3.15 -25.87
C ILE C 69 18.78 1.74 -26.36
N ASP C 70 19.68 0.82 -26.04
CA ASP C 70 19.50 -0.58 -26.36
C ASP C 70 18.64 -1.22 -25.27
N LEU C 71 17.45 -1.69 -25.65
CA LEU C 71 16.54 -2.36 -24.71
C LEU C 71 16.98 -3.81 -24.65
N THR C 72 17.73 -4.15 -23.62
CA THR C 72 18.32 -5.47 -23.47
C THR C 72 17.55 -6.26 -22.41
N TYR C 73 17.87 -7.55 -22.32
CA TYR C 73 17.21 -8.36 -21.30
C TYR C 73 17.39 -7.74 -19.93
N ASP C 74 18.61 -7.28 -19.62
CA ASP C 74 18.87 -6.72 -18.30
C ASP C 74 18.04 -5.48 -18.03
N ILE C 75 17.76 -4.69 -19.08
CA ILE C 75 17.03 -3.44 -18.88
C ILE C 75 15.56 -3.71 -18.53
N VAL C 76 14.94 -4.70 -19.17
CA VAL C 76 13.49 -4.87 -19.12
C VAL C 76 13.05 -6.08 -18.32
N SER C 77 13.98 -6.87 -17.80
CA SER C 77 13.57 -8.13 -17.16
C SER C 77 12.68 -7.90 -15.94
N ARG C 78 12.66 -6.68 -15.39
CA ARG C 78 11.88 -6.45 -14.18
C ARG C 78 11.17 -5.10 -14.15
N ILE C 79 11.00 -4.45 -15.31
CA ILE C 79 10.28 -3.18 -15.33
C ILE C 79 8.76 -3.36 -15.30
N HIS C 80 8.26 -4.59 -15.37
CA HIS C 80 6.83 -4.82 -15.26
C HIS C 80 6.27 -4.49 -13.88
N PHE C 81 7.14 -4.31 -12.88
CA PHE C 81 6.66 -3.86 -11.57
C PHE C 81 6.46 -2.35 -11.49
N GLN C 82 6.96 -1.58 -12.45
CA GLN C 82 7.17 -0.16 -12.27
C GLN C 82 6.20 0.66 -13.11
N GLY C 83 5.63 1.68 -12.49
CA GLY C 83 4.85 2.67 -13.22
C GLY C 83 5.76 3.60 -14.03
N GLY C 84 5.12 4.36 -14.92
CA GLY C 84 5.86 5.22 -15.81
C GLY C 84 6.44 4.43 -16.98
N THR C 85 7.36 5.09 -17.69
CA THR C 85 8.03 4.48 -18.83
C THR C 85 9.50 4.81 -18.77
N ILE C 86 10.36 3.79 -18.88
CA ILE C 86 11.80 4.00 -18.78
C ILE C 86 12.36 4.70 -20.00
N ILE C 87 11.65 4.67 -21.14
CA ILE C 87 12.07 5.43 -22.31
C ILE C 87 11.34 6.77 -22.42
N GLN C 88 10.68 7.20 -21.34
CA GLN C 88 10.01 8.49 -21.30
C GLN C 88 8.95 8.65 -22.38
N THR C 89 8.36 9.84 -22.46
CA THR C 89 7.33 10.12 -23.44
C THR C 89 7.28 11.61 -23.72
N SER C 90 6.61 11.95 -24.83
CA SER C 90 6.44 13.33 -25.25
C SER C 90 5.20 13.38 -26.12
N ARG C 91 4.68 14.60 -26.33
CA ARG C 91 3.59 14.82 -27.28
C ARG C 91 4.11 15.41 -28.58
N ALA C 92 5.43 15.43 -28.79
CA ALA C 92 5.99 15.84 -30.07
C ALA C 92 5.29 15.06 -31.18
N ASN C 93 4.82 15.77 -32.19
CA ASN C 93 3.88 15.22 -33.16
C ASN C 93 4.35 15.52 -34.58
N PRO C 94 4.93 14.54 -35.27
CA PRO C 94 5.43 14.79 -36.63
C PRO C 94 4.36 14.83 -37.70
N ARG C 95 3.11 14.44 -37.41
CA ARG C 95 2.11 14.34 -38.46
C ARG C 95 1.78 15.70 -39.06
N LYS C 96 2.02 16.79 -38.33
CA LYS C 96 1.69 18.10 -38.87
C LYS C 96 2.56 18.45 -40.07
N SER C 97 3.81 17.99 -40.10
CA SER C 97 4.73 18.36 -41.16
C SER C 97 5.39 17.12 -41.76
N PRO C 98 5.40 16.98 -43.10
CA PRO C 98 6.23 15.94 -43.73
C PRO C 98 7.71 16.25 -43.63
N GLU C 99 8.08 17.52 -43.41
CA GLU C 99 9.48 17.80 -43.11
C GLU C 99 9.89 17.04 -41.86
N LEU C 100 9.01 17.03 -40.84
CA LEU C 100 9.28 16.24 -39.64
C LEU C 100 9.05 14.75 -39.89
N GLN C 101 8.02 14.41 -40.68
CA GLN C 101 7.76 13.00 -40.97
C GLN C 101 8.92 12.37 -41.74
N GLU C 102 9.43 13.08 -42.75
CA GLU C 102 10.58 12.59 -43.50
C GLU C 102 11.84 12.56 -42.64
N ASN C 103 11.96 13.49 -41.68
CA ASN C 103 13.07 13.43 -40.73
C ASN C 103 12.97 12.15 -39.91
N VAL C 104 11.76 11.81 -39.48
CA VAL C 104 11.55 10.55 -38.76
C VAL C 104 11.87 9.38 -39.67
N ARG C 105 11.47 9.47 -40.95
CA ARG C 105 11.77 8.41 -41.89
C ARG C 105 13.28 8.26 -42.09
N LYS C 106 14.00 9.38 -42.15
CA LYS C 106 15.43 9.32 -42.39
C LYS C 106 16.15 8.61 -41.26
N CYS C 107 15.75 8.87 -40.02
CA CYS C 107 16.40 8.24 -38.89
C CYS C 107 16.01 6.77 -38.73
N LEU C 108 14.75 6.44 -39.01
CA LEU C 108 14.36 5.03 -38.93
C LEU C 108 15.11 4.20 -39.94
N ARG C 109 15.28 4.72 -41.17
CA ARG C 109 16.05 4.03 -42.18
C ARG C 109 17.53 3.92 -41.79
N ALA C 110 18.07 4.98 -41.20
CA ALA C 110 19.48 4.96 -40.81
C ALA C 110 19.74 3.86 -39.79
N LEU C 111 18.85 3.70 -38.81
CA LEU C 111 18.95 2.67 -37.78
C LEU C 111 18.41 1.33 -38.25
N LYS C 112 17.90 1.24 -39.48
CA LYS C 112 17.42 -0.01 -40.07
C LYS C 112 16.34 -0.65 -39.21
N VAL C 113 15.37 0.16 -38.78
CA VAL C 113 14.25 -0.34 -38.01
C VAL C 113 13.35 -1.14 -38.93
N ARG C 114 13.23 -2.44 -38.69
CA ARG C 114 12.31 -3.27 -39.44
C ARG C 114 10.91 -3.21 -38.84
N TYR C 115 10.81 -3.20 -37.52
CA TYR C 115 9.54 -3.20 -36.81
C TYR C 115 9.48 -1.98 -35.91
N PHE C 116 8.35 -1.28 -35.93
CA PHE C 116 8.20 -0.01 -35.23
C PHE C 116 6.94 -0.08 -34.37
N LEU C 117 7.12 -0.07 -33.06
CA LEU C 117 6.01 -0.17 -32.11
C LEU C 117 5.90 1.15 -31.36
N THR C 118 4.74 1.80 -31.45
CA THR C 118 4.46 3.03 -30.72
C THR C 118 3.34 2.77 -29.74
N ILE C 119 3.50 3.24 -28.50
CA ILE C 119 2.50 3.09 -27.45
C ILE C 119 2.04 4.50 -27.10
N GLY C 120 0.79 4.82 -27.41
CA GLY C 120 0.32 6.19 -27.21
C GLY C 120 -1.13 6.34 -27.56
N GLY C 121 -1.59 7.58 -27.60
CA GLY C 121 -2.94 7.88 -28.03
C GLY C 121 -2.99 7.99 -29.52
N ASP C 122 -4.06 8.62 -30.03
CA ASP C 122 -4.24 8.72 -31.51
C ASP C 122 -3.10 9.56 -32.11
N ASP C 123 -2.74 10.65 -31.44
CA ASP C 123 -1.71 11.50 -32.06
C ASP C 123 -0.48 10.67 -32.34
N THR C 124 -0.15 9.77 -31.42
CA THR C 124 0.96 8.85 -31.62
C THR C 124 0.66 7.84 -32.73
N ALA C 125 -0.53 7.25 -32.71
CA ALA C 125 -0.88 6.25 -33.72
C ALA C 125 -0.94 6.86 -35.11
N SER C 126 -1.55 8.04 -35.23
CA SER C 126 -1.65 8.70 -36.53
C SER C 126 -0.27 9.07 -37.07
N SER C 127 0.63 9.51 -36.19
CA SER C 127 1.98 9.82 -36.64
C SER C 127 2.68 8.58 -37.19
N ALA C 128 2.48 7.44 -36.54
CA ALA C 128 3.15 6.21 -36.97
C ALA C 128 2.68 5.80 -38.36
N VAL C 129 1.37 5.88 -38.62
CA VAL C 129 0.85 5.46 -39.92
C VAL C 129 1.30 6.43 -41.01
N SER C 130 1.29 7.73 -40.73
CA SER C 130 1.72 8.70 -41.74
C SER C 130 3.18 8.48 -42.12
N VAL C 131 4.04 8.19 -41.13
CA VAL C 131 5.43 7.91 -41.42
C VAL C 131 5.55 6.61 -42.23
N ALA C 132 4.61 5.69 -42.07
CA ALA C 132 4.71 4.42 -42.77
C ALA C 132 4.18 4.53 -44.20
N SER C 133 3.22 5.42 -44.43
CA SER C 133 2.60 5.53 -45.74
C SER C 133 3.59 5.96 -46.81
N GLY C 134 4.61 6.71 -46.43
CA GLY C 134 5.61 7.16 -47.39
C GLY C 134 6.84 6.27 -47.38
N MET C 135 6.65 5.07 -46.87
CA MET C 135 7.66 4.03 -46.83
C MET C 135 7.13 2.75 -47.48
N ASN C 136 8.04 1.97 -48.08
CA ASN C 136 7.71 0.63 -48.58
C ASN C 136 7.24 -0.31 -47.45
N GLY C 137 6.33 -1.20 -47.77
CA GLY C 137 5.89 -2.10 -46.72
C GLY C 137 6.91 -3.19 -46.39
N ASN C 138 7.72 -3.56 -47.36
CA ASN C 138 8.81 -4.52 -47.10
C ASN C 138 9.82 -3.97 -46.11
N GLU C 139 10.13 -2.67 -46.19
CA GLU C 139 11.25 -2.13 -45.37
C GLU C 139 10.87 -2.00 -43.90
N ILE C 140 9.69 -1.48 -43.61
CA ILE C 140 9.29 -1.26 -42.22
C ILE C 140 7.84 -1.66 -42.03
N SER C 141 7.55 -2.29 -40.90
CA SER C 141 6.19 -2.61 -40.50
C SER C 141 5.88 -1.87 -39.20
N VAL C 142 4.69 -1.27 -39.12
CA VAL C 142 4.34 -0.35 -38.04
C VAL C 142 3.13 -0.88 -37.30
N ILE C 143 3.25 -0.98 -35.97
CA ILE C 143 2.15 -1.38 -35.10
C ILE C 143 2.08 -0.37 -33.96
N SER C 144 0.87 -0.05 -33.50
CA SER C 144 0.70 0.86 -32.38
C SER C 144 -0.24 0.23 -31.36
N CYS C 145 0.06 0.46 -30.07
CA CYS C 145 -0.77 -0.07 -29.01
C CYS C 145 -1.53 1.09 -28.37
N PRO C 146 -2.86 1.07 -28.39
CA PRO C 146 -3.62 2.23 -27.89
C PRO C 146 -3.63 2.27 -26.36
N LYS C 147 -3.33 3.44 -25.83
CA LYS C 147 -3.20 3.68 -24.40
C LYS C 147 -4.08 4.86 -24.00
N THR C 148 -4.83 4.67 -22.92
CA THR C 148 -5.58 5.75 -22.30
C THR C 148 -5.97 5.31 -20.89
N ILE C 149 -5.78 6.20 -19.93
CA ILE C 149 -6.22 5.98 -18.56
C ILE C 149 -7.66 6.37 -18.35
N ASP C 150 -8.30 6.97 -19.35
CA ASP C 150 -9.66 7.43 -19.29
C ASP C 150 -10.68 6.36 -19.66
N ASN C 151 -10.23 5.20 -20.12
CA ASN C 151 -11.12 4.08 -20.46
C ASN C 151 -12.03 4.42 -21.62
N ASP C 152 -11.62 5.35 -22.48
CA ASP C 152 -12.47 5.89 -23.53
C ASP C 152 -12.22 5.26 -24.91
N LEU C 153 -11.51 4.11 -24.98
CA LEU C 153 -11.42 3.40 -26.24
C LEU C 153 -12.69 2.61 -26.52
N PRO C 154 -13.01 2.35 -27.79
CA PRO C 154 -14.24 1.63 -28.15
C PRO C 154 -14.09 0.11 -28.09
N LEU C 155 -13.69 -0.39 -26.93
CA LEU C 155 -13.70 -1.82 -26.66
C LEU C 155 -15.12 -2.27 -26.35
N PRO C 156 -15.38 -3.59 -26.36
CA PRO C 156 -16.71 -4.06 -25.96
C PRO C 156 -17.06 -3.57 -24.56
N ALA C 157 -18.34 -3.26 -24.35
CA ALA C 157 -18.76 -2.58 -23.13
C ALA C 157 -18.34 -3.36 -21.88
N ASP C 158 -17.82 -2.62 -20.90
CA ASP C 158 -17.36 -3.18 -19.62
C ASP C 158 -16.03 -3.92 -19.76
N GLN C 159 -15.18 -3.47 -20.69
CA GLN C 159 -13.85 -4.04 -20.92
C GLN C 159 -12.91 -2.84 -20.93
N SER C 160 -11.83 -2.94 -20.16
CA SER C 160 -11.06 -1.75 -19.85
C SER C 160 -9.83 -1.59 -20.71
N THR C 161 -9.40 -0.34 -20.84
CA THR C 161 -8.10 0.01 -21.39
C THR C 161 -7.05 -0.16 -20.30
N PHE C 162 -5.84 -0.51 -20.70
CA PHE C 162 -4.82 -0.81 -19.71
C PHE C 162 -4.41 0.48 -19.01
N GLY C 163 -4.17 0.35 -17.69
CA GLY C 163 -3.91 1.46 -16.81
C GLY C 163 -5.12 1.97 -16.06
N PHE C 164 -6.33 1.70 -16.56
CA PHE C 164 -7.52 2.22 -15.92
C PHE C 164 -7.77 1.56 -14.55
N HIS C 165 -7.55 0.26 -14.45
CA HIS C 165 -7.83 -0.42 -13.18
C HIS C 165 -6.96 0.15 -12.07
N THR C 166 -5.67 0.38 -12.35
CA THR C 166 -4.77 0.91 -11.34
C THR C 166 -5.20 2.31 -10.93
N ALA C 167 -5.48 3.18 -11.91
CA ALA C 167 -5.89 4.54 -11.59
C ALA C 167 -7.15 4.54 -10.73
N ARG C 168 -8.12 3.67 -11.05
CA ARG C 168 -9.37 3.64 -10.30
C ARG C 168 -9.15 3.15 -8.87
N SER C 169 -8.28 2.15 -8.70
CA SER C 169 -8.05 1.59 -7.38
C SER C 169 -7.29 2.59 -6.50
N LEU C 170 -6.30 3.28 -7.06
CA LEU C 170 -5.61 4.31 -6.28
C LEU C 170 -6.55 5.47 -5.97
N GLY C 171 -7.40 5.83 -6.93
CA GLY C 171 -8.39 6.87 -6.65
C GLY C 171 -9.35 6.47 -5.55
N MET C 172 -9.73 5.20 -5.51
CA MET C 172 -10.56 4.71 -4.42
C MET C 172 -9.86 4.88 -3.09
N GLU C 173 -8.55 4.60 -3.05
CA GLU C 173 -7.80 4.71 -1.79
C GLU C 173 -7.71 6.16 -1.32
N ILE C 174 -7.46 7.09 -2.25
CA ILE C 174 -7.42 8.49 -1.86
C ILE C 174 -8.78 8.95 -1.37
N ILE C 175 -9.86 8.59 -2.09
CA ILE C 175 -11.18 9.02 -1.66
C ILE C 175 -11.57 8.37 -0.35
N ARG C 176 -11.13 7.14 -0.09
CA ARG C 176 -11.41 6.53 1.20
C ARG C 176 -10.86 7.38 2.34
N ASN C 177 -9.62 7.86 2.20
CA ASN C 177 -9.04 8.71 3.24
C ASN C 177 -9.85 9.99 3.39
N LEU C 178 -10.36 10.52 2.28
CA LEU C 178 -11.21 11.71 2.35
C LEU C 178 -12.59 11.38 2.94
N MET C 179 -13.10 10.18 2.70
CA MET C 179 -14.38 9.79 3.28
C MET C 179 -14.27 9.69 4.80
N VAL C 180 -13.17 9.13 5.30
CA VAL C 180 -12.94 9.05 6.73
C VAL C 180 -12.72 10.45 7.31
N ASP C 181 -11.97 11.30 6.60
CA ASP C 181 -11.70 12.64 7.12
C ASP C 181 -12.98 13.49 7.16
N SER C 182 -13.86 13.32 6.17
CA SER C 182 -15.11 14.08 6.17
C SER C 182 -16.02 13.67 7.31
N LYS C 183 -16.00 12.40 7.72
CA LYS C 183 -16.84 11.95 8.82
C LYS C 183 -16.21 12.28 10.17
N SER C 184 -14.88 12.15 10.28
CA SER C 184 -14.23 12.43 11.55
C SER C 184 -14.36 13.90 11.94
N ALA C 185 -14.22 14.79 10.97
CA ALA C 185 -14.34 16.23 11.14
C ALA C 185 -15.36 16.70 10.12
N PRO C 186 -16.65 16.70 10.48
CA PRO C 186 -17.71 16.93 9.48
C PRO C 186 -17.39 18.00 8.45
N ARG C 187 -17.44 17.62 7.17
CA ARG C 187 -17.11 18.49 6.06
C ARG C 187 -17.58 17.77 4.80
N TRP C 188 -17.77 18.54 3.73
CA TRP C 188 -17.99 18.01 2.39
C TRP C 188 -16.74 18.26 1.55
N PHE C 189 -16.27 17.22 0.86
CA PHE C 189 -15.19 17.35 -0.12
C PHE C 189 -15.78 17.29 -1.53
N LEU C 190 -15.39 18.25 -2.37
CA LEU C 190 -15.68 18.16 -3.80
C LEU C 190 -14.41 17.66 -4.49
N VAL C 191 -14.37 16.35 -4.76
CA VAL C 191 -13.25 15.76 -5.47
C VAL C 191 -13.47 15.99 -6.96
N GLU C 192 -12.46 16.53 -7.63
CA GLU C 192 -12.48 16.77 -9.07
C GLU C 192 -11.55 15.75 -9.71
N ALA C 193 -12.13 14.81 -10.47
CA ALA C 193 -11.33 13.78 -11.12
C ALA C 193 -10.79 14.31 -12.44
N MET C 194 -9.47 14.19 -12.62
CA MET C 194 -8.84 14.71 -13.82
C MET C 194 -9.31 13.95 -15.05
N GLY C 195 -9.36 14.66 -16.18
CA GLY C 195 -9.79 14.07 -17.43
C GLY C 195 -11.10 14.62 -17.95
N ARG C 196 -11.07 15.20 -19.14
CA ARG C 196 -12.24 15.80 -19.75
C ARG C 196 -12.84 14.95 -20.87
N SER C 197 -12.21 13.84 -21.24
CA SER C 197 -12.73 13.03 -22.33
C SER C 197 -14.03 12.34 -21.95
N ALA C 198 -14.09 11.75 -20.76
CA ALA C 198 -15.23 10.94 -20.39
C ALA C 198 -15.36 10.92 -18.87
N GLY C 199 -16.38 10.20 -18.40
CA GLY C 199 -16.63 10.09 -16.97
C GLY C 199 -16.40 8.72 -16.38
N HIS C 200 -15.68 7.86 -17.10
CA HIS C 200 -15.42 6.51 -16.59
C HIS C 200 -14.65 6.56 -15.28
N LEU C 201 -13.62 7.41 -15.21
CA LEU C 201 -12.73 7.43 -14.06
C LEU C 201 -13.40 8.05 -12.83
N ALA C 202 -14.15 9.13 -13.01
CA ALA C 202 -14.84 9.73 -11.87
C ALA C 202 -15.85 8.76 -11.29
N LEU C 203 -16.66 8.15 -12.17
CA LEU C 203 -17.68 7.21 -11.71
C LEU C 203 -17.05 5.95 -11.10
N GLY C 204 -15.93 5.48 -11.64
CA GLY C 204 -15.29 4.30 -11.06
C GLY C 204 -14.84 4.54 -9.64
N MET C 205 -14.15 5.66 -9.41
CA MET C 205 -13.70 5.99 -8.06
C MET C 205 -14.88 6.13 -7.12
N ALA C 206 -15.92 6.84 -7.58
CA ALA C 206 -17.06 7.15 -6.72
C ALA C 206 -17.79 5.90 -6.28
N GLU C 207 -18.11 5.02 -7.25
CA GLU C 207 -18.84 3.81 -6.90
C GLU C 207 -18.03 2.94 -5.94
N ALA C 208 -16.74 2.77 -6.22
CA ALA C 208 -15.92 1.89 -5.40
C ALA C 208 -15.78 2.40 -3.97
N SER C 209 -15.66 3.71 -3.80
CA SER C 209 -15.46 4.30 -2.49
C SER C 209 -16.75 4.61 -1.75
N GLY C 210 -17.90 4.37 -2.38
CA GLY C 210 -19.16 4.69 -1.75
C GLY C 210 -19.43 6.17 -1.61
N ALA C 211 -18.85 6.99 -2.49
CA ALA C 211 -19.07 8.43 -2.45
C ALA C 211 -20.55 8.74 -2.64
N HIS C 212 -21.00 9.79 -1.97
CA HIS C 212 -22.41 10.12 -1.89
C HIS C 212 -22.98 10.73 -3.15
N LEU C 213 -22.15 11.16 -4.09
CA LEU C 213 -22.66 11.67 -5.35
C LEU C 213 -21.53 11.64 -6.37
N CYS C 214 -21.91 11.40 -7.62
CA CYS C 214 -20.99 11.57 -8.74
C CYS C 214 -21.75 12.22 -9.89
N LEU C 215 -21.15 13.25 -10.48
CA LEU C 215 -21.72 13.94 -11.63
C LEU C 215 -20.77 13.79 -12.80
N ILE C 216 -21.27 13.26 -13.91
CA ILE C 216 -20.47 13.13 -15.12
C ILE C 216 -21.21 13.83 -16.25
N PRO C 217 -20.51 14.33 -17.27
CA PRO C 217 -21.23 14.99 -18.38
C PRO C 217 -22.20 14.06 -19.08
N GLU C 218 -21.96 12.75 -19.03
CA GLU C 218 -22.77 11.80 -19.78
C GLU C 218 -24.21 11.70 -19.28
N GLU C 219 -24.50 12.11 -18.04
CA GLU C 219 -25.84 11.97 -17.50
C GLU C 219 -26.73 13.17 -17.77
N PHE C 220 -26.19 14.24 -18.36
CA PHE C 220 -26.97 15.44 -18.65
C PHE C 220 -27.66 15.32 -20.00
N LYS C 221 -28.98 15.52 -20.00
CA LYS C 221 -29.78 15.32 -21.20
C LYS C 221 -29.47 16.35 -22.27
N GLN C 222 -29.44 17.63 -21.89
CA GLN C 222 -29.23 18.71 -22.84
C GLN C 222 -27.78 18.74 -23.33
N ASP C 223 -27.57 19.39 -24.47
CA ASP C 223 -26.24 19.43 -25.07
C ASP C 223 -25.28 20.33 -24.30
N GLU C 224 -25.80 21.35 -23.60
CA GLU C 224 -24.96 22.28 -22.84
C GLU C 224 -25.43 22.38 -21.40
N ILE C 225 -24.47 22.27 -20.46
CA ILE C 225 -24.73 22.31 -19.03
C ILE C 225 -24.71 23.74 -18.54
N GLU C 226 -25.57 24.05 -17.57
CA GLU C 226 -25.59 25.37 -16.95
C GLU C 226 -24.91 25.30 -15.59
N PHE C 227 -24.14 26.35 -15.26
CA PHE C 227 -23.44 26.39 -13.98
C PHE C 227 -24.42 26.28 -12.82
N GLU C 228 -25.57 26.94 -12.93
CA GLU C 228 -26.54 26.89 -11.84
C GLU C 228 -27.01 25.47 -11.57
N ASP C 229 -27.24 24.69 -12.63
CA ASP C 229 -27.74 23.34 -12.45
C ASP C 229 -26.74 22.47 -11.69
N VAL C 230 -25.44 22.62 -12.01
CA VAL C 230 -24.43 21.83 -11.30
C VAL C 230 -24.43 22.17 -9.82
N VAL C 231 -24.50 23.47 -9.50
CA VAL C 231 -24.56 23.89 -8.11
C VAL C 231 -25.79 23.28 -7.43
N GLU C 232 -26.95 23.31 -8.11
CA GLU C 232 -28.18 22.84 -7.48
C GLU C 232 -28.20 21.33 -7.31
N LEU C 233 -27.58 20.58 -8.23
CA LEU C 233 -27.50 19.13 -8.08
C LEU C 233 -26.67 18.75 -6.85
N VAL C 234 -25.55 19.43 -6.64
CA VAL C 234 -24.78 19.18 -5.43
C VAL C 234 -25.55 19.69 -4.21
N GLU C 235 -26.22 20.83 -4.35
CA GLU C 235 -26.97 21.40 -3.23
C GLU C 235 -28.07 20.45 -2.78
N ALA C 236 -28.77 19.83 -3.73
CA ALA C 236 -29.85 18.92 -3.36
C ALA C 236 -29.32 17.71 -2.60
N THR C 237 -28.17 17.18 -3.01
CA THR C 237 -27.58 16.06 -2.28
C THR C 237 -27.19 16.47 -0.86
N ILE C 238 -26.55 17.62 -0.70
CA ILE C 238 -26.11 18.03 0.63
C ILE C 238 -27.31 18.20 1.54
N LEU C 239 -28.40 18.79 1.02
CA LEU C 239 -29.59 18.97 1.85
C LEU C 239 -30.23 17.64 2.21
N LYS C 240 -30.33 16.71 1.27
CA LYS C 240 -30.97 15.43 1.59
C LYS C 240 -30.17 14.69 2.66
N ARG C 241 -28.84 14.67 2.54
CA ARG C 241 -28.01 14.10 3.59
C ARG C 241 -28.20 14.85 4.91
N LEU C 242 -28.28 16.17 4.87
CA LEU C 242 -28.47 16.93 6.09
C LEU C 242 -29.81 16.61 6.74
N ALA C 243 -30.83 16.31 5.95
CA ALA C 243 -32.13 15.96 6.49
C ALA C 243 -32.14 14.60 7.18
N TYR C 244 -31.13 13.76 6.95
CA TYR C 244 -30.99 12.48 7.61
C TYR C 244 -29.92 12.50 8.70
N GLY C 245 -29.54 13.68 9.17
CA GLY C 245 -28.59 13.79 10.26
C GLY C 245 -27.13 13.74 9.87
N LYS C 246 -26.81 13.88 8.59
CA LYS C 246 -25.44 13.80 8.09
C LYS C 246 -25.10 15.15 7.47
N ASN C 247 -24.21 15.89 8.11
CA ASN C 247 -23.78 17.18 7.59
C ASN C 247 -22.40 17.12 6.95
N TYR C 248 -22.08 15.97 6.33
CA TYR C 248 -20.80 15.74 5.71
C TYR C 248 -20.98 14.75 4.56
N GLY C 249 -19.97 14.67 3.71
CA GLY C 249 -20.01 13.73 2.61
C GLY C 249 -18.88 13.98 1.64
N VAL C 250 -18.91 13.21 0.56
CA VAL C 250 -17.95 13.36 -0.53
C VAL C 250 -18.70 13.29 -1.85
N CYS C 251 -18.43 14.26 -2.73
CA CYS C 251 -19.02 14.31 -4.06
C CYS C 251 -17.88 14.34 -5.07
N VAL C 252 -17.94 13.45 -6.07
CA VAL C 252 -16.93 13.35 -7.11
C VAL C 252 -17.48 13.99 -8.38
N LEU C 253 -16.68 14.85 -9.01
CA LEU C 253 -17.09 15.56 -10.20
C LEU C 253 -16.10 15.27 -11.32
N ALA C 254 -16.57 14.64 -12.39
CA ALA C 254 -15.72 14.46 -13.56
C ALA C 254 -15.36 15.83 -14.15
N GLU C 255 -14.09 16.02 -14.44
CA GLU C 255 -13.68 17.29 -15.03
C GLU C 255 -14.39 17.56 -16.36
N GLY C 256 -14.92 16.51 -17.00
CA GLY C 256 -15.59 16.69 -18.27
C GLY C 256 -16.83 17.56 -18.19
N LEU C 257 -17.35 17.80 -16.99
CA LEU C 257 -18.47 18.73 -16.86
C LEU C 257 -18.12 20.08 -17.45
N VAL C 258 -16.86 20.50 -17.32
CA VAL C 258 -16.45 21.82 -17.80
C VAL C 258 -16.59 21.90 -19.31
N SER C 259 -16.27 20.82 -20.02
CA SER C 259 -16.28 20.85 -21.48
C SER C 259 -17.68 20.80 -22.08
N LYS C 260 -18.71 20.54 -21.28
CA LYS C 260 -20.09 20.61 -21.76
C LYS C 260 -20.78 21.92 -21.37
N MET C 261 -20.10 22.79 -20.62
CA MET C 261 -20.75 23.99 -20.14
C MET C 261 -20.96 25.00 -21.25
N SER C 262 -22.07 25.73 -21.18
CA SER C 262 -22.38 26.75 -22.18
C SER C 262 -21.43 27.93 -22.04
N LYS C 263 -21.55 28.87 -22.99
CA LYS C 263 -20.76 30.09 -22.93
C LYS C 263 -21.08 30.89 -21.67
N LYS C 264 -22.37 31.01 -21.35
CA LYS C 264 -22.78 31.70 -20.14
C LYS C 264 -22.24 31.00 -18.90
N ALA C 265 -22.30 29.66 -18.88
CA ALA C 265 -21.82 28.92 -17.73
C ALA C 265 -20.32 29.15 -17.51
N LEU C 266 -19.54 29.15 -18.60
CA LEU C 266 -18.11 29.37 -18.47
C LEU C 266 -17.81 30.78 -17.97
N TYR C 267 -18.65 31.75 -18.31
CA TYR C 267 -18.47 33.11 -17.80
C TYR C 267 -18.53 33.12 -16.28
N LYS C 268 -19.52 32.42 -15.71
CA LYS C 268 -19.61 32.31 -14.25
C LYS C 268 -18.50 31.45 -13.69
N LEU C 269 -18.07 30.43 -14.43
CA LEU C 269 -17.05 29.52 -13.92
C LEU C 269 -15.75 30.26 -13.66
N PHE C 270 -15.38 31.16 -14.55
CA PHE C 270 -14.12 31.90 -14.45
C PHE C 270 -14.27 33.18 -13.64
N GLY C 271 -15.24 33.25 -12.74
CA GLY C 271 -15.40 34.41 -11.90
C GLY C 271 -16.14 35.55 -12.54
N ASN C 272 -17.12 35.24 -13.40
CA ASN C 272 -17.83 36.27 -14.16
C ASN C 272 -16.87 37.13 -14.96
N ARG C 273 -15.80 36.51 -15.45
CA ARG C 273 -14.84 37.13 -16.34
C ARG C 273 -14.92 36.47 -17.72
N GLU C 274 -14.25 37.09 -18.68
CA GLU C 274 -14.06 36.47 -19.97
C GLU C 274 -13.16 35.24 -19.81
N PRO C 275 -13.53 34.09 -20.35
CA PRO C 275 -12.68 32.90 -20.21
C PRO C 275 -11.29 33.14 -20.74
N PRO C 276 -10.25 32.60 -20.08
CA PRO C 276 -8.89 32.76 -20.60
C PRO C 276 -8.76 32.10 -21.97
N THR C 277 -7.85 32.65 -22.78
CA THR C 277 -7.67 32.18 -24.15
C THR C 277 -6.18 32.11 -24.47
N ASP C 278 -5.82 31.21 -25.38
CA ASP C 278 -4.46 31.07 -25.86
C ASP C 278 -4.22 32.05 -27.01
N PRO C 279 -3.02 32.11 -27.59
CA PRO C 279 -2.82 33.01 -28.74
C PRO C 279 -3.75 32.75 -29.90
N HIS C 280 -4.12 31.49 -30.16
CA HIS C 280 -4.99 31.18 -31.29
C HIS C 280 -6.46 31.50 -31.04
N GLY C 281 -6.84 31.85 -29.82
CA GLY C 281 -8.21 32.19 -29.50
C GLY C 281 -9.01 31.08 -28.82
N HIS C 282 -8.48 29.87 -28.75
CA HIS C 282 -9.22 28.75 -28.17
C HIS C 282 -9.21 28.85 -26.64
N ILE C 283 -10.31 28.43 -26.03
CA ILE C 283 -10.47 28.57 -24.60
C ILE C 283 -9.49 27.66 -23.87
N LEU C 284 -8.96 28.14 -22.75
CA LEU C 284 -8.05 27.38 -21.92
C LEU C 284 -8.81 26.79 -20.73
N LEU C 285 -9.44 25.63 -20.95
CA LEU C 285 -10.24 25.04 -19.88
C LEU C 285 -9.39 24.50 -18.75
N ASP C 286 -8.08 24.27 -18.97
CA ASP C 286 -7.22 23.78 -17.90
C ASP C 286 -7.13 24.78 -16.74
N ASP C 287 -7.18 26.09 -17.05
CA ASP C 287 -7.15 27.11 -16.00
C ASP C 287 -8.43 27.12 -15.17
N ALA C 288 -9.49 26.48 -15.63
CA ALA C 288 -10.73 26.42 -14.86
C ALA C 288 -10.53 25.59 -13.60
N GLU C 289 -11.16 26.02 -12.51
CA GLU C 289 -11.13 25.32 -11.23
C GLU C 289 -12.57 24.97 -10.86
N LEU C 290 -13.07 23.85 -11.38
CA LEU C 290 -14.47 23.50 -11.20
C LEU C 290 -14.82 23.29 -9.73
N ALA C 291 -14.02 22.48 -9.02
CA ALA C 291 -14.32 22.20 -7.63
C ALA C 291 -14.22 23.46 -6.78
N ARG C 292 -13.26 24.34 -7.07
CA ARG C 292 -13.10 25.56 -6.30
C ARG C 292 -14.30 26.48 -6.46
N SER C 293 -14.75 26.71 -7.69
CA SER C 293 -15.87 27.62 -7.90
C SER C 293 -17.14 27.07 -7.28
N LEU C 294 -17.42 25.78 -7.46
CA LEU C 294 -18.61 25.20 -6.86
C LEU C 294 -18.55 25.28 -5.33
N SER C 295 -17.36 25.08 -4.76
CA SER C 295 -17.21 25.18 -3.31
C SER C 295 -17.54 26.59 -2.81
N GLU C 296 -17.04 27.61 -3.51
CA GLU C 296 -17.30 28.97 -3.07
C GLU C 296 -18.79 29.28 -3.12
N GLU C 297 -19.45 28.95 -4.24
CA GLU C 297 -20.87 29.24 -4.37
C GLU C 297 -21.68 28.51 -3.33
N LEU C 298 -21.38 27.22 -3.11
CA LEU C 298 -22.15 26.43 -2.17
C LEU C 298 -21.97 26.93 -0.75
N LEU C 299 -20.79 27.45 -0.42
CA LEU C 299 -20.60 28.01 0.93
C LEU C 299 -21.52 29.19 1.16
N LYS C 300 -21.76 30.01 0.14
CA LYS C 300 -22.70 31.12 0.27
C LYS C 300 -24.09 30.61 0.64
N ARG C 301 -24.54 29.55 -0.01
CA ARG C 301 -25.91 29.09 0.14
C ARG C 301 -26.12 28.24 1.38
N LEU C 302 -25.10 27.49 1.80
CA LEU C 302 -25.25 26.48 2.83
C LEU C 302 -24.39 26.76 4.06
N GLY C 303 -23.59 27.83 4.04
CA GLY C 303 -22.75 28.12 5.20
C GLY C 303 -23.58 28.35 6.45
N ASN C 304 -24.72 29.02 6.29
CA ASN C 304 -25.59 29.28 7.43
C ASN C 304 -26.09 27.99 8.07
N LEU C 305 -26.12 26.89 7.33
CA LEU C 305 -26.60 25.62 7.84
C LEU C 305 -25.56 24.84 8.62
N GLY C 306 -24.33 25.36 8.73
CA GLY C 306 -23.26 24.62 9.35
C GLY C 306 -22.48 23.71 8.43
N ILE C 307 -22.49 23.97 7.12
CA ILE C 307 -21.83 23.12 6.13
C ILE C 307 -20.50 23.76 5.74
N ARG C 308 -19.45 22.97 5.71
CA ARG C 308 -18.12 23.35 5.24
C ARG C 308 -17.82 22.57 3.97
N ILE C 309 -17.21 23.24 2.99
CA ILE C 309 -16.95 22.60 1.69
C ILE C 309 -15.54 22.92 1.23
N THR C 310 -14.80 21.90 0.79
CA THR C 310 -13.41 22.01 0.37
C THR C 310 -13.18 21.23 -0.91
N PRO C 311 -12.52 21.82 -1.90
CA PRO C 311 -12.22 21.07 -3.13
C PRO C 311 -10.95 20.23 -3.00
N LYS C 312 -10.80 19.29 -3.93
CA LYS C 312 -9.65 18.38 -3.94
C LYS C 312 -9.54 17.77 -5.33
N LYS C 313 -8.36 17.81 -5.93
CA LYS C 313 -8.13 17.22 -7.24
C LYS C 313 -7.40 15.89 -7.13
N ILE C 314 -7.82 14.91 -7.93
CA ILE C 314 -7.16 13.60 -8.01
C ILE C 314 -6.71 13.42 -9.46
N GLY C 315 -5.48 13.82 -9.75
CA GLY C 315 -4.96 13.80 -11.10
C GLY C 315 -3.69 13.01 -11.30
N TYR C 316 -2.58 13.76 -11.41
CA TYR C 316 -1.31 13.21 -11.86
C TYR C 316 -0.74 12.14 -10.93
N GLU C 317 -1.21 12.07 -9.67
CA GLU C 317 -0.70 11.03 -8.78
C GLU C 317 -1.15 9.64 -9.22
N LEU C 318 -2.10 9.54 -10.16
CA LEU C 318 -2.55 8.25 -10.66
C LEU C 318 -1.75 7.73 -11.85
N ARG C 319 -1.10 8.62 -12.61
CA ARG C 319 -0.62 8.24 -13.94
C ARG C 319 0.55 7.27 -13.87
N CYS C 320 1.42 7.39 -12.87
CA CYS C 320 2.60 6.55 -12.81
C CYS C 320 2.64 5.69 -11.55
N ALA C 321 1.47 5.38 -11.00
CA ALA C 321 1.41 4.39 -9.93
C ALA C 321 1.81 3.02 -10.48
N ASP C 322 2.40 2.20 -9.63
CA ASP C 322 2.78 0.86 -10.04
C ASP C 322 1.53 0.09 -10.47
N PRO C 323 1.59 -0.68 -11.55
CA PRO C 323 0.38 -1.35 -12.01
C PRO C 323 -0.10 -2.43 -11.04
N VAL C 324 -1.43 -2.55 -10.93
CA VAL C 324 -2.07 -3.64 -10.20
C VAL C 324 -1.98 -4.89 -11.06
N ALA C 325 -2.23 -6.06 -10.47
CA ALA C 325 -1.98 -7.33 -11.17
C ALA C 325 -2.80 -7.45 -12.45
N PHE C 326 -4.02 -6.87 -12.48
CA PHE C 326 -4.83 -6.93 -13.69
C PHE C 326 -4.13 -6.22 -14.84
N ASP C 327 -3.52 -5.06 -14.58
CA ASP C 327 -2.84 -4.33 -15.64
C ASP C 327 -1.48 -4.91 -15.99
N ALA C 328 -0.80 -5.55 -15.04
CA ALA C 328 0.44 -6.23 -15.38
C ALA C 328 0.19 -7.36 -16.37
N VAL C 329 -0.85 -8.16 -16.13
CA VAL C 329 -1.19 -9.23 -17.05
C VAL C 329 -1.68 -8.66 -18.37
N TYR C 330 -2.49 -7.60 -18.31
CA TYR C 330 -3.02 -6.98 -19.53
C TYR C 330 -1.88 -6.53 -20.44
N THR C 331 -0.91 -5.78 -19.89
CA THR C 331 0.15 -5.23 -20.72
C THR C 331 1.12 -6.30 -21.19
N ARG C 332 1.25 -7.39 -20.44
CA ARG C 332 2.08 -8.49 -20.91
C ARG C 332 1.52 -9.10 -22.17
N GLU C 333 0.21 -9.33 -22.20
CA GLU C 333 -0.44 -9.91 -23.36
C GLU C 333 -0.41 -8.96 -24.55
N LEU C 334 -0.47 -7.64 -24.29
CA LEU C 334 -0.38 -6.67 -25.36
C LEU C 334 1.02 -6.64 -25.97
N GLY C 335 2.06 -6.64 -25.13
CA GLY C 335 3.41 -6.69 -25.65
C GLY C 335 3.66 -7.95 -26.47
N TYR C 336 3.19 -9.09 -25.98
CA TYR C 336 3.29 -10.31 -26.77
C TYR C 336 2.50 -10.20 -28.07
N GLY C 337 1.28 -9.68 -28.00
CA GLY C 337 0.44 -9.64 -29.18
C GLY C 337 0.99 -8.77 -30.30
N ALA C 338 1.68 -7.68 -29.93
CA ALA C 338 2.30 -6.83 -30.94
C ALA C 338 3.41 -7.58 -31.69
N ILE C 339 4.24 -8.33 -30.98
CA ILE C 339 5.28 -9.10 -31.66
C ILE C 339 4.64 -10.15 -32.55
N ASP C 340 3.57 -10.77 -32.07
CA ASP C 340 2.86 -11.76 -32.89
C ASP C 340 2.29 -11.09 -34.13
N ALA C 341 1.80 -9.86 -34.00
CA ALA C 341 1.30 -9.13 -35.16
C ALA C 341 2.41 -8.87 -36.18
N PHE C 342 3.60 -8.47 -35.71
CA PHE C 342 4.73 -8.30 -36.62
C PHE C 342 5.04 -9.60 -37.34
N LEU C 343 5.09 -10.71 -36.59
CA LEU C 343 5.44 -12.01 -37.18
C LEU C 343 4.43 -12.41 -38.26
N ASN C 344 3.17 -12.02 -38.10
CA ASN C 344 2.11 -12.37 -39.04
C ASN C 344 1.90 -11.32 -40.12
N GLY C 345 2.82 -10.37 -40.25
CA GLY C 345 2.81 -9.44 -41.35
C GLY C 345 1.87 -8.25 -41.22
N HIS C 346 1.27 -8.04 -40.06
CA HIS C 346 0.37 -6.91 -39.90
C HIS C 346 1.15 -5.60 -39.82
N SER C 347 0.53 -4.54 -40.32
CA SER C 347 1.08 -3.19 -40.24
C SER C 347 -0.07 -2.20 -40.33
N ALA C 348 0.17 -0.99 -39.85
CA ALA C 348 -0.88 0.02 -39.73
C ALA C 348 -2.07 -0.56 -38.98
N ALA C 349 -1.78 -1.22 -37.86
CA ALA C 349 -2.79 -1.90 -37.05
C ALA C 349 -2.62 -1.49 -35.60
N LEU C 350 -3.70 -1.63 -34.84
CA LEU C 350 -3.74 -1.30 -33.42
C LEU C 350 -3.90 -2.59 -32.62
N ILE C 351 -3.01 -2.79 -31.65
CA ILE C 351 -3.06 -3.99 -30.81
C ILE C 351 -4.05 -3.72 -29.68
N VAL C 352 -5.16 -4.43 -29.68
CA VAL C 352 -6.20 -4.29 -28.67
C VAL C 352 -6.58 -5.66 -28.15
N ARG C 353 -7.15 -5.68 -26.95
CA ARG C 353 -7.62 -6.90 -26.32
C ARG C 353 -9.14 -6.83 -26.28
N GLU C 354 -9.79 -7.84 -26.85
CA GLU C 354 -11.25 -7.92 -26.89
C GLU C 354 -11.68 -9.35 -26.62
N ASN C 355 -12.63 -9.53 -25.72
CA ASN C 355 -13.17 -10.85 -25.41
C ASN C 355 -12.04 -11.82 -25.04
N GLY C 356 -11.07 -11.31 -24.27
CA GLY C 356 -9.97 -12.11 -23.80
C GLY C 356 -8.96 -12.52 -24.84
N GLN C 357 -8.94 -11.86 -25.99
CA GLN C 357 -8.04 -12.19 -27.07
C GLN C 357 -7.32 -10.92 -27.55
N VAL C 358 -6.00 -10.95 -27.56
CA VAL C 358 -5.23 -9.83 -28.10
C VAL C 358 -5.10 -10.04 -29.60
N LYS C 359 -5.54 -9.04 -30.38
CA LYS C 359 -5.61 -9.13 -31.83
C LYS C 359 -5.29 -7.77 -32.43
N PRO C 360 -4.74 -7.74 -33.65
CA PRO C 360 -4.59 -6.46 -34.35
C PRO C 360 -5.90 -6.05 -34.97
N VAL C 361 -6.13 -4.74 -34.98
CA VAL C 361 -7.37 -4.17 -35.51
C VAL C 361 -7.00 -3.00 -36.41
N GLN C 362 -7.43 -3.06 -37.67
CA GLN C 362 -7.07 -2.01 -38.63
C GLN C 362 -7.63 -0.67 -38.16
N PHE C 363 -6.87 0.39 -38.47
CA PHE C 363 -7.24 1.73 -38.01
C PHE C 363 -8.66 2.09 -38.41
N LYS C 364 -9.07 1.73 -39.63
CA LYS C 364 -10.35 2.21 -40.13
C LYS C 364 -11.52 1.69 -39.29
N ASP C 365 -11.40 0.48 -38.75
CA ASP C 365 -12.50 -0.07 -37.97
C ASP C 365 -12.76 0.75 -36.71
N LEU C 366 -11.74 1.41 -36.17
CA LEU C 366 -11.89 2.14 -34.92
C LEU C 366 -12.11 3.63 -35.10
N LEU C 367 -11.91 4.17 -36.30
CA LEU C 367 -12.04 5.60 -36.51
C LEU C 367 -13.51 5.98 -36.61
N ASP C 368 -13.86 7.09 -35.97
CA ASP C 368 -15.17 7.71 -36.16
C ASP C 368 -15.07 8.72 -37.29
N PRO C 369 -15.82 8.55 -38.39
CA PRO C 369 -15.60 9.44 -39.54
C PRO C 369 -15.76 10.91 -39.22
N ALA C 370 -16.58 11.26 -38.21
CA ALA C 370 -16.83 12.67 -37.91
C ALA C 370 -15.56 13.38 -37.47
N THR C 371 -14.66 12.68 -36.77
CA THR C 371 -13.48 13.30 -36.19
C THR C 371 -12.21 12.98 -36.97
N GLY C 372 -12.12 11.80 -37.56
CA GLY C 372 -10.89 11.32 -38.14
C GLY C 372 -9.96 10.67 -37.13
N ARG C 373 -10.30 10.71 -35.86
CA ARG C 373 -9.58 10.04 -34.78
C ARG C 373 -10.46 8.94 -34.20
N VAL C 374 -9.85 8.13 -33.34
CA VAL C 374 -10.58 7.01 -32.75
C VAL C 374 -11.82 7.50 -32.04
N ARG C 375 -12.89 6.73 -32.18
CA ARG C 375 -14.17 7.04 -31.53
C ARG C 375 -14.00 7.05 -30.02
N THR C 376 -14.76 7.91 -29.36
CA THR C 376 -14.67 8.07 -27.91
C THR C 376 -15.81 7.28 -27.28
N ARG C 377 -15.46 6.29 -26.47
CA ARG C 377 -16.44 5.52 -25.72
C ARG C 377 -16.71 6.27 -24.42
N LEU C 378 -17.96 6.66 -24.22
CA LEU C 378 -18.37 7.36 -23.02
C LEU C 378 -19.13 6.40 -22.11
N VAL C 379 -19.49 6.90 -20.93
CA VAL C 379 -20.30 6.10 -20.01
C VAL C 379 -21.68 5.89 -20.60
N ASP C 380 -22.15 4.64 -20.58
CA ASP C 380 -23.50 4.31 -21.03
C ASP C 380 -24.44 4.52 -19.85
N VAL C 381 -25.14 5.67 -19.84
CA VAL C 381 -26.00 5.98 -18.70
C VAL C 381 -27.31 5.20 -18.74
N THR C 382 -27.57 4.50 -19.83
CA THR C 382 -28.71 3.58 -19.89
C THR C 382 -28.35 2.17 -19.41
N SER C 383 -27.07 1.90 -19.16
CA SER C 383 -26.67 0.55 -18.79
C SER C 383 -27.11 0.24 -17.36
N GLN C 384 -27.24 -1.05 -17.05
CA GLN C 384 -27.60 -1.43 -15.70
C GLN C 384 -26.54 -0.98 -14.70
N SER C 385 -25.26 -1.02 -15.10
CA SER C 385 -24.19 -0.65 -14.18
C SER C 385 -24.37 0.78 -13.70
N PHE C 386 -24.71 1.70 -14.60
CA PHE C 386 -24.92 3.08 -14.21
C PHE C 386 -26.11 3.23 -13.28
N LYS C 387 -27.18 2.46 -13.53
CA LYS C 387 -28.35 2.52 -12.65
C LYS C 387 -28.01 2.01 -11.25
N VAL C 388 -27.23 0.93 -11.17
CA VAL C 388 -26.84 0.42 -9.86
C VAL C 388 -26.00 1.46 -9.12
N ALA C 389 -25.04 2.07 -9.81
CA ALA C 389 -24.22 3.09 -9.19
C ALA C 389 -25.09 4.24 -8.68
N ARG C 390 -26.10 4.64 -9.46
CA ARG C 390 -26.98 5.73 -9.07
C ARG C 390 -27.82 5.35 -7.85
N VAL C 391 -28.14 4.07 -7.66
CA VAL C 391 -28.95 3.66 -6.52
C VAL C 391 -28.26 4.00 -5.21
N TYR C 392 -26.95 3.76 -5.13
CA TYR C 392 -26.20 3.93 -3.90
C TYR C 392 -25.68 5.35 -3.71
N MET C 393 -26.15 6.30 -4.50
CA MET C 393 -25.87 7.70 -4.26
C MET C 393 -26.99 8.33 -3.43
N TRP C 394 -26.67 9.47 -2.83
CA TRP C 394 -27.67 10.31 -2.18
C TRP C 394 -28.13 11.38 -3.15
N ARG C 395 -29.42 11.39 -3.46
CA ARG C 395 -29.94 12.31 -4.45
C ARG C 395 -31.46 12.34 -4.40
N MET C 396 -32.04 13.35 -5.02
CA MET C 396 -33.49 13.52 -5.10
C MET C 396 -33.94 13.06 -6.47
N SER C 397 -34.72 11.98 -6.51
CA SER C 397 -35.26 11.42 -7.73
C SER C 397 -36.57 12.10 -8.09
N LYS C 398 -37.17 11.66 -9.22
CA LYS C 398 -38.51 12.12 -9.57
C LYS C 398 -39.49 11.79 -8.44
N LYS C 399 -39.45 10.54 -7.97
CA LYS C 399 -40.34 10.08 -6.92
C LYS C 399 -40.10 10.84 -5.63
N ASP C 400 -38.85 11.21 -5.35
CA ASP C 400 -38.54 11.95 -4.13
C ASP C 400 -39.22 13.31 -4.12
N TYR C 401 -39.21 14.03 -5.24
CA TYR C 401 -39.84 15.35 -5.29
C TYR C 401 -41.35 15.28 -5.11
N GLU C 402 -41.97 14.14 -5.43
CA GLU C 402 -43.39 13.95 -5.22
C GLU C 402 -43.73 13.50 -3.81
N ASN C 403 -42.74 13.09 -3.02
CA ASN C 403 -42.95 12.69 -1.63
C ASN C 403 -43.01 13.95 -0.79
N LYS C 404 -44.22 14.31 -0.34
CA LYS C 404 -44.37 15.56 0.41
C LYS C 404 -43.68 15.49 1.78
N ASP C 405 -43.71 14.31 2.41
CA ASP C 405 -43.01 14.16 3.69
C ASP C 405 -41.51 14.34 3.53
N LEU C 406 -40.92 13.72 2.51
CA LEU C 406 -39.48 13.88 2.29
C LEU C 406 -39.14 15.30 1.91
N VAL C 407 -39.94 15.93 1.05
CA VAL C 407 -39.67 17.30 0.62
C VAL C 407 -39.75 18.23 1.81
N ALA C 408 -40.65 17.94 2.75
CA ALA C 408 -40.75 18.77 3.94
C ALA C 408 -39.48 18.70 4.78
N ARG C 409 -38.91 17.50 4.95
CA ARG C 409 -37.71 17.38 5.75
C ARG C 409 -36.50 18.01 5.07
N VAL C 410 -36.33 17.78 3.77
CA VAL C 410 -35.16 18.33 3.08
C VAL C 410 -35.24 19.85 3.04
N ALA C 411 -36.42 20.39 2.71
CA ALA C 411 -36.61 21.83 2.70
C ALA C 411 -36.32 22.42 4.09
N ALA C 412 -36.78 21.72 5.13
CA ALA C 412 -36.51 22.17 6.49
C ALA C 412 -35.00 22.18 6.77
N ALA C 413 -34.27 21.19 6.26
CA ALA C 413 -32.82 21.18 6.45
C ALA C 413 -32.18 22.40 5.79
N GLY C 414 -32.73 22.85 4.65
CA GLY C 414 -32.28 24.04 3.97
C GLY C 414 -32.92 25.33 4.43
N LYS C 415 -33.72 25.29 5.49
CA LYS C 415 -34.35 26.48 6.06
C LYS C 415 -35.15 27.26 5.01
N MET C 416 -36.05 26.55 4.33
CA MET C 416 -36.94 27.12 3.33
C MET C 416 -38.23 26.33 3.33
N THR C 417 -39.29 26.93 2.78
CA THR C 417 -40.58 26.28 2.73
C THR C 417 -40.58 25.15 1.70
N PRO C 418 -41.49 24.17 1.86
CA PRO C 418 -41.58 23.12 0.82
C PRO C 418 -41.89 23.68 -0.57
N GLU C 419 -42.72 24.73 -0.64
CA GLU C 419 -43.03 25.31 -1.94
C GLU C 419 -41.79 25.91 -2.60
N ALA C 420 -40.95 26.60 -1.82
CA ALA C 420 -39.74 27.18 -2.38
C ALA C 420 -38.80 26.09 -2.89
N PHE C 421 -38.67 25.00 -2.13
CA PHE C 421 -37.76 23.92 -2.53
C PHE C 421 -38.23 23.26 -3.82
N THR C 422 -39.51 22.91 -3.91
CA THR C 422 -39.99 22.28 -5.13
C THR C 422 -39.82 23.21 -6.32
N GLU C 423 -40.04 24.50 -6.10
CA GLU C 423 -39.90 25.50 -7.16
C GLU C 423 -38.47 25.59 -7.65
N LYS C 424 -37.49 25.53 -6.74
CA LYS C 424 -36.11 25.71 -7.14
C LYS C 424 -35.49 24.44 -7.73
N PHE C 425 -35.79 23.28 -7.16
CA PHE C 425 -35.05 22.06 -7.45
C PHE C 425 -35.79 21.03 -8.30
N ALA C 426 -37.13 21.06 -8.32
CA ALA C 426 -37.87 19.99 -8.97
C ALA C 426 -37.55 19.90 -10.46
N HIS C 427 -37.13 21.01 -11.07
CA HIS C 427 -36.79 21.00 -12.49
C HIS C 427 -35.57 20.16 -12.81
N LEU C 428 -34.79 19.77 -11.79
CA LEU C 428 -33.57 19.02 -12.04
C LEU C 428 -33.85 17.63 -12.60
N THR C 429 -35.08 17.14 -12.44
CA THR C 429 -35.45 15.84 -12.99
C THR C 429 -35.49 15.85 -14.51
N ASP C 430 -35.56 17.03 -15.13
CA ASP C 430 -35.47 17.16 -16.57
C ASP C 430 -34.05 17.50 -17.05
N VAL C 431 -33.10 17.63 -16.13
CA VAL C 431 -31.73 17.99 -16.47
C VAL C 431 -30.84 16.76 -16.61
N VAL C 432 -31.06 15.75 -15.77
CA VAL C 432 -30.23 14.56 -15.76
C VAL C 432 -31.13 13.35 -15.90
N VAL C 433 -30.64 12.32 -16.59
CA VAL C 433 -31.43 11.12 -16.78
C VAL C 433 -31.82 10.54 -15.42
N GLU C 434 -33.01 9.96 -15.37
CA GLU C 434 -33.53 9.39 -14.13
C GLU C 434 -33.63 7.87 -14.20
N ALA D 13 41.29 11.50 -9.62
CA ALA D 13 40.36 11.65 -8.50
C ALA D 13 40.36 10.41 -7.61
N PRO D 14 40.11 10.58 -6.32
CA PRO D 14 40.08 9.42 -5.42
C PRO D 14 38.93 8.48 -5.73
N VAL D 15 39.16 7.20 -5.42
CA VAL D 15 38.23 6.12 -5.75
C VAL D 15 37.57 5.63 -4.47
N LEU D 16 36.25 5.66 -4.44
CA LEU D 16 35.44 5.08 -3.36
C LEU D 16 34.79 3.79 -3.85
N GLY D 17 35.02 2.71 -3.13
CA GLY D 17 34.44 1.40 -3.45
C GLY D 17 33.47 0.97 -2.36
N ILE D 18 32.32 0.47 -2.78
CA ILE D 18 31.22 0.13 -1.87
C ILE D 18 30.82 -1.32 -2.11
N LEU D 19 30.58 -2.07 -1.03
CA LEU D 19 30.05 -3.42 -1.12
C LEU D 19 29.04 -3.64 -0.01
N CYS D 20 28.17 -4.63 -0.22
CA CYS D 20 27.17 -5.00 0.77
C CYS D 20 27.40 -6.44 1.22
N GLY D 21 27.22 -6.66 2.52
CA GLY D 21 27.30 -8.00 3.08
C GLY D 21 26.11 -8.28 3.99
N GLY D 22 25.87 -9.57 4.19
CA GLY D 22 24.78 -10.01 5.04
C GLY D 22 23.46 -10.11 4.30
N GLY D 23 22.40 -10.24 5.09
CA GLY D 23 21.07 -10.27 4.54
C GLY D 23 20.59 -8.87 4.22
N PRO D 24 19.82 -8.72 3.14
CA PRO D 24 19.34 -7.38 2.78
C PRO D 24 18.36 -6.82 3.81
N ALA D 25 18.35 -5.50 3.91
CA ALA D 25 17.42 -4.76 4.76
C ALA D 25 16.92 -3.55 3.99
N PRO D 26 15.67 -3.14 4.21
CA PRO D 26 15.14 -1.99 3.44
C PRO D 26 15.95 -0.73 3.72
N GLY D 27 16.37 -0.08 2.65
CA GLY D 27 17.20 1.09 2.76
C GLY D 27 18.67 0.88 2.42
N LEU D 28 19.07 -0.35 2.06
CA LEU D 28 20.44 -0.54 1.59
C LEU D 28 20.76 0.42 0.45
N ASN D 29 19.88 0.50 -0.54
CA ASN D 29 20.08 1.43 -1.63
C ASN D 29 20.15 2.86 -1.12
N GLY D 30 19.47 3.16 -0.01
CA GLY D 30 19.53 4.50 0.53
C GLY D 30 20.93 4.88 0.95
N VAL D 31 21.63 3.97 1.63
CA VAL D 31 23.01 4.21 2.02
C VAL D 31 23.90 4.32 0.78
N ILE D 32 23.71 3.43 -0.19
CA ILE D 32 24.55 3.45 -1.38
C ILE D 32 24.39 4.78 -2.11
N ALA D 33 23.14 5.26 -2.22
CA ALA D 33 22.89 6.50 -2.92
C ALA D 33 23.37 7.71 -2.13
N GLY D 34 23.21 7.68 -0.80
CA GLY D 34 23.67 8.81 -0.02
C GLY D 34 25.17 9.00 -0.12
N ALA D 35 25.93 7.91 0.02
CA ALA D 35 27.38 7.99 -0.09
C ALA D 35 27.80 8.33 -1.51
N THR D 36 27.17 7.69 -2.51
CA THR D 36 27.62 7.86 -3.88
C THR D 36 27.32 9.28 -4.40
N LEU D 37 26.10 9.77 -4.16
CA LEU D 37 25.71 11.07 -4.68
C LEU D 37 26.58 12.18 -4.10
N TYR D 38 26.82 12.15 -2.78
CA TYR D 38 27.69 13.13 -2.15
C TYR D 38 29.12 13.02 -2.66
N ALA D 39 29.63 11.78 -2.78
CA ALA D 39 30.99 11.61 -3.27
C ALA D 39 31.14 12.11 -4.69
N LEU D 40 30.11 11.95 -5.52
CA LEU D 40 30.19 12.45 -6.89
C LEU D 40 30.29 13.97 -6.92
N ARG D 41 29.58 14.66 -6.00
CA ARG D 41 29.70 16.11 -5.91
C ARG D 41 31.10 16.52 -5.47
N LEU D 42 31.83 15.64 -4.77
CA LEU D 42 33.21 15.91 -4.40
C LEU D 42 34.19 15.54 -5.51
N GLY D 43 33.71 15.00 -6.63
CA GLY D 43 34.56 14.60 -7.71
C GLY D 43 35.11 13.19 -7.61
N TRP D 44 34.71 12.42 -6.61
CA TRP D 44 35.21 11.07 -6.47
C TRP D 44 34.67 10.18 -7.58
N LYS D 45 35.41 9.13 -7.90
CA LYS D 45 34.94 8.05 -8.76
C LYS D 45 34.44 6.95 -7.83
N VAL D 46 33.24 6.44 -8.10
CA VAL D 46 32.60 5.47 -7.22
C VAL D 46 32.38 4.18 -7.99
N ILE D 47 32.75 3.05 -7.35
CA ILE D 47 32.55 1.73 -7.91
C ILE D 47 31.87 0.88 -6.84
N GLY D 48 31.19 -0.16 -7.29
CA GLY D 48 30.51 -1.05 -6.36
C GLY D 48 30.84 -2.50 -6.65
N PHE D 49 31.27 -3.22 -5.61
CA PHE D 49 31.56 -4.64 -5.76
C PHE D 49 30.26 -5.43 -5.65
N MET D 50 30.02 -6.30 -6.63
CA MET D 50 28.83 -7.14 -6.61
C MET D 50 29.01 -8.28 -5.60
N GLU D 51 27.95 -8.53 -4.83
CA GLU D 51 27.89 -9.67 -3.91
C GLU D 51 28.99 -9.60 -2.85
N GLY D 52 29.18 -8.43 -2.28
CA GLY D 52 30.06 -8.32 -1.13
C GLY D 52 31.49 -8.73 -1.43
N PHE D 53 32.04 -9.60 -0.58
CA PHE D 53 33.42 -10.04 -0.71
C PHE D 53 33.59 -11.27 -1.61
N LYS D 54 32.51 -11.77 -2.22
CA LYS D 54 32.58 -13.05 -2.91
C LYS D 54 33.72 -13.10 -3.92
N TYR D 55 33.82 -12.08 -4.78
CA TYR D 55 34.82 -12.08 -5.84
C TYR D 55 36.15 -11.45 -5.43
N LEU D 56 36.14 -10.54 -4.45
CA LEU D 56 37.39 -10.02 -3.92
C LEU D 56 38.21 -11.11 -3.23
N CYS D 57 37.57 -12.20 -2.80
CA CYS D 57 38.31 -13.26 -2.13
C CYS D 57 39.17 -14.08 -3.11
N THR D 58 38.80 -14.12 -4.39
CA THR D 58 39.57 -14.91 -5.34
C THR D 58 40.97 -14.33 -5.52
N GLY D 59 41.09 -12.99 -5.50
CA GLY D 59 42.34 -12.32 -5.78
C GLY D 59 42.62 -12.09 -7.25
N ASP D 60 41.80 -12.63 -8.15
CA ASP D 60 42.01 -12.46 -9.58
C ASP D 60 41.38 -11.13 -9.98
N VAL D 61 42.23 -10.17 -10.38
CA VAL D 61 41.73 -8.85 -10.75
C VAL D 61 40.84 -8.95 -11.99
N ASP D 62 41.11 -9.93 -12.85
CA ASP D 62 40.26 -10.12 -14.02
C ASP D 62 38.85 -10.53 -13.60
N VAL D 63 38.73 -11.41 -12.60
CA VAL D 63 37.42 -11.84 -12.13
C VAL D 63 36.70 -10.72 -11.40
N VAL D 64 37.42 -9.97 -10.57
CA VAL D 64 36.79 -8.89 -9.83
C VAL D 64 36.23 -7.84 -10.78
N LYS D 65 36.99 -7.49 -11.83
CA LYS D 65 36.53 -6.46 -12.75
C LYS D 65 35.23 -6.87 -13.43
N ALA D 66 35.06 -8.16 -13.71
CA ALA D 66 33.82 -8.65 -14.29
C ALA D 66 32.65 -8.57 -13.34
N HIS D 67 32.90 -8.31 -12.05
CA HIS D 67 31.84 -8.19 -11.05
C HIS D 67 32.01 -6.92 -10.22
N THR D 68 32.42 -5.83 -10.87
CA THR D 68 32.32 -4.50 -10.29
C THR D 68 31.68 -3.59 -11.34
N ILE D 69 30.92 -2.61 -10.87
CA ILE D 69 30.20 -1.71 -11.76
C ILE D 69 30.52 -0.29 -11.35
N ASP D 70 30.38 0.61 -12.32
CA ASP D 70 30.61 2.02 -12.08
C ASP D 70 29.34 2.62 -11.49
N LEU D 71 29.42 3.07 -10.25
CA LEU D 71 28.28 3.67 -9.57
C LEU D 71 28.23 5.14 -9.98
N THR D 72 27.38 5.46 -10.94
CA THR D 72 27.27 6.79 -11.51
C THR D 72 26.01 7.47 -10.98
N TYR D 73 25.91 8.77 -11.26
CA TYR D 73 24.74 9.52 -10.82
C TYR D 73 23.47 8.90 -11.38
N ASP D 74 23.47 8.54 -12.66
CA ASP D 74 22.26 8.00 -13.26
C ASP D 74 21.84 6.68 -12.61
N ILE D 75 22.82 5.88 -12.15
CA ILE D 75 22.53 4.60 -11.53
C ILE D 75 21.85 4.78 -10.18
N VAL D 76 22.27 5.78 -9.41
CA VAL D 76 21.88 5.90 -8.01
C VAL D 76 20.95 7.07 -7.74
N SER D 77 20.61 7.85 -8.76
CA SER D 77 19.83 9.06 -8.54
C SER D 77 18.41 8.79 -8.01
N ARG D 78 17.91 7.56 -8.16
CA ARG D 78 16.55 7.29 -7.71
C ARG D 78 16.37 5.93 -7.04
N ILE D 79 17.46 5.30 -6.58
CA ILE D 79 17.35 4.02 -5.88
C ILE D 79 16.92 4.16 -4.43
N HIS D 80 16.79 5.37 -3.92
CA HIS D 80 16.30 5.55 -2.56
C HIS D 80 14.85 5.14 -2.39
N PHE D 81 14.12 4.94 -3.50
CA PHE D 81 12.77 4.41 -3.41
C PHE D 81 12.70 2.90 -3.29
N GLN D 82 13.81 2.20 -3.54
CA GLN D 82 13.77 0.77 -3.85
C GLN D 82 14.31 -0.09 -2.71
N GLY D 83 13.61 -1.20 -2.46
CA GLY D 83 14.12 -2.23 -1.57
C GLY D 83 15.21 -3.05 -2.24
N GLY D 84 15.91 -3.82 -1.43
CA GLY D 84 17.04 -4.57 -1.94
C GLY D 84 18.29 -3.71 -2.09
N THR D 85 19.26 -4.27 -2.81
CA THR D 85 20.54 -3.61 -3.06
C THR D 85 20.92 -3.82 -4.52
N ILE D 86 21.27 -2.74 -5.22
CA ILE D 86 21.56 -2.85 -6.63
C ILE D 86 22.89 -3.55 -6.89
N ILE D 87 23.79 -3.59 -5.91
CA ILE D 87 25.03 -4.32 -6.04
C ILE D 87 24.95 -5.69 -5.37
N GLN D 88 23.74 -6.14 -5.02
CA GLN D 88 23.54 -7.44 -4.40
C GLN D 88 24.33 -7.53 -3.10
N THR D 89 24.30 -8.71 -2.48
CA THR D 89 24.99 -8.91 -1.23
C THR D 89 25.33 -10.39 -1.11
N SER D 90 26.26 -10.68 -0.19
CA SER D 90 26.69 -12.05 0.06
C SER D 90 27.24 -12.11 1.48
N ARG D 91 27.40 -13.33 1.96
CA ARG D 91 28.03 -13.58 3.25
C ARG D 91 29.48 -14.04 3.10
N ALA D 92 30.05 -13.95 1.91
CA ALA D 92 31.46 -14.24 1.72
C ALA D 92 32.30 -13.47 2.73
N ASN D 93 33.21 -14.17 3.40
CA ASN D 93 33.91 -13.64 4.57
C ASN D 93 35.41 -13.89 4.46
N PRO D 94 36.20 -12.87 4.13
CA PRO D 94 37.65 -13.09 3.98
C PRO D 94 38.44 -13.18 5.28
N ARG D 95 37.84 -12.83 6.42
CA ARG D 95 38.62 -12.78 7.66
C ARG D 95 39.08 -14.15 8.13
N LYS D 96 38.42 -15.22 7.68
CA LYS D 96 38.74 -16.55 8.18
C LYS D 96 40.14 -16.98 7.80
N SER D 97 40.64 -16.54 6.65
CA SER D 97 41.93 -17.00 6.15
C SER D 97 42.82 -15.81 5.83
N PRO D 98 44.10 -15.83 6.25
CA PRO D 98 45.03 -14.79 5.77
C PRO D 98 45.26 -14.88 4.27
N GLU D 99 45.07 -16.05 3.66
CA GLU D 99 45.15 -16.18 2.22
C GLU D 99 44.12 -15.31 1.52
N LEU D 100 42.89 -15.30 2.04
CA LEU D 100 41.83 -14.49 1.43
C LEU D 100 42.07 -13.01 1.65
N GLN D 101 42.61 -12.64 2.81
CA GLN D 101 42.83 -11.24 3.12
C GLN D 101 43.81 -10.59 2.15
N GLU D 102 44.85 -11.30 1.76
CA GLU D 102 45.77 -10.71 0.75
C GLU D 102 44.99 -10.47 -0.52
N ASN D 103 44.21 -11.47 -0.89
CA ASN D 103 43.50 -11.36 -2.16
C ASN D 103 42.65 -10.10 -2.21
N VAL D 104 41.94 -9.80 -1.10
CA VAL D 104 41.20 -8.55 -1.03
C VAL D 104 42.14 -7.35 -1.09
N ARG D 105 43.29 -7.45 -0.40
CA ARG D 105 44.23 -6.35 -0.39
C ARG D 105 44.81 -6.13 -1.77
N LYS D 106 45.07 -7.23 -2.50
CA LYS D 106 45.70 -7.14 -3.82
C LYS D 106 44.75 -6.49 -4.83
N CYS D 107 43.47 -6.83 -4.77
CA CYS D 107 42.50 -6.29 -5.73
C CYS D 107 42.16 -4.83 -5.42
N LEU D 108 42.10 -4.47 -4.14
CA LEU D 108 41.83 -3.08 -3.77
C LEU D 108 42.98 -2.17 -4.22
N ARG D 109 44.23 -2.60 -4.03
CA ARG D 109 45.36 -1.82 -4.50
C ARG D 109 45.35 -1.70 -6.03
N ALA D 110 45.00 -2.79 -6.71
CA ALA D 110 44.98 -2.77 -8.17
C ALA D 110 43.97 -1.74 -8.68
N LEU D 111 42.81 -1.66 -8.02
CA LEU D 111 41.77 -0.71 -8.38
C LEU D 111 41.99 0.67 -7.78
N LYS D 112 43.07 0.86 -7.02
CA LYS D 112 43.42 2.17 -6.47
C LYS D 112 42.28 2.72 -5.63
N VAL D 113 41.68 1.87 -4.80
CA VAL D 113 40.60 2.30 -3.92
C VAL D 113 41.21 3.09 -2.77
N ARG D 114 40.85 4.37 -2.70
CA ARG D 114 41.27 5.20 -1.57
C ARG D 114 40.31 5.08 -0.38
N TYR D 115 39.01 5.02 -0.63
CA TYR D 115 38.00 4.94 0.41
C TYR D 115 37.17 3.69 0.20
N PHE D 116 36.91 2.96 1.29
CA PHE D 116 36.25 1.64 1.21
C PHE D 116 35.09 1.63 2.20
N LEU D 117 33.87 1.57 1.67
CA LEU D 117 32.65 1.56 2.48
C LEU D 117 31.97 0.20 2.39
N THR D 118 31.78 -0.44 3.53
CA THR D 118 31.07 -1.72 3.61
C THR D 118 29.78 -1.52 4.39
N ILE D 119 28.69 -2.03 3.84
CA ILE D 119 27.38 -1.95 4.45
C ILE D 119 26.95 -3.36 4.80
N GLY D 120 26.85 -3.67 6.09
CA GLY D 120 26.58 -5.03 6.48
C GLY D 120 26.44 -5.16 7.98
N GLY D 121 26.38 -6.40 8.44
CA GLY D 121 26.30 -6.71 9.85
C GLY D 121 27.65 -6.81 10.50
N ASP D 122 27.69 -7.49 11.65
CA ASP D 122 28.93 -7.58 12.41
C ASP D 122 30.02 -8.31 11.63
N ASP D 123 29.67 -9.41 10.95
CA ASP D 123 30.66 -10.14 10.17
C ASP D 123 31.24 -9.27 9.06
N THR D 124 30.41 -8.45 8.41
CA THR D 124 30.88 -7.59 7.34
C THR D 124 31.85 -6.54 7.85
N ALA D 125 31.53 -5.92 9.00
CA ALA D 125 32.42 -4.90 9.55
C ALA D 125 33.76 -5.50 9.96
N SER D 126 33.73 -6.68 10.57
CA SER D 126 34.97 -7.32 11.01
C SER D 126 35.89 -7.63 9.83
N SER D 127 35.30 -8.03 8.69
CA SER D 127 36.12 -8.27 7.51
C SER D 127 36.80 -7.00 7.04
N ALA D 128 36.07 -5.88 7.06
CA ALA D 128 36.63 -4.62 6.57
C ALA D 128 37.81 -4.17 7.43
N VAL D 129 37.67 -4.25 8.75
CA VAL D 129 38.76 -3.83 9.63
C VAL D 129 39.95 -4.77 9.46
N SER D 130 39.68 -6.07 9.32
CA SER D 130 40.76 -7.03 9.13
C SER D 130 41.57 -6.71 7.88
N VAL D 131 40.89 -6.36 6.79
CA VAL D 131 41.59 -5.99 5.57
C VAL D 131 42.37 -4.69 5.77
N ALA D 132 41.91 -3.82 6.68
CA ALA D 132 42.56 -2.53 6.88
C ALA D 132 43.75 -2.63 7.83
N SER D 133 43.69 -3.55 8.81
CA SER D 133 44.73 -3.60 9.81
C SER D 133 46.09 -3.94 9.22
N GLY D 134 46.10 -4.75 8.15
CA GLY D 134 47.32 -5.12 7.47
C GLY D 134 47.54 -4.35 6.18
N MET D 135 47.07 -3.11 6.15
CA MET D 135 47.21 -2.22 5.00
C MET D 135 47.67 -0.86 5.50
N ASN D 136 48.51 -0.20 4.70
CA ASN D 136 48.99 1.13 5.06
C ASN D 136 47.81 2.08 5.22
N GLY D 137 47.84 2.88 6.30
CA GLY D 137 46.73 3.75 6.62
C GLY D 137 46.58 4.95 5.70
N ASN D 138 47.58 5.22 4.86
CA ASN D 138 47.53 6.33 3.94
C ASN D 138 46.86 5.96 2.61
N GLU D 139 47.15 4.77 2.09
CA GLU D 139 46.59 4.32 0.83
C GLU D 139 45.07 4.12 0.91
N ILE D 140 44.59 3.47 1.98
CA ILE D 140 43.18 3.10 2.09
C ILE D 140 42.63 3.45 3.45
N SER D 141 41.41 3.99 3.46
CA SER D 141 40.64 4.26 4.67
C SER D 141 39.36 3.45 4.60
N VAL D 142 38.99 2.81 5.71
CA VAL D 142 37.90 1.84 5.72
C VAL D 142 36.85 2.25 6.75
N ILE D 143 35.59 2.31 6.31
CA ILE D 143 34.45 2.57 7.18
C ILE D 143 33.36 1.55 6.88
N SER D 144 32.60 1.19 7.91
CA SER D 144 31.49 0.26 7.77
C SER D 144 30.23 0.89 8.34
N CYS D 145 29.11 0.62 7.70
CA CYS D 145 27.83 1.11 8.17
C CYS D 145 27.03 -0.07 8.73
N PRO D 146 26.64 -0.06 10.01
CA PRO D 146 25.98 -1.25 10.58
C PRO D 146 24.53 -1.35 10.13
N LYS D 147 24.17 -2.55 9.66
CA LYS D 147 22.85 -2.83 9.10
C LYS D 147 22.29 -4.07 9.78
N THR D 148 21.02 -3.99 10.17
CA THR D 148 20.29 -5.16 10.64
C THR D 148 18.82 -4.79 10.76
N ILE D 149 17.95 -5.71 10.34
CA ILE D 149 16.51 -5.53 10.58
C ILE D 149 16.07 -6.01 11.94
N ASP D 150 16.97 -6.64 12.71
CA ASP D 150 16.64 -7.16 14.03
C ASP D 150 16.77 -6.13 15.14
N ASN D 151 17.27 -4.93 14.84
CA ASN D 151 17.31 -3.83 15.81
C ASN D 151 18.21 -4.14 17.01
N ASP D 152 19.22 -4.99 16.81
CA ASP D 152 20.04 -5.51 17.90
C ASP D 152 21.39 -4.81 18.04
N LEU D 153 21.56 -3.63 17.43
CA LEU D 153 22.77 -2.85 17.68
C LEU D 153 22.66 -2.09 19.00
N PRO D 154 23.78 -1.75 19.62
CA PRO D 154 23.76 -1.08 20.94
C PRO D 154 23.63 0.46 20.80
N LEU D 155 22.60 0.90 20.10
CA LEU D 155 22.26 2.31 20.08
C LEU D 155 21.53 2.69 21.36
N PRO D 156 21.40 3.99 21.65
CA PRO D 156 20.63 4.39 22.83
C PRO D 156 19.22 3.81 22.78
N ALA D 157 18.69 3.47 23.96
CA ALA D 157 17.42 2.76 24.02
C ALA D 157 16.34 3.55 23.29
N ASP D 158 15.50 2.84 22.55
CA ASP D 158 14.42 3.43 21.76
C ASP D 158 14.96 4.17 20.54
N GLN D 159 16.07 3.68 19.97
CA GLN D 159 16.67 4.22 18.75
C GLN D 159 16.94 3.02 17.86
N SER D 160 16.46 3.08 16.63
CA SER D 160 16.38 1.90 15.79
C SER D 160 17.50 1.82 14.75
N THR D 161 17.77 0.60 14.31
CA THR D 161 18.61 0.34 13.17
C THR D 161 17.81 0.51 11.87
N PHE D 162 18.49 0.95 10.81
CA PHE D 162 17.79 1.24 9.57
C PHE D 162 17.31 -0.06 8.94
N GLY D 163 16.08 -0.02 8.40
CA GLY D 163 15.38 -1.18 7.91
C GLY D 163 14.40 -1.78 8.90
N PHE D 164 14.61 -1.53 10.19
CA PHE D 164 13.70 -2.08 11.19
C PHE D 164 12.32 -1.45 11.10
N HIS D 165 12.26 -0.13 10.87
CA HIS D 165 10.96 0.52 10.78
C HIS D 165 10.15 -0.02 9.61
N THR D 166 10.78 -0.21 8.45
CA THR D 166 10.06 -0.75 7.31
C THR D 166 9.58 -2.16 7.57
N ALA D 167 10.46 -3.03 8.06
CA ALA D 167 10.10 -4.41 8.32
C ALA D 167 8.95 -4.51 9.33
N ARG D 168 8.99 -3.69 10.39
CA ARG D 168 7.97 -3.77 11.41
C ARG D 168 6.60 -3.34 10.89
N SER D 169 6.55 -2.28 10.07
CA SER D 169 5.24 -1.79 9.63
C SER D 169 4.60 -2.74 8.62
N LEU D 170 5.39 -3.27 7.68
CA LEU D 170 4.84 -4.26 6.76
C LEU D 170 4.43 -5.53 7.49
N GLY D 171 5.21 -5.94 8.49
CA GLY D 171 4.81 -7.08 9.30
C GLY D 171 3.51 -6.82 10.02
N MET D 172 3.30 -5.58 10.48
CA MET D 172 2.04 -5.23 11.10
C MET D 172 0.89 -5.42 10.14
N GLU D 173 1.08 -4.99 8.89
CA GLU D 173 0.01 -5.08 7.88
C GLU D 173 -0.33 -6.53 7.58
N ILE D 174 0.68 -7.40 7.51
CA ILE D 174 0.43 -8.82 7.28
C ILE D 174 -0.36 -9.40 8.45
N ILE D 175 0.05 -9.08 9.67
CA ILE D 175 -0.63 -9.62 10.83
C ILE D 175 -2.05 -9.10 10.90
N ARG D 176 -2.29 -7.85 10.46
CA ARG D 176 -3.64 -7.31 10.46
C ARG D 176 -4.58 -8.16 9.63
N ASN D 177 -4.14 -8.57 8.44
CA ASN D 177 -4.97 -9.43 7.61
C ASN D 177 -5.24 -10.77 8.30
N LEU D 178 -4.24 -11.29 9.01
CA LEU D 178 -4.46 -12.54 9.75
C LEU D 178 -5.38 -12.32 10.93
N MET D 179 -5.34 -11.11 11.52
CA MET D 179 -6.25 -10.77 12.61
C MET D 179 -7.70 -10.70 12.13
N VAL D 180 -7.92 -10.13 10.94
CA VAL D 180 -9.28 -10.14 10.40
C VAL D 180 -9.70 -11.56 10.06
N ASP D 181 -8.80 -12.35 9.45
CA ASP D 181 -9.17 -13.70 9.05
C ASP D 181 -9.42 -14.59 10.26
N SER D 182 -8.65 -14.41 11.34
CA SER D 182 -8.85 -15.26 12.52
C SER D 182 -10.22 -15.00 13.15
N LYS D 183 -10.71 -13.76 13.06
CA LYS D 183 -12.02 -13.42 13.62
C LYS D 183 -13.15 -13.77 12.66
N SER D 184 -12.92 -13.56 11.36
CA SER D 184 -13.96 -13.87 10.37
C SER D 184 -14.20 -15.36 10.28
N ALA D 185 -13.14 -16.17 10.37
CA ALA D 185 -13.22 -17.63 10.34
C ALA D 185 -12.50 -18.13 11.58
N PRO D 186 -13.20 -18.24 12.71
CA PRO D 186 -12.52 -18.48 13.99
C PRO D 186 -11.36 -19.46 13.92
N ARG D 187 -10.17 -19.00 14.31
CA ARG D 187 -8.94 -19.77 14.23
C ARG D 187 -7.88 -19.04 15.04
N TRP D 188 -6.85 -19.78 15.43
CA TRP D 188 -5.64 -19.21 16.01
C TRP D 188 -4.50 -19.33 15.01
N PHE D 189 -3.79 -18.22 14.79
CA PHE D 189 -2.56 -18.23 14.01
C PHE D 189 -1.38 -18.15 14.97
N LEU D 190 -0.41 -19.07 14.81
CA LEU D 190 0.89 -18.97 15.48
C LEU D 190 1.88 -18.40 14.47
N VAL D 191 2.09 -17.09 14.53
CA VAL D 191 3.03 -16.42 13.63
C VAL D 191 4.44 -16.55 14.19
N GLU D 192 5.38 -16.97 13.35
CA GLU D 192 6.78 -17.09 13.72
C GLU D 192 7.55 -15.96 13.04
N ALA D 193 7.99 -14.98 13.82
CA ALA D 193 8.73 -13.84 13.30
C ALA D 193 10.21 -14.22 13.13
N MET D 194 10.75 -14.03 11.93
CA MET D 194 12.11 -14.43 11.62
C MET D 194 13.10 -13.63 12.44
N GLY D 195 14.24 -14.27 12.71
CA GLY D 195 15.30 -13.63 13.48
C GLY D 195 15.54 -14.29 14.81
N ARG D 196 16.76 -14.79 15.02
CA ARG D 196 17.12 -15.50 16.23
C ARG D 196 17.95 -14.66 17.19
N SER D 197 18.37 -13.47 16.77
CA SER D 197 19.22 -12.66 17.63
C SER D 197 18.45 -12.10 18.82
N ALA D 198 17.25 -11.58 18.58
CA ALA D 198 16.51 -10.87 19.61
C ALA D 198 15.02 -10.95 19.31
N GLY D 199 14.24 -10.30 20.15
CA GLY D 199 12.80 -10.28 19.99
C GLY D 199 12.25 -8.93 19.58
N HIS D 200 13.13 -8.05 19.12
CA HIS D 200 12.68 -6.71 18.74
C HIS D 200 11.63 -6.76 17.65
N LEU D 201 11.86 -7.58 16.62
CA LEU D 201 10.98 -7.61 15.46
C LEU D 201 9.66 -8.29 15.78
N ALA D 202 9.69 -9.38 16.53
CA ALA D 202 8.43 -10.03 16.90
C ALA D 202 7.60 -9.12 17.79
N LEU D 203 8.21 -8.57 18.84
CA LEU D 203 7.45 -7.74 19.76
C LEU D 203 6.96 -6.47 19.07
N GLY D 204 7.75 -5.91 18.15
CA GLY D 204 7.30 -4.73 17.45
C GLY D 204 6.05 -4.99 16.63
N MET D 205 6.05 -6.08 15.87
CA MET D 205 4.87 -6.44 15.09
C MET D 205 3.70 -6.71 16.02
N ALA D 206 3.93 -7.46 17.10
CA ALA D 206 2.83 -7.89 17.96
C ALA D 206 2.13 -6.70 18.60
N GLU D 207 2.90 -5.77 19.14
CA GLU D 207 2.31 -4.61 19.81
C GLU D 207 1.52 -3.75 18.84
N ALA D 208 2.09 -3.50 17.65
CA ALA D 208 1.44 -2.63 16.68
C ALA D 208 0.11 -3.21 16.21
N SER D 209 0.06 -4.51 15.98
CA SER D 209 -1.11 -5.18 15.41
C SER D 209 -2.13 -5.60 16.47
N GLY D 210 -1.83 -5.40 17.75
CA GLY D 210 -2.73 -5.84 18.79
C GLY D 210 -2.83 -7.35 18.91
N ALA D 211 -1.77 -8.06 18.52
CA ALA D 211 -1.78 -9.51 18.65
C ALA D 211 -1.98 -9.90 20.11
N HIS D 212 -2.69 -10.99 20.32
CA HIS D 212 -3.13 -11.36 21.66
C HIS D 212 -2.03 -11.95 22.52
N LEU D 213 -0.90 -12.34 21.94
CA LEU D 213 0.21 -12.84 22.74
C LEU D 213 1.49 -12.72 21.94
N CYS D 214 2.57 -12.43 22.64
CA CYS D 214 3.90 -12.46 22.03
C CYS D 214 4.89 -13.10 22.99
N LEU D 215 5.67 -14.05 22.49
CA LEU D 215 6.70 -14.73 23.25
C LEU D 215 8.06 -14.44 22.62
N ILE D 216 8.98 -13.93 23.43
CA ILE D 216 10.35 -13.65 22.99
C ILE D 216 11.29 -14.39 23.93
N PRO D 217 12.49 -14.76 23.49
CA PRO D 217 13.42 -15.44 24.41
C PRO D 217 13.79 -14.62 25.63
N GLU D 218 13.74 -13.29 25.51
CA GLU D 218 14.22 -12.41 26.59
C GLU D 218 13.36 -12.48 27.85
N GLU D 219 12.11 -12.94 27.75
CA GLU D 219 11.20 -12.88 28.90
C GLU D 219 11.29 -14.11 29.79
N PHE D 220 12.09 -15.11 29.43
CA PHE D 220 12.23 -16.34 30.22
C PHE D 220 13.34 -16.15 31.26
N LYS D 221 13.00 -16.40 32.53
CA LYS D 221 13.98 -16.18 33.59
C LYS D 221 15.12 -17.21 33.51
N GLN D 222 14.79 -18.49 33.35
CA GLN D 222 15.84 -19.50 33.34
C GLN D 222 16.63 -19.39 32.04
N ASP D 223 17.86 -19.92 32.06
CA ASP D 223 18.75 -19.82 30.91
C ASP D 223 18.33 -20.69 29.75
N GLU D 224 17.59 -21.77 30.00
CA GLU D 224 17.17 -22.69 28.95
C GLU D 224 15.66 -22.86 29.00
N ILE D 225 15.04 -22.78 27.84
CA ILE D 225 13.59 -22.90 27.72
C ILE D 225 13.24 -24.37 27.54
N GLU D 226 12.11 -24.78 28.10
CA GLU D 226 11.60 -26.13 27.90
C GLU D 226 10.41 -26.08 26.93
N PHE D 227 10.36 -27.05 26.01
CA PHE D 227 9.29 -27.10 25.01
C PHE D 227 7.92 -27.13 25.69
N GLU D 228 7.80 -27.83 26.80
CA GLU D 228 6.51 -27.91 27.49
C GLU D 228 6.06 -26.52 27.93
N ASP D 229 6.99 -25.70 28.45
CA ASP D 229 6.62 -24.38 28.95
C ASP D 229 6.04 -23.51 27.84
N VAL D 230 6.63 -23.56 26.65
CA VAL D 230 6.15 -22.75 25.54
C VAL D 230 4.73 -23.15 25.17
N VAL D 231 4.49 -24.46 25.08
CA VAL D 231 3.14 -24.94 24.74
C VAL D 231 2.13 -24.46 25.76
N GLU D 232 2.48 -24.55 27.06
CA GLU D 232 1.51 -24.19 28.09
C GLU D 232 1.27 -22.69 28.14
N LEU D 233 2.27 -21.88 27.82
CA LEU D 233 2.05 -20.44 27.79
C LEU D 233 1.05 -20.06 26.72
N VAL D 234 1.18 -20.65 25.52
CA VAL D 234 0.21 -20.41 24.46
C VAL D 234 -1.14 -21.02 24.82
N GLU D 235 -1.11 -22.19 25.46
CA GLU D 235 -2.35 -22.86 25.84
C GLU D 235 -3.16 -22.00 26.80
N ALA D 236 -2.50 -21.40 27.78
CA ALA D 236 -3.23 -20.60 28.78
C ALA D 236 -3.92 -19.41 28.13
N THR D 237 -3.25 -18.75 27.17
CA THR D 237 -3.87 -17.62 26.49
C THR D 237 -5.09 -18.06 25.69
N ILE D 238 -4.99 -19.20 24.99
CA ILE D 238 -6.12 -19.67 24.20
C ILE D 238 -7.32 -19.95 25.10
N LEU D 239 -7.07 -20.55 26.26
CA LEU D 239 -8.16 -20.83 27.19
C LEU D 239 -8.75 -19.55 27.76
N LYS D 240 -7.91 -18.59 28.15
CA LYS D 240 -8.44 -17.37 28.76
C LYS D 240 -9.32 -16.58 27.79
N ARG D 241 -8.89 -16.43 26.53
CA ARG D 241 -9.78 -15.84 25.53
C ARG D 241 -11.03 -16.68 25.33
N LEU D 242 -10.87 -18.01 25.33
CA LEU D 242 -12.04 -18.88 25.18
C LEU D 242 -13.02 -18.68 26.33
N ALA D 243 -12.52 -18.39 27.52
CA ALA D 243 -13.41 -18.14 28.67
C ALA D 243 -14.18 -16.83 28.51
N TYR D 244 -13.76 -15.96 27.61
CA TYR D 244 -14.47 -14.71 27.30
C TYR D 244 -15.21 -14.80 25.97
N GLY D 245 -15.46 -16.02 25.49
CA GLY D 245 -16.27 -16.22 24.32
C GLY D 245 -15.56 -16.10 23.00
N LYS D 246 -14.23 -16.08 23.01
CA LYS D 246 -13.43 -15.91 21.80
C LYS D 246 -12.56 -17.14 21.60
N ASN D 247 -12.85 -17.90 20.54
CA ASN D 247 -12.09 -19.10 20.18
C ASN D 247 -11.13 -18.84 19.03
N TYR D 248 -10.55 -17.63 18.99
CA TYR D 248 -9.66 -17.26 17.90
C TYR D 248 -8.66 -16.24 18.41
N GLY D 249 -7.60 -16.03 17.63
CA GLY D 249 -6.61 -15.04 17.99
C GLY D 249 -5.39 -15.18 17.12
N VAL D 250 -4.38 -14.37 17.44
CA VAL D 250 -3.07 -14.44 16.80
C VAL D 250 -2.01 -14.33 17.88
N CYS D 251 -1.02 -15.22 17.83
CA CYS D 251 0.10 -15.25 18.76
C CYS D 251 1.39 -15.17 17.96
N VAL D 252 2.27 -14.23 18.32
CA VAL D 252 3.53 -14.01 17.62
C VAL D 252 4.65 -14.62 18.43
N LEU D 253 5.53 -15.37 17.76
CA LEU D 253 6.62 -16.07 18.40
C LEU D 253 7.95 -15.66 17.77
N ALA D 254 8.85 -15.09 18.58
CA ALA D 254 10.18 -14.80 18.09
C ALA D 254 10.90 -16.10 17.78
N GLU D 255 11.54 -16.17 16.62
CA GLU D 255 12.30 -17.37 16.26
C GLU D 255 13.47 -17.62 17.22
N GLY D 256 13.90 -16.60 17.97
CA GLY D 256 14.97 -16.77 18.92
C GLY D 256 14.64 -17.70 20.08
N LEU D 257 13.37 -18.01 20.27
CA LEU D 257 13.00 -18.98 21.30
C LEU D 257 13.72 -20.31 21.11
N VAL D 258 13.89 -20.72 19.85
CA VAL D 258 14.51 -22.01 19.58
C VAL D 258 15.96 -22.03 20.02
N SER D 259 16.67 -20.92 19.84
CA SER D 259 18.10 -20.91 20.18
C SER D 259 18.34 -20.84 21.68
N LYS D 260 17.29 -20.62 22.47
CA LYS D 260 17.39 -20.68 23.92
C LYS D 260 16.89 -22.01 24.50
N MET D 261 16.40 -22.91 23.66
CA MET D 261 15.84 -24.16 24.15
C MET D 261 16.94 -25.12 24.59
N SER D 262 16.62 -25.93 25.59
CA SER D 262 17.54 -26.94 26.08
C SER D 262 17.71 -28.05 25.04
N LYS D 263 18.65 -28.97 25.32
CA LYS D 263 18.82 -30.11 24.43
C LYS D 263 17.57 -30.99 24.41
N LYS D 264 16.98 -31.24 25.57
CA LYS D 264 15.77 -32.06 25.63
C LYS D 264 14.64 -31.39 24.87
N ALA D 265 14.48 -30.07 25.03
CA ALA D 265 13.42 -29.35 24.34
C ALA D 265 13.58 -29.45 22.83
N LEU D 266 14.81 -29.32 22.33
CA LEU D 266 15.05 -29.43 20.90
C LEU D 266 14.73 -30.83 20.39
N TYR D 267 14.95 -31.85 21.23
CA TYR D 267 14.59 -33.21 20.85
C TYR D 267 13.10 -33.33 20.60
N LYS D 268 12.28 -32.76 21.49
CA LYS D 268 10.83 -32.76 21.28
C LYS D 268 10.45 -31.87 20.10
N LEU D 269 11.19 -30.80 19.87
CA LEU D 269 10.84 -29.86 18.81
C LEU D 269 10.88 -30.52 17.44
N PHE D 270 11.86 -31.38 17.21
CA PHE D 270 12.03 -32.03 15.91
C PHE D 270 11.24 -33.32 15.79
N GLY D 271 10.14 -33.44 16.53
CA GLY D 271 9.29 -34.60 16.43
C GLY D 271 9.74 -35.79 17.24
N ASN D 272 10.32 -35.55 18.41
CA ASN D 272 10.91 -36.60 19.23
C ASN D 272 11.95 -37.39 18.44
N ARG D 273 12.65 -36.70 17.53
CA ARG D 273 13.77 -37.23 16.78
C ARG D 273 15.05 -36.53 17.18
N GLU D 274 16.18 -37.09 16.78
CA GLU D 274 17.46 -36.43 17.00
C GLU D 274 17.55 -35.17 16.15
N PRO D 275 17.88 -34.02 16.74
CA PRO D 275 17.99 -32.78 15.94
C PRO D 275 19.04 -32.91 14.85
N PRO D 276 18.77 -32.37 13.66
CA PRO D 276 19.80 -32.42 12.60
C PRO D 276 21.03 -31.63 12.99
N THR D 277 22.16 -32.04 12.43
CA THR D 277 23.46 -31.44 12.74
C THR D 277 24.27 -31.28 11.47
N ASP D 278 25.20 -30.33 11.49
CA ASP D 278 26.08 -30.08 10.36
C ASP D 278 27.28 -31.03 10.37
N LEU D 284 21.52 -27.49 13.49
CA LEU D 284 20.89 -26.83 12.35
C LEU D 284 19.53 -26.28 12.77
N LEU D 285 19.53 -25.07 13.33
CA LEU D 285 18.31 -24.47 13.85
C LEU D 285 17.37 -23.97 12.75
N ASP D 286 17.87 -23.78 11.52
CA ASP D 286 17.00 -23.34 10.43
C ASP D 286 15.92 -24.37 10.12
N ASP D 287 16.27 -25.66 10.18
CA ASP D 287 15.31 -26.71 9.87
C ASP D 287 14.21 -26.84 10.91
N ALA D 288 14.37 -26.24 12.08
CA ALA D 288 13.32 -26.29 13.10
C ALA D 288 12.11 -25.52 12.62
N GLU D 289 10.92 -26.04 12.97
CA GLU D 289 9.65 -25.40 12.65
C GLU D 289 8.95 -25.16 13.98
N LEU D 290 9.27 -24.04 14.62
CA LEU D 290 8.74 -23.76 15.95
C LEU D 290 7.23 -23.64 15.94
N ALA D 291 6.70 -22.80 15.05
CA ALA D 291 5.26 -22.56 15.03
C ALA D 291 4.50 -23.83 14.66
N ARG D 292 5.02 -24.61 13.72
CA ARG D 292 4.35 -25.83 13.30
C ARG D 292 4.30 -26.86 14.43
N SER D 293 5.42 -27.06 15.13
CA SER D 293 5.46 -28.04 16.20
C SER D 293 4.49 -27.67 17.30
N LEU D 294 4.47 -26.39 17.69
CA LEU D 294 3.54 -25.94 18.72
C LEU D 294 2.10 -26.14 18.25
N SER D 295 1.85 -25.92 16.96
CA SER D 295 0.50 -26.09 16.43
C SER D 295 0.02 -27.53 16.57
N GLU D 296 0.88 -28.50 16.30
CA GLU D 296 0.50 -29.90 16.42
C GLU D 296 0.15 -30.25 17.86
N GLU D 297 1.04 -29.90 18.80
CA GLU D 297 0.80 -30.25 20.20
C GLU D 297 -0.47 -29.59 20.73
N LEU D 298 -0.68 -28.31 20.40
CA LEU D 298 -1.85 -27.60 20.91
C LEU D 298 -3.14 -28.17 20.34
N LEU D 299 -3.13 -28.63 19.10
CA LEU D 299 -4.32 -29.25 18.52
C LEU D 299 -4.68 -30.53 19.26
N LYS D 300 -3.67 -31.29 19.69
CA LYS D 300 -3.94 -32.49 20.46
C LYS D 300 -4.70 -32.15 21.74
N ARG D 301 -4.29 -31.09 22.42
CA ARG D 301 -4.85 -30.77 23.73
C ARG D 301 -6.16 -29.99 23.62
N LEU D 302 -6.33 -29.18 22.58
CA LEU D 302 -7.43 -28.24 22.51
C LEU D 302 -8.35 -28.46 21.33
N GLY D 303 -8.04 -29.41 20.45
CA GLY D 303 -8.91 -29.65 19.32
C GLY D 303 -10.33 -30.01 19.74
N ASN D 304 -10.45 -30.82 20.80
CA ASN D 304 -11.76 -31.22 21.29
C ASN D 304 -12.60 -30.03 21.71
N LEU D 305 -11.97 -28.90 22.04
CA LEU D 305 -12.67 -27.71 22.47
C LEU D 305 -13.19 -26.87 21.31
N GLY D 306 -12.98 -27.31 20.07
CA GLY D 306 -13.36 -26.54 18.91
C GLY D 306 -12.33 -25.55 18.42
N ILE D 307 -11.06 -25.73 18.77
CA ILE D 307 -10.00 -24.80 18.43
C ILE D 307 -9.20 -25.36 17.26
N ARG D 308 -8.96 -24.52 16.25
CA ARG D 308 -8.05 -24.84 15.17
C ARG D 308 -6.83 -23.94 15.25
N ILE D 309 -5.66 -24.48 14.96
CA ILE D 309 -4.40 -23.74 15.05
C ILE D 309 -3.62 -23.96 13.77
N THR D 310 -3.12 -22.87 13.18
CA THR D 310 -2.40 -22.86 11.92
C THR D 310 -1.17 -21.98 12.06
N PRO D 311 0.01 -22.46 11.69
CA PRO D 311 1.21 -21.61 11.74
C PRO D 311 1.36 -20.76 10.50
N LYS D 312 2.21 -19.74 10.62
CA LYS D 312 2.46 -18.81 9.53
C LYS D 312 3.80 -18.13 9.80
N LYS D 313 4.70 -18.16 8.84
CA LYS D 313 5.99 -17.52 8.99
C LYS D 313 5.98 -16.16 8.29
N ILE D 314 6.54 -15.16 8.95
CA ILE D 314 6.70 -13.82 8.38
C ILE D 314 8.20 -13.55 8.36
N GLY D 315 8.82 -13.87 7.23
CA GLY D 315 10.26 -13.78 7.07
C GLY D 315 10.75 -12.92 5.93
N TYR D 316 11.15 -13.60 4.85
CA TYR D 316 11.89 -13.00 3.75
C TYR D 316 11.12 -11.94 2.99
N GLU D 317 9.79 -11.91 3.09
CA GLU D 317 9.04 -10.89 2.37
C GLU D 317 9.25 -9.50 2.94
N LEU D 318 9.87 -9.36 4.11
CA LEU D 318 10.14 -8.06 4.69
C LEU D 318 11.47 -7.45 4.25
N ARG D 319 12.42 -8.30 3.87
CA ARG D 319 13.82 -7.89 3.78
C ARG D 319 14.04 -6.88 2.66
N CYS D 320 13.30 -7.00 1.55
CA CYS D 320 13.48 -6.11 0.40
C CYS D 320 12.24 -5.30 0.07
N ALA D 321 11.40 -5.02 1.06
CA ALA D 321 10.32 -4.07 0.88
C ALA D 321 10.87 -2.66 0.67
N ASP D 322 10.11 -1.84 -0.08
CA ASP D 322 10.53 -0.46 -0.27
C ASP D 322 10.57 0.27 1.08
N PRO D 323 11.58 1.11 1.31
CA PRO D 323 11.71 1.75 2.63
C PRO D 323 10.57 2.70 2.93
N VAL D 324 10.18 2.73 4.21
CA VAL D 324 9.24 3.75 4.70
C VAL D 324 10.02 5.04 4.86
N ALA D 325 9.30 6.16 5.04
CA ALA D 325 9.96 7.46 5.03
C ALA D 325 11.03 7.56 6.11
N PHE D 326 10.80 6.94 7.27
CA PHE D 326 11.79 7.02 8.35
C PHE D 326 13.10 6.37 7.92
N ASP D 327 13.04 5.23 7.23
CA ASP D 327 14.27 4.58 6.80
C ASP D 327 14.91 5.27 5.60
N ALA D 328 14.11 5.91 4.75
CA ALA D 328 14.69 6.66 3.64
C ALA D 328 15.54 7.83 4.14
N VAL D 329 15.03 8.56 5.14
CA VAL D 329 15.83 9.65 5.72
C VAL D 329 17.02 9.08 6.47
N TYR D 330 16.81 8.02 7.23
CA TYR D 330 17.86 7.41 8.04
C TYR D 330 19.06 7.02 7.18
N THR D 331 18.81 6.31 6.07
CA THR D 331 19.90 5.81 5.25
C THR D 331 20.56 6.91 4.44
N ARG D 332 19.81 7.95 4.07
CA ARG D 332 20.44 9.09 3.40
C ARG D 332 21.41 9.80 4.34
N GLU D 333 21.01 9.99 5.59
CA GLU D 333 21.91 10.62 6.55
C GLU D 333 23.11 9.73 6.86
N LEU D 334 22.94 8.41 6.81
CA LEU D 334 24.07 7.51 7.05
C LEU D 334 25.06 7.58 5.89
N GLY D 335 24.55 7.55 4.66
CA GLY D 335 25.44 7.65 3.51
C GLY D 335 26.24 8.93 3.50
N TYR D 336 25.59 10.05 3.85
CA TYR D 336 26.32 11.32 3.99
C TYR D 336 27.39 11.20 5.06
N GLY D 337 27.05 10.60 6.21
CA GLY D 337 28.01 10.52 7.31
C GLY D 337 29.22 9.66 7.01
N ALA D 338 29.05 8.63 6.18
CA ALA D 338 30.18 7.81 5.79
C ALA D 338 31.18 8.61 5.00
N ILE D 339 30.72 9.45 4.07
CA ILE D 339 31.61 10.31 3.31
C ILE D 339 32.25 11.38 4.20
N ASP D 340 31.48 11.92 5.14
CA ASP D 340 32.02 12.92 6.05
C ASP D 340 33.14 12.34 6.92
N ALA D 341 32.99 11.08 7.35
CA ALA D 341 34.02 10.45 8.17
C ALA D 341 35.32 10.32 7.39
N PHE D 342 35.23 9.87 6.14
CA PHE D 342 36.45 9.77 5.32
C PHE D 342 37.15 11.12 5.20
N LEU D 343 36.38 12.17 4.91
CA LEU D 343 37.00 13.47 4.73
C LEU D 343 37.76 13.91 5.97
N ASN D 344 37.28 13.51 7.15
CA ASN D 344 37.91 13.88 8.41
C ASN D 344 38.95 12.86 8.85
N GLY D 345 39.35 11.95 7.97
CA GLY D 345 40.43 11.05 8.26
C GLY D 345 40.08 9.85 9.10
N HIS D 346 38.79 9.62 9.35
CA HIS D 346 38.40 8.49 10.16
C HIS D 346 38.58 7.18 9.39
N SER D 347 38.91 6.12 10.12
CA SER D 347 39.02 4.79 9.56
C SER D 347 38.80 3.79 10.68
N ALA D 348 38.48 2.55 10.30
CA ALA D 348 38.13 1.51 11.25
C ALA D 348 37.04 1.99 12.21
N ALA D 349 36.02 2.64 11.64
CA ALA D 349 34.93 3.22 12.39
C ALA D 349 33.60 2.84 11.76
N LEU D 350 32.56 2.88 12.59
CA LEU D 350 31.19 2.57 12.18
C LEU D 350 30.34 3.84 12.21
N ILE D 351 29.61 4.08 11.13
CA ILE D 351 28.72 5.24 11.05
C ILE D 351 27.43 4.88 11.76
N VAL D 352 27.15 5.54 12.88
CA VAL D 352 25.94 5.31 13.66
C VAL D 352 25.30 6.66 13.96
N ARG D 353 24.00 6.65 14.20
CA ARG D 353 23.26 7.87 14.48
C ARG D 353 22.79 7.84 15.93
N GLU D 354 23.16 8.89 16.66
CA GLU D 354 22.90 9.04 18.09
C GLU D 354 22.48 10.48 18.31
N ASN D 355 21.41 10.68 19.07
CA ASN D 355 20.89 12.02 19.35
C ASN D 355 20.65 12.78 18.05
N GLY D 356 20.18 12.07 17.04
CA GLY D 356 19.93 12.71 15.77
C GLY D 356 21.18 13.17 15.05
N GLN D 357 22.33 12.60 15.41
CA GLN D 357 23.62 13.02 14.85
C GLN D 357 24.35 11.81 14.30
N VAL D 358 24.72 11.86 13.02
CA VAL D 358 25.52 10.81 12.41
C VAL D 358 26.99 11.12 12.66
N LYS D 359 27.70 10.19 13.28
CA LYS D 359 29.10 10.34 13.65
C LYS D 359 29.81 8.99 13.63
N PRO D 360 31.12 8.97 13.36
CA PRO D 360 31.86 7.71 13.40
C PRO D 360 32.19 7.29 14.82
N VAL D 361 32.17 5.97 15.03
CA VAL D 361 32.46 5.36 16.32
C VAL D 361 33.40 4.19 16.06
N GLN D 362 34.57 4.19 16.70
CA GLN D 362 35.56 3.15 16.41
C GLN D 362 34.98 1.78 16.70
N PHE D 363 35.31 0.80 15.86
CA PHE D 363 34.73 -0.53 15.98
C PHE D 363 34.99 -1.11 17.37
N LYS D 364 36.21 -0.94 17.88
CA LYS D 364 36.56 -1.49 19.19
C LYS D 364 35.75 -0.85 20.31
N ASP D 365 35.32 0.40 20.15
CA ASP D 365 34.50 1.03 21.18
C ASP D 365 33.17 0.31 21.36
N LEU D 366 32.67 -0.34 20.31
CA LEU D 366 31.36 -0.99 20.37
C LEU D 366 31.43 -2.48 20.71
N LEU D 367 32.63 -3.05 20.78
CA LEU D 367 32.77 -4.48 21.03
C LEU D 367 32.54 -4.80 22.50
N ASP D 368 31.86 -5.92 22.74
CA ASP D 368 31.76 -6.50 24.08
C ASP D 368 32.92 -7.47 24.27
N PRO D 369 33.79 -7.27 25.25
CA PRO D 369 35.02 -8.09 25.31
C PRO D 369 34.77 -9.58 25.37
N ALA D 370 33.63 -10.03 25.88
CA ALA D 370 33.42 -11.46 26.05
C ALA D 370 33.41 -12.21 24.74
N THR D 371 32.87 -11.61 23.67
CA THR D 371 32.69 -12.32 22.41
C THR D 371 33.67 -11.90 21.32
N GLY D 372 34.12 -10.66 21.31
CA GLY D 372 34.91 -10.15 20.21
C GLY D 372 34.09 -9.60 19.05
N ARG D 373 32.78 -9.70 19.12
CA ARG D 373 31.88 -9.11 18.12
C ARG D 373 31.13 -7.95 18.79
N VAL D 374 30.46 -7.16 17.95
CA VAL D 374 29.70 -6.04 18.47
C VAL D 374 28.67 -6.54 19.47
N ARG D 375 28.48 -5.79 20.55
CA ARG D 375 27.52 -6.20 21.57
C ARG D 375 26.12 -6.23 20.98
N THR D 376 25.31 -7.17 21.47
CA THR D 376 23.95 -7.36 20.99
C THR D 376 22.98 -6.72 21.98
N ARG D 377 22.19 -5.77 21.51
CA ARG D 377 21.13 -5.17 22.31
C ARG D 377 19.89 -6.03 22.16
N LEU D 378 19.38 -6.54 23.28
CA LEU D 378 18.17 -7.35 23.29
C LEU D 378 17.01 -6.52 23.83
N VAL D 379 15.83 -7.12 23.82
CA VAL D 379 14.67 -6.46 24.40
C VAL D 379 14.85 -6.36 25.90
N ASP D 380 14.64 -5.16 26.43
CA ASP D 380 14.70 -4.93 27.88
C ASP D 380 13.31 -5.20 28.44
N VAL D 381 13.11 -6.38 29.04
CA VAL D 381 11.79 -6.73 29.56
C VAL D 381 11.47 -6.04 30.87
N THR D 382 12.44 -5.33 31.46
CA THR D 382 12.19 -4.53 32.64
C THR D 382 11.70 -3.12 32.30
N SER D 383 11.73 -2.74 31.04
CA SER D 383 11.38 -1.39 30.64
C SER D 383 9.88 -1.16 30.73
N GLN D 384 9.50 0.12 30.81
CA GLN D 384 8.08 0.47 30.80
C GLN D 384 7.43 0.00 29.50
N SER D 385 8.16 0.12 28.38
CA SER D 385 7.58 -0.26 27.10
C SER D 385 7.14 -1.72 27.09
N PHE D 386 7.97 -2.61 27.64
CA PHE D 386 7.63 -4.02 27.63
C PHE D 386 6.41 -4.29 28.50
N LYS D 387 6.30 -3.61 29.65
CA LYS D 387 5.11 -3.82 30.47
C LYS D 387 3.84 -3.33 29.76
N VAL D 388 3.92 -2.18 29.08
CA VAL D 388 2.74 -1.69 28.37
C VAL D 388 2.32 -2.67 27.30
N ALA D 389 3.28 -3.20 26.54
CA ALA D 389 2.95 -4.22 25.55
C ALA D 389 2.32 -5.45 26.19
N ARG D 390 2.83 -5.86 27.35
CA ARG D 390 2.28 -7.03 28.03
C ARG D 390 0.86 -6.75 28.52
N VAL D 391 0.53 -5.50 28.84
CA VAL D 391 -0.81 -5.18 29.34
C VAL D 391 -1.87 -5.54 28.32
N TYR D 392 -1.63 -5.22 27.05
CA TYR D 392 -2.62 -5.43 25.99
C TYR D 392 -2.54 -6.82 25.39
N MET D 393 -1.85 -7.74 26.03
CA MET D 393 -1.90 -9.15 25.68
C MET D 393 -2.95 -9.86 26.55
N TRP D 394 -3.40 -11.02 26.08
CA TRP D 394 -4.24 -11.91 26.85
C TRP D 394 -3.38 -12.98 27.51
N ARG D 395 -3.39 -13.02 28.84
CA ARG D 395 -2.54 -13.95 29.57
C ARG D 395 -2.97 -14.02 31.02
N MET D 396 -2.47 -15.04 31.73
CA MET D 396 -2.74 -15.23 33.15
C MET D 396 -1.53 -14.77 33.96
N SER D 397 -1.73 -13.72 34.76
CA SER D 397 -0.70 -13.17 35.63
C SER D 397 -0.69 -13.89 36.98
N LYS D 398 0.21 -13.47 37.86
CA LYS D 398 0.17 -13.96 39.24
C LYS D 398 -1.16 -13.62 39.89
N LYS D 399 -1.61 -12.38 39.76
CA LYS D 399 -2.87 -11.99 40.36
C LYS D 399 -4.03 -12.75 39.76
N ASP D 400 -3.97 -13.02 38.44
CA ASP D 400 -5.06 -13.75 37.78
C ASP D 400 -5.23 -15.15 38.36
N TYR D 401 -4.11 -15.85 38.62
CA TYR D 401 -4.17 -17.18 39.19
C TYR D 401 -4.72 -17.17 40.62
N GLU D 402 -4.60 -16.04 41.32
CA GLU D 402 -5.17 -15.89 42.65
C GLU D 402 -6.64 -15.49 42.63
N ASN D 403 -7.18 -15.10 41.46
CA ASN D 403 -8.59 -14.77 41.33
C ASN D 403 -9.35 -16.07 41.13
N LYS D 404 -10.08 -16.51 42.16
CA LYS D 404 -10.76 -17.80 42.07
C LYS D 404 -11.88 -17.76 41.05
N ASP D 405 -12.59 -16.63 40.92
CA ASP D 405 -13.63 -16.53 39.92
C ASP D 405 -13.05 -16.66 38.51
N LEU D 406 -11.93 -15.99 38.25
CA LEU D 406 -11.31 -16.07 36.94
C LEU D 406 -10.78 -17.47 36.66
N VAL D 407 -10.14 -18.10 37.64
CA VAL D 407 -9.59 -19.44 37.40
C VAL D 407 -10.70 -20.44 37.14
N ALA D 408 -11.85 -20.28 37.81
CA ALA D 408 -12.97 -21.18 37.59
C ALA D 408 -13.51 -21.08 36.17
N ARG D 409 -13.66 -19.86 35.65
CA ARG D 409 -14.16 -19.71 34.30
C ARG D 409 -13.16 -20.23 33.26
N VAL D 410 -11.87 -19.93 33.46
CA VAL D 410 -10.85 -20.38 32.50
C VAL D 410 -10.76 -21.89 32.49
N ALA D 411 -10.72 -22.50 33.68
CA ALA D 411 -10.65 -23.95 33.75
C ALA D 411 -11.88 -24.59 33.10
N ALA D 412 -13.06 -24.03 33.36
CA ALA D 412 -14.28 -24.57 32.76
C ALA D 412 -14.22 -24.50 31.25
N ALA D 413 -13.64 -23.42 30.71
CA ALA D 413 -13.50 -23.31 29.26
C ALA D 413 -12.65 -24.44 28.70
N GLY D 414 -11.64 -24.89 29.45
CA GLY D 414 -10.84 -26.04 29.10
C GLY D 414 -11.41 -27.36 29.57
N LYS D 415 -12.63 -27.34 30.14
CA LYS D 415 -13.28 -28.54 30.62
C LYS D 415 -12.36 -29.33 31.55
N MET D 416 -11.88 -28.64 32.59
CA MET D 416 -11.04 -29.23 33.62
C MET D 416 -11.35 -28.50 34.91
N THR D 417 -11.06 -29.15 36.03
CA THR D 417 -11.40 -28.57 37.32
C THR D 417 -10.47 -27.41 37.63
N PRO D 418 -10.91 -26.50 38.50
CA PRO D 418 -10.00 -25.40 38.91
C PRO D 418 -8.70 -25.92 39.49
N GLU D 419 -8.76 -27.02 40.24
CA GLU D 419 -7.54 -27.59 40.80
C GLU D 419 -6.62 -28.14 39.71
N ALA D 420 -7.19 -28.78 38.69
CA ALA D 420 -6.39 -29.30 37.59
C ALA D 420 -5.72 -28.16 36.81
N PHE D 421 -6.46 -27.07 36.57
CA PHE D 421 -5.90 -25.93 35.86
C PHE D 421 -4.74 -25.32 36.66
N THR D 422 -4.95 -25.09 37.95
CA THR D 422 -3.89 -24.51 38.77
C THR D 422 -2.69 -25.44 38.83
N GLU D 423 -2.94 -26.75 38.86
CA GLU D 423 -1.85 -27.72 38.90
C GLU D 423 -0.98 -27.65 37.67
N LYS D 424 -1.59 -27.48 36.49
CA LYS D 424 -0.85 -27.57 35.25
C LYS D 424 -0.16 -26.25 34.89
N PHE D 425 -0.84 -25.13 35.13
CA PHE D 425 -0.42 -23.85 34.55
C PHE D 425 0.13 -22.84 35.54
N ALA D 426 -0.18 -22.95 36.83
CA ALA D 426 0.15 -21.86 37.75
C ALA D 426 1.66 -21.63 37.86
N HIS D 427 2.47 -22.66 37.62
CA HIS D 427 3.92 -22.53 37.74
C HIS D 427 4.53 -21.62 36.69
N LEU D 428 3.79 -21.26 35.65
CA LEU D 428 4.33 -20.45 34.57
C LEU D 428 4.69 -19.04 35.01
N THR D 429 4.14 -18.56 36.13
CA THR D 429 4.55 -17.24 36.63
C THR D 429 6.00 -17.22 37.09
N ASP D 430 6.57 -18.40 37.34
CA ASP D 430 7.99 -18.54 37.66
C ASP D 430 8.83 -18.86 36.42
N VAL D 431 8.20 -18.93 35.25
CA VAL D 431 8.91 -19.21 34.01
C VAL D 431 9.24 -17.93 33.25
N VAL D 432 8.33 -16.95 33.30
CA VAL D 432 8.48 -15.69 32.57
C VAL D 432 8.29 -14.51 33.51
N VAL D 433 9.00 -13.42 33.22
CA VAL D 433 8.87 -12.21 34.01
C VAL D 433 7.43 -11.72 33.99
N GLU D 434 7.02 -11.12 35.09
CA GLU D 434 5.63 -10.64 35.21
C GLU D 434 5.58 -9.12 35.19
P1 FBP E . -13.22 -21.32 -0.58
O1P FBP E . -12.99 -22.42 -1.60
O2P FBP E . -14.43 -21.60 0.27
O3P FBP E . -13.37 -20.00 -1.31
O1 FBP E . -11.90 -21.19 0.39
C1 FBP E . -10.74 -20.61 -0.23
C2 FBP E . -9.54 -21.09 0.60
O2 FBP E . -8.78 -19.99 1.05
C3 FBP E . -8.62 -22.08 -0.24
O3 FBP E . -7.68 -21.40 -0.92
C4 FBP E . -8.01 -22.92 0.86
O4 FBP E . -7.79 -24.30 0.34
C5 FBP E . -8.91 -22.99 1.86
O5 FBP E . -9.97 -21.79 1.60
C6 FBP E . -8.40 -22.80 3.25
O6 FBP E . -8.97 -23.82 4.06
P2 FBP E . -9.41 -23.60 5.63
O4P FBP E . -8.18 -23.42 6.50
O5P FBP E . -10.14 -24.83 6.10
O6P FBP E . -10.34 -22.43 5.78
P PO4 F . 15.99 -11.84 -14.01
O1 PO4 F . 16.86 -10.70 -13.44
O2 PO4 F . 15.53 -12.71 -12.84
O3 PO4 F . 14.73 -11.31 -14.74
O4 PO4 F . 16.83 -12.70 -15.00
P AMP G . -13.50 -8.28 33.61
O1P AMP G . -14.86 -7.63 33.54
O2P AMP G . -13.50 -9.77 33.31
O3P AMP G . -12.69 -7.90 34.83
O5' AMP G . -12.70 -7.66 32.37
C5' AMP G . -12.72 -6.26 32.12
C4' AMP G . -12.21 -5.92 30.74
O4' AMP G . -10.86 -6.41 30.58
C3' AMP G . -13.01 -6.52 29.58
O3' AMP G . -13.04 -5.58 28.50
C2' AMP G . -12.18 -7.73 29.19
O2' AMP G . -12.37 -8.18 27.85
C1' AMP G . -10.77 -7.22 29.43
N9 AMP G . -9.76 -8.26 29.67
C8 AMP G . -9.88 -9.28 30.52
N7 AMP G . -8.75 -10.03 30.51
C5 AMP G . -7.89 -9.46 29.64
C6 AMP G . -6.53 -9.74 29.17
N6 AMP G . -5.90 -10.82 29.67
N1 AMP G . -5.98 -8.91 28.25
C2 AMP G . -6.64 -7.84 27.77
N3 AMP G . -7.89 -7.54 28.17
C4 AMP G . -8.56 -8.28 29.08
P1 FBP H . -4.07 20.57 13.98
O1P FBP H . -2.71 21.19 14.19
O2P FBP H . -5.12 21.20 14.88
O3P FBP H . -4.02 19.07 14.25
O1 FBP H . -4.50 20.80 12.42
C1 FBP H . -3.81 19.96 11.49
C2 FBP H . -4.29 20.39 10.11
O2 FBP H . -4.43 19.25 9.27
C3 FBP H . -3.30 21.44 9.45
O3 FBP H . -2.33 20.84 8.73
C4 FBP H . -4.22 22.23 8.54
O4 FBP H . -3.70 23.61 8.39
C5 FBP H . -5.37 22.27 9.19
O5 FBP H . -5.40 21.04 10.25
C6 FBP H . -6.62 22.11 8.35
O6 FBP H . -7.59 22.95 8.96
P2 FBP H . -9.21 22.74 8.82
O4P FBP H . -9.54 22.42 7.38
O5P FBP H . -9.87 24.02 9.23
O6P FBP H . -9.69 21.65 9.75
P PO4 I . 17.11 12.73 -11.65
O1 PO4 I . 18.40 13.60 -11.53
O2 PO4 I . 17.06 11.82 -10.38
O3 PO4 I . 15.86 13.66 -11.68
O4 PO4 I . 17.14 11.82 -12.94
P PO4 J . -11.14 -9.21 19.66
O1 PO4 J . -10.01 -8.13 19.51
O2 PO4 J . -11.35 -9.45 21.20
O3 PO4 J . -12.50 -8.74 19.03
O4 PO4 J . -10.63 -10.51 18.95
P AMP K . 19.14 -17.27 -26.79
O1P AMP K . 20.09 -16.28 -27.43
O2P AMP K . 19.81 -18.30 -25.91
O3P AMP K . 18.11 -17.86 -27.73
O5' AMP K . 18.29 -16.39 -25.78
C5' AMP K . 17.67 -15.18 -26.20
C4' AMP K . 16.95 -14.48 -25.07
O4' AMP K . 15.91 -15.34 -24.53
C3' AMP K . 17.83 -14.09 -23.87
O3' AMP K . 17.43 -12.81 -23.39
C2' AMP K . 17.51 -15.17 -22.84
O2' AMP K . 17.73 -14.79 -21.49
C1' AMP K . 16.04 -15.43 -23.13
N9 AMP K . 15.54 -16.74 -22.73
C8 AMP K . 16.17 -17.92 -22.89
N7 AMP K . 15.42 -18.94 -22.41
C5 AMP K . 14.27 -18.40 -21.95
C6 AMP K . 13.03 -18.92 -21.31
N6 AMP K . 12.92 -20.26 -21.11
N1 AMP K . 12.06 -18.04 -20.97
C2 AMP K . 12.20 -16.71 -21.20
N3 AMP K . 13.30 -16.17 -21.77
C4 AMP K . 14.35 -16.95 -22.15
P AMP L . -36.68 5.92 4.52
O1P AMP L . -37.30 4.77 5.28
O2P AMP L . -36.52 7.18 5.33
O3P AMP L . -37.26 6.11 3.13
O5' AMP L . -35.20 5.39 4.25
C5' AMP L . -34.92 3.99 4.18
C4' AMP L . -33.43 3.69 4.16
O4' AMP L . -32.83 4.25 2.96
C3' AMP L . -32.63 4.25 5.33
O3' AMP L . -31.62 3.31 5.70
C2' AMP L . -32.01 5.52 4.75
O2' AMP L . -30.82 5.93 5.39
C1' AMP L . -31.76 5.09 3.31
N9 AMP L . -31.72 6.17 2.33
C8 AMP L . -32.53 7.23 2.29
N7 AMP L . -32.25 8.03 1.23
C5 AMP L . -31.23 7.46 0.56
C6 AMP L . -30.43 7.78 -0.66
N6 AMP L . -30.72 8.90 -1.36
N1 AMP L . -29.44 6.92 -1.02
C2 AMP L . -29.17 5.81 -0.31
N3 AMP L . -29.85 5.46 0.80
C4 AMP L . -30.87 6.23 1.28
P1 FBP M . -3.58 9.60 -21.74
O1P FBP M . -5.03 9.35 -22.11
O2P FBP M . -2.75 9.84 -22.99
O3P FBP M . -3.03 8.43 -20.95
O1 FBP M . -3.50 10.96 -20.79
C1 FBP M . -3.92 10.84 -19.43
C2 FBP M . -4.01 12.26 -18.80
O2 FBP M . -3.84 12.18 -17.39
C3 FBP M . -5.41 12.94 -19.08
O3 FBP M . -6.30 12.66 -18.10
C4 FBP M . -5.06 14.41 -19.11
O4 FBP M . -6.01 15.09 -20.03
C5 FBP M . -3.81 14.50 -19.62
O5 FBP M . -3.14 13.04 -19.38
C6 FBP M . -2.93 15.55 -18.98
O6 FBP M . -2.31 16.31 -20.02
P2 FBP M . -0.71 16.79 -19.99
O4P FBP M . -0.47 17.61 -18.73
O5P FBP M . -0.44 17.67 -21.19
O6P FBP M . 0.24 15.61 -20.06
P PO4 N . -22.40 7.63 6.43
O1 PO4 N . -21.74 8.81 5.63
O2 PO4 N . -21.94 7.69 7.93
O3 PO4 N . -23.96 7.72 6.36
O4 PO4 N . -21.94 6.29 5.79
P AMP O . 29.85 18.73 -11.30
O1P AMP O . 29.60 18.19 -12.69
O2P AMP O . 29.33 20.14 -11.09
O3P AMP O . 31.24 18.48 -10.76
O5' AMP O . 28.89 17.83 -10.39
C5' AMP O . 29.26 16.49 -10.03
C4' AMP O . 28.05 15.65 -9.69
O4' AMP O . 27.21 16.37 -8.76
C3' AMP O . 27.16 15.29 -10.87
O3' AMP O . 26.63 13.97 -10.69
C2' AMP O . 26.04 16.32 -10.78
O2' AMP O . 24.82 15.93 -11.39
C1' AMP O . 25.89 16.45 -9.28
N9 AMP O . 25.30 17.71 -8.82
C8 AMP O . 25.57 18.94 -9.31
N7 AMP O . 24.85 19.90 -8.66
C5 AMP O . 24.12 19.27 -7.73
C6 AMP O . 23.14 19.70 -6.70
N6 AMP O . 22.86 21.01 -6.58
N1 AMP O . 22.59 18.73 -5.92
C2 AMP O . 22.89 17.43 -6.07
N3 AMP O . 23.78 16.99 -6.99
C4 AMP O . 24.41 17.84 -7.84
P1 FBP P . 21.62 -9.61 9.14
O1P FBP P . 21.83 -10.19 10.52
O2P FBP P . 22.92 -9.61 8.37
O3P FBP P . 21.12 -8.19 9.28
O1 FBP P . 20.47 -10.51 8.36
C1 FBP P . 19.13 -10.41 8.88
C2 FBP P . 18.33 -11.67 8.46
O2 FBP P . 17.24 -11.29 7.64
C3 FBP P . 17.72 -12.40 9.73
O3 FBP P . 16.50 -11.92 10.06
C4 FBP P . 17.65 -13.84 9.24
O4 FBP P . 17.85 -14.73 10.42
C5 FBP P . 18.63 -14.02 8.35
O5 FBP P . 19.11 -12.54 7.89
C6 FBP P . 18.21 -14.79 7.13
O6 FBP P . 19.22 -15.77 6.88
P2 FBP P . 19.72 -16.24 5.36
O4P FBP P . 18.64 -17.06 4.70
O5P FBP P . 20.96 -17.07 5.52
O6P FBP P . 20.04 -15.05 4.49
#